data_3IO0
# 
_entry.id   3IO0 
# 
_audit_conform.dict_name       mmcif_pdbx.dic 
_audit_conform.dict_version    5.387 
_audit_conform.dict_location   http://mmcif.pdb.org/dictionaries/ascii/mmcif_pdbx.dic 
# 
loop_
_database_2.database_id 
_database_2.database_code 
_database_2.pdbx_database_accession 
_database_2.pdbx_DOI 
PDB   3IO0         pdb_00003io0 10.2210/pdb3io0/pdb 
RCSB  RCSB054648   ?            ?                   
WWPDB D_1000054648 ?            ?                   
# 
loop_
_pdbx_audit_revision_history.ordinal 
_pdbx_audit_revision_history.data_content_type 
_pdbx_audit_revision_history.major_revision 
_pdbx_audit_revision_history.minor_revision 
_pdbx_audit_revision_history.revision_date 
1 'Structure model' 1 0 2009-09-15 
2 'Structure model' 1 1 2011-07-13 
3 'Structure model' 1 2 2024-02-21 
# 
_pdbx_audit_revision_details.ordinal             1 
_pdbx_audit_revision_details.revision_ordinal    1 
_pdbx_audit_revision_details.data_content_type   'Structure model' 
_pdbx_audit_revision_details.provider            repository 
_pdbx_audit_revision_details.type                'Initial release' 
_pdbx_audit_revision_details.description         ? 
_pdbx_audit_revision_details.details             ? 
# 
loop_
_pdbx_audit_revision_group.ordinal 
_pdbx_audit_revision_group.revision_ordinal 
_pdbx_audit_revision_group.data_content_type 
_pdbx_audit_revision_group.group 
1 2 'Structure model' 'Version format compliance' 
2 3 'Structure model' 'Data collection'           
3 3 'Structure model' 'Database references'       
# 
loop_
_pdbx_audit_revision_category.ordinal 
_pdbx_audit_revision_category.revision_ordinal 
_pdbx_audit_revision_category.data_content_type 
_pdbx_audit_revision_category.category 
1 3 'Structure model' chem_comp_atom 
2 3 'Structure model' chem_comp_bond 
3 3 'Structure model' database_2     
# 
loop_
_pdbx_audit_revision_item.ordinal 
_pdbx_audit_revision_item.revision_ordinal 
_pdbx_audit_revision_item.data_content_type 
_pdbx_audit_revision_item.item 
1 3 'Structure model' '_database_2.pdbx_DOI'                
2 3 'Structure model' '_database_2.pdbx_database_accession' 
# 
_pdbx_database_status.status_code                     REL 
_pdbx_database_status.entry_id                        3IO0 
_pdbx_database_status.recvd_initial_deposition_date   2009-08-13 
_pdbx_database_status.deposit_site                    RCSB 
_pdbx_database_status.process_site                    RCSB 
_pdbx_database_status.status_code_sf                  REL 
_pdbx_database_status.status_code_mr                  ? 
_pdbx_database_status.SG_entry                        ? 
_pdbx_database_status.pdb_format_compatible           Y 
_pdbx_database_status.status_code_cs                  ? 
_pdbx_database_status.status_code_nmr_data            ? 
_pdbx_database_status.methods_development_category    ? 
# 
loop_
_audit_author.name 
_audit_author.pdbx_ordinal 
'Pickersgill, R.W.' 1 
'Warren, M.J.'      2 
# 
_citation.id                        primary 
_citation.title                     
;Structure of a trimeric bacterial microcompartment shell protein, EtuB, associated with ethanol utilisation in Clostridium kluyveri.
;
_citation.journal_abbrev            Biochem.J. 
_citation.journal_volume            423 
_citation.page_first                199 
_citation.page_last                 207 
_citation.year                      2009 
_citation.journal_id_ASTM           BIJOAK 
_citation.country                   UK 
_citation.journal_id_ISSN           0264-6021 
_citation.journal_id_CSD            0043 
_citation.book_publisher            ? 
_citation.pdbx_database_id_PubMed   19635047 
_citation.pdbx_database_id_DOI      10.1042/BJ20090780 
# 
loop_
_citation_author.citation_id 
_citation_author.name 
_citation_author.ordinal 
_citation_author.identifier_ORCID 
primary 'Heldt, D.'         1 ? 
primary 'Frank, S.'         2 ? 
primary 'Seyedarabi, A.'    3 ? 
primary 'Ladakis, D.'       4 ? 
primary 'Parsons, J.B.'     5 ? 
primary 'Warren, M.J.'      6 ? 
primary 'Pickersgill, R.W.' 7 ? 
# 
loop_
_entity.id 
_entity.type 
_entity.src_method 
_entity.pdbx_description 
_entity.formula_weight 
_entity.pdbx_number_of_molecules 
_entity.pdbx_ec 
_entity.pdbx_mutation 
_entity.pdbx_fragment 
_entity.details 
1 polymer man 'EtuB protein' 23756.201 1 ? ? 'UNP residues 75-304' ? 
2 water   nat water          18.015    1 ? ? ?                     ? 
# 
_entity_name_com.entity_id   1 
_entity_name_com.name        'Predicted microcompartment protein' 
# 
_entity_poly.entity_id                      1 
_entity_poly.type                           'polypeptide(L)' 
_entity_poly.nstd_linkage                   no 
_entity_poly.nstd_monomer                   no 
_entity_poly.pdbx_seq_one_letter_code       
;APTMTEFVGTAGGDTVGLVIANVDSLLHKHLGLDNTCRSIGIISARVGAPAQMMAADEAVKGTNTEVATIELPRDTKGGA
GHGIFIVLKAADVSDARRAVEIALKQTDKYLGNVYLCDAGHLEVQYTARASLIFEKAFGAPSGQAFGIMHAAPAGVGMIV
ADTALKTADVKLITYGSPTNGVLSYTNEILITISGDSGAVLQSLTAARKAGLSILRSMGQDPVSMSKPTF
;
_entity_poly.pdbx_seq_one_letter_code_can   
;APTMTEFVGTAGGDTVGLVIANVDSLLHKHLGLDNTCRSIGIISARVGAPAQMMAADEAVKGTNTEVATIELPRDTKGGA
GHGIFIVLKAADVSDARRAVEIALKQTDKYLGNVYLCDAGHLEVQYTARASLIFEKAFGAPSGQAFGIMHAAPAGVGMIV
ADTALKTADVKLITYGSPTNGVLSYTNEILITISGDSGAVLQSLTAARKAGLSILRSMGQDPVSMSKPTF
;
_entity_poly.pdbx_strand_id                 A 
_entity_poly.pdbx_target_identifier         ? 
# 
_pdbx_entity_nonpoly.entity_id   2 
_pdbx_entity_nonpoly.name        water 
_pdbx_entity_nonpoly.comp_id     HOH 
# 
loop_
_entity_poly_seq.entity_id 
_entity_poly_seq.num 
_entity_poly_seq.mon_id 
_entity_poly_seq.hetero 
1 1   ALA n 
1 2   PRO n 
1 3   THR n 
1 4   MET n 
1 5   THR n 
1 6   GLU n 
1 7   PHE n 
1 8   VAL n 
1 9   GLY n 
1 10  THR n 
1 11  ALA n 
1 12  GLY n 
1 13  GLY n 
1 14  ASP n 
1 15  THR n 
1 16  VAL n 
1 17  GLY n 
1 18  LEU n 
1 19  VAL n 
1 20  ILE n 
1 21  ALA n 
1 22  ASN n 
1 23  VAL n 
1 24  ASP n 
1 25  SER n 
1 26  LEU n 
1 27  LEU n 
1 28  HIS n 
1 29  LYS n 
1 30  HIS n 
1 31  LEU n 
1 32  GLY n 
1 33  LEU n 
1 34  ASP n 
1 35  ASN n 
1 36  THR n 
1 37  CYS n 
1 38  ARG n 
1 39  SER n 
1 40  ILE n 
1 41  GLY n 
1 42  ILE n 
1 43  ILE n 
1 44  SER n 
1 45  ALA n 
1 46  ARG n 
1 47  VAL n 
1 48  GLY n 
1 49  ALA n 
1 50  PRO n 
1 51  ALA n 
1 52  GLN n 
1 53  MET n 
1 54  MET n 
1 55  ALA n 
1 56  ALA n 
1 57  ASP n 
1 58  GLU n 
1 59  ALA n 
1 60  VAL n 
1 61  LYS n 
1 62  GLY n 
1 63  THR n 
1 64  ASN n 
1 65  THR n 
1 66  GLU n 
1 67  VAL n 
1 68  ALA n 
1 69  THR n 
1 70  ILE n 
1 71  GLU n 
1 72  LEU n 
1 73  PRO n 
1 74  ARG n 
1 75  ASP n 
1 76  THR n 
1 77  LYS n 
1 78  GLY n 
1 79  GLY n 
1 80  ALA n 
1 81  GLY n 
1 82  HIS n 
1 83  GLY n 
1 84  ILE n 
1 85  PHE n 
1 86  ILE n 
1 87  VAL n 
1 88  LEU n 
1 89  LYS n 
1 90  ALA n 
1 91  ALA n 
1 92  ASP n 
1 93  VAL n 
1 94  SER n 
1 95  ASP n 
1 96  ALA n 
1 97  ARG n 
1 98  ARG n 
1 99  ALA n 
1 100 VAL n 
1 101 GLU n 
1 102 ILE n 
1 103 ALA n 
1 104 LEU n 
1 105 LYS n 
1 106 GLN n 
1 107 THR n 
1 108 ASP n 
1 109 LYS n 
1 110 TYR n 
1 111 LEU n 
1 112 GLY n 
1 113 ASN n 
1 114 VAL n 
1 115 TYR n 
1 116 LEU n 
1 117 CYS n 
1 118 ASP n 
1 119 ALA n 
1 120 GLY n 
1 121 HIS n 
1 122 LEU n 
1 123 GLU n 
1 124 VAL n 
1 125 GLN n 
1 126 TYR n 
1 127 THR n 
1 128 ALA n 
1 129 ARG n 
1 130 ALA n 
1 131 SER n 
1 132 LEU n 
1 133 ILE n 
1 134 PHE n 
1 135 GLU n 
1 136 LYS n 
1 137 ALA n 
1 138 PHE n 
1 139 GLY n 
1 140 ALA n 
1 141 PRO n 
1 142 SER n 
1 143 GLY n 
1 144 GLN n 
1 145 ALA n 
1 146 PHE n 
1 147 GLY n 
1 148 ILE n 
1 149 MET n 
1 150 HIS n 
1 151 ALA n 
1 152 ALA n 
1 153 PRO n 
1 154 ALA n 
1 155 GLY n 
1 156 VAL n 
1 157 GLY n 
1 158 MET n 
1 159 ILE n 
1 160 VAL n 
1 161 ALA n 
1 162 ASP n 
1 163 THR n 
1 164 ALA n 
1 165 LEU n 
1 166 LYS n 
1 167 THR n 
1 168 ALA n 
1 169 ASP n 
1 170 VAL n 
1 171 LYS n 
1 172 LEU n 
1 173 ILE n 
1 174 THR n 
1 175 TYR n 
1 176 GLY n 
1 177 SER n 
1 178 PRO n 
1 179 THR n 
1 180 ASN n 
1 181 GLY n 
1 182 VAL n 
1 183 LEU n 
1 184 SER n 
1 185 TYR n 
1 186 THR n 
1 187 ASN n 
1 188 GLU n 
1 189 ILE n 
1 190 LEU n 
1 191 ILE n 
1 192 THR n 
1 193 ILE n 
1 194 SER n 
1 195 GLY n 
1 196 ASP n 
1 197 SER n 
1 198 GLY n 
1 199 ALA n 
1 200 VAL n 
1 201 LEU n 
1 202 GLN n 
1 203 SER n 
1 204 LEU n 
1 205 THR n 
1 206 ALA n 
1 207 ALA n 
1 208 ARG n 
1 209 LYS n 
1 210 ALA n 
1 211 GLY n 
1 212 LEU n 
1 213 SER n 
1 214 ILE n 
1 215 LEU n 
1 216 ARG n 
1 217 SER n 
1 218 MET n 
1 219 GLY n 
1 220 GLN n 
1 221 ASP n 
1 222 PRO n 
1 223 VAL n 
1 224 SER n 
1 225 MET n 
1 226 SER n 
1 227 LYS n 
1 228 PRO n 
1 229 THR n 
1 230 PHE n 
# 
_entity_src_gen.entity_id                          1 
_entity_src_gen.pdbx_src_id                        1 
_entity_src_gen.pdbx_alt_source_flag               sample 
_entity_src_gen.pdbx_seq_type                      ? 
_entity_src_gen.pdbx_beg_seq_num                   ? 
_entity_src_gen.pdbx_end_seq_num                   ? 
_entity_src_gen.gene_src_common_name               ? 
_entity_src_gen.gene_src_genus                     ? 
_entity_src_gen.pdbx_gene_src_gene                 1073 
_entity_src_gen.gene_src_species                   ? 
_entity_src_gen.gene_src_strain                    'ATCC8527, DSM555, NCIMB 10680' 
_entity_src_gen.gene_src_tissue                    ? 
_entity_src_gen.gene_src_tissue_fraction           ? 
_entity_src_gen.gene_src_details                   ? 
_entity_src_gen.pdbx_gene_src_fragment             ? 
_entity_src_gen.pdbx_gene_src_scientific_name      'Clostridium kluyveri DSM 555' 
_entity_src_gen.pdbx_gene_src_ncbi_taxonomy_id     431943 
_entity_src_gen.pdbx_gene_src_variant              ? 
_entity_src_gen.pdbx_gene_src_cell_line            ? 
_entity_src_gen.pdbx_gene_src_atcc                 ? 
_entity_src_gen.pdbx_gene_src_organ                ? 
_entity_src_gen.pdbx_gene_src_organelle            ? 
_entity_src_gen.pdbx_gene_src_cell                 ? 
_entity_src_gen.pdbx_gene_src_cellular_location    ? 
_entity_src_gen.host_org_common_name               ? 
_entity_src_gen.pdbx_host_org_scientific_name      'Escherichia coli' 
_entity_src_gen.pdbx_host_org_ncbi_taxonomy_id     469008 
_entity_src_gen.host_org_genus                     ? 
_entity_src_gen.pdbx_host_org_gene                 ? 
_entity_src_gen.pdbx_host_org_organ                ? 
_entity_src_gen.host_org_species                   ? 
_entity_src_gen.pdbx_host_org_tissue               ? 
_entity_src_gen.pdbx_host_org_tissue_fraction      ? 
_entity_src_gen.pdbx_host_org_strain               'BL21 (DE3) plysS' 
_entity_src_gen.pdbx_host_org_variant              ? 
_entity_src_gen.pdbx_host_org_cell_line            ? 
_entity_src_gen.pdbx_host_org_atcc                 ? 
_entity_src_gen.pdbx_host_org_culture_collection   ? 
_entity_src_gen.pdbx_host_org_cell                 ? 
_entity_src_gen.pdbx_host_org_organelle            ? 
_entity_src_gen.pdbx_host_org_cellular_location    ? 
_entity_src_gen.pdbx_host_org_vector_type          ? 
_entity_src_gen.pdbx_host_org_vector               ? 
_entity_src_gen.host_org_details                   ? 
_entity_src_gen.expression_system_id               ? 
_entity_src_gen.plasmid_name                       pET14b 
_entity_src_gen.plasmid_details                    ? 
_entity_src_gen.pdbx_description                   ? 
# 
loop_
_chem_comp.id 
_chem_comp.type 
_chem_comp.mon_nstd_flag 
_chem_comp.name 
_chem_comp.pdbx_synonyms 
_chem_comp.formula 
_chem_comp.formula_weight 
ALA 'L-peptide linking' y ALANINE         ? 'C3 H7 N O2'     89.093  
ARG 'L-peptide linking' y ARGININE        ? 'C6 H15 N4 O2 1' 175.209 
ASN 'L-peptide linking' y ASPARAGINE      ? 'C4 H8 N2 O3'    132.118 
ASP 'L-peptide linking' y 'ASPARTIC ACID' ? 'C4 H7 N O4'     133.103 
CYS 'L-peptide linking' y CYSTEINE        ? 'C3 H7 N O2 S'   121.158 
GLN 'L-peptide linking' y GLUTAMINE       ? 'C5 H10 N2 O3'   146.144 
GLU 'L-peptide linking' y 'GLUTAMIC ACID' ? 'C5 H9 N O4'     147.129 
GLY 'peptide linking'   y GLYCINE         ? 'C2 H5 N O2'     75.067  
HIS 'L-peptide linking' y HISTIDINE       ? 'C6 H10 N3 O2 1' 156.162 
HOH non-polymer         . WATER           ? 'H2 O'           18.015  
ILE 'L-peptide linking' y ISOLEUCINE      ? 'C6 H13 N O2'    131.173 
LEU 'L-peptide linking' y LEUCINE         ? 'C6 H13 N O2'    131.173 
LYS 'L-peptide linking' y LYSINE          ? 'C6 H15 N2 O2 1' 147.195 
MET 'L-peptide linking' y METHIONINE      ? 'C5 H11 N O2 S'  149.211 
PHE 'L-peptide linking' y PHENYLALANINE   ? 'C9 H11 N O2'    165.189 
PRO 'L-peptide linking' y PROLINE         ? 'C5 H9 N O2'     115.130 
SER 'L-peptide linking' y SERINE          ? 'C3 H7 N O3'     105.093 
THR 'L-peptide linking' y THREONINE       ? 'C4 H9 N O3'     119.119 
TYR 'L-peptide linking' y TYROSINE        ? 'C9 H11 N O3'    181.189 
VAL 'L-peptide linking' y VALINE          ? 'C5 H11 N O2'    117.146 
# 
loop_
_pdbx_poly_seq_scheme.asym_id 
_pdbx_poly_seq_scheme.entity_id 
_pdbx_poly_seq_scheme.seq_id 
_pdbx_poly_seq_scheme.mon_id 
_pdbx_poly_seq_scheme.ndb_seq_num 
_pdbx_poly_seq_scheme.pdb_seq_num 
_pdbx_poly_seq_scheme.auth_seq_num 
_pdbx_poly_seq_scheme.pdb_mon_id 
_pdbx_poly_seq_scheme.auth_mon_id 
_pdbx_poly_seq_scheme.pdb_strand_id 
_pdbx_poly_seq_scheme.pdb_ins_code 
_pdbx_poly_seq_scheme.hetero 
A 1 1   ALA 1   75  ?   ?   ?   A . n 
A 1 2   PRO 2   76  76  PRO PRO A . n 
A 1 3   THR 3   77  77  THR THR A . n 
A 1 4   MET 4   78  78  MET MET A . n 
A 1 5   THR 5   79  79  THR THR A . n 
A 1 6   GLU 6   80  80  GLU GLU A . n 
A 1 7   PHE 7   81  81  PHE PHE A . n 
A 1 8   VAL 8   82  82  VAL VAL A . n 
A 1 9   GLY 9   83  83  GLY GLY A . n 
A 1 10  THR 10  84  84  THR THR A . n 
A 1 11  ALA 11  85  85  ALA ALA A . n 
A 1 12  GLY 12  86  86  GLY GLY A . n 
A 1 13  GLY 13  87  87  GLY GLY A . n 
A 1 14  ASP 14  88  88  ASP ASP A . n 
A 1 15  THR 15  89  89  THR THR A . n 
A 1 16  VAL 16  90  90  VAL VAL A . n 
A 1 17  GLY 17  91  91  GLY GLY A . n 
A 1 18  LEU 18  92  92  LEU LEU A . n 
A 1 19  VAL 19  93  93  VAL VAL A . n 
A 1 20  ILE 20  94  94  ILE ILE A . n 
A 1 21  ALA 21  95  95  ALA ALA A . n 
A 1 22  ASN 22  96  96  ASN ASN A . n 
A 1 23  VAL 23  97  97  VAL VAL A . n 
A 1 24  ASP 24  98  98  ASP ASP A . n 
A 1 25  SER 25  99  99  SER SER A . n 
A 1 26  LEU 26  100 100 LEU LEU A . n 
A 1 27  LEU 27  101 101 LEU LEU A . n 
A 1 28  HIS 28  102 102 HIS HIS A . n 
A 1 29  LYS 29  103 103 LYS LYS A . n 
A 1 30  HIS 30  104 104 HIS HIS A . n 
A 1 31  LEU 31  105 105 LEU LEU A . n 
A 1 32  GLY 32  106 106 GLY GLY A . n 
A 1 33  LEU 33  107 107 LEU LEU A . n 
A 1 34  ASP 34  108 108 ASP ASP A . n 
A 1 35  ASN 35  109 109 ASN ASN A . n 
A 1 36  THR 36  110 110 THR THR A . n 
A 1 37  CYS 37  111 111 CYS CYS A . n 
A 1 38  ARG 38  112 112 ARG ARG A . n 
A 1 39  SER 39  113 113 SER SER A . n 
A 1 40  ILE 40  114 114 ILE ILE A . n 
A 1 41  GLY 41  115 115 GLY GLY A . n 
A 1 42  ILE 42  116 116 ILE ILE A . n 
A 1 43  ILE 43  117 117 ILE ILE A . n 
A 1 44  SER 44  118 118 SER SER A . n 
A 1 45  ALA 45  119 119 ALA ALA A . n 
A 1 46  ARG 46  120 120 ARG ARG A . n 
A 1 47  VAL 47  121 121 VAL VAL A . n 
A 1 48  GLY 48  122 122 GLY GLY A . n 
A 1 49  ALA 49  123 123 ALA ALA A . n 
A 1 50  PRO 50  124 124 PRO PRO A . n 
A 1 51  ALA 51  125 125 ALA ALA A . n 
A 1 52  GLN 52  126 126 GLN GLN A . n 
A 1 53  MET 53  127 127 MET MET A . n 
A 1 54  MET 54  128 128 MET MET A . n 
A 1 55  ALA 55  129 129 ALA ALA A . n 
A 1 56  ALA 56  130 130 ALA ALA A . n 
A 1 57  ASP 57  131 131 ASP ASP A . n 
A 1 58  GLU 58  132 132 GLU GLU A . n 
A 1 59  ALA 59  133 133 ALA ALA A . n 
A 1 60  VAL 60  134 134 VAL VAL A . n 
A 1 61  LYS 61  135 135 LYS LYS A . n 
A 1 62  GLY 62  136 136 GLY GLY A . n 
A 1 63  THR 63  137 137 THR THR A . n 
A 1 64  ASN 64  138 138 ASN ASN A . n 
A 1 65  THR 65  139 139 THR THR A . n 
A 1 66  GLU 66  140 140 GLU GLU A . n 
A 1 67  VAL 67  141 141 VAL VAL A . n 
A 1 68  ALA 68  142 142 ALA ALA A . n 
A 1 69  THR 69  143 143 THR THR A . n 
A 1 70  ILE 70  144 144 ILE ILE A . n 
A 1 71  GLU 71  145 145 GLU GLU A . n 
A 1 72  LEU 72  146 146 LEU LEU A . n 
A 1 73  PRO 73  147 147 PRO PRO A . n 
A 1 74  ARG 74  148 148 ARG ARG A . n 
A 1 75  ASP 75  149 149 ASP ASP A . n 
A 1 76  THR 76  150 150 THR THR A . n 
A 1 77  LYS 77  151 151 LYS LYS A . n 
A 1 78  GLY 78  152 152 GLY GLY A . n 
A 1 79  GLY 79  153 153 GLY GLY A . n 
A 1 80  ALA 80  154 154 ALA ALA A . n 
A 1 81  GLY 81  155 155 GLY GLY A . n 
A 1 82  HIS 82  156 156 HIS HIS A . n 
A 1 83  GLY 83  157 157 GLY GLY A . n 
A 1 84  ILE 84  158 158 ILE ILE A . n 
A 1 85  PHE 85  159 159 PHE PHE A . n 
A 1 86  ILE 86  160 160 ILE ILE A . n 
A 1 87  VAL 87  161 161 VAL VAL A . n 
A 1 88  LEU 88  162 162 LEU LEU A . n 
A 1 89  LYS 89  163 163 LYS LYS A . n 
A 1 90  ALA 90  164 164 ALA ALA A . n 
A 1 91  ALA 91  165 165 ALA ALA A . n 
A 1 92  ASP 92  166 166 ASP ASP A . n 
A 1 93  VAL 93  167 167 VAL VAL A . n 
A 1 94  SER 94  168 168 SER SER A . n 
A 1 95  ASP 95  169 169 ASP ASP A . n 
A 1 96  ALA 96  170 170 ALA ALA A . n 
A 1 97  ARG 97  171 171 ARG ARG A . n 
A 1 98  ARG 98  172 172 ARG ARG A . n 
A 1 99  ALA 99  173 173 ALA ALA A . n 
A 1 100 VAL 100 174 174 VAL VAL A . n 
A 1 101 GLU 101 175 175 GLU GLU A . n 
A 1 102 ILE 102 176 176 ILE ILE A . n 
A 1 103 ALA 103 177 177 ALA ALA A . n 
A 1 104 LEU 104 178 178 LEU LEU A . n 
A 1 105 LYS 105 179 179 LYS LYS A . n 
A 1 106 GLN 106 180 180 GLN GLN A . n 
A 1 107 THR 107 181 181 THR THR A . n 
A 1 108 ASP 108 182 182 ASP ASP A . n 
A 1 109 LYS 109 183 183 LYS LYS A . n 
A 1 110 TYR 110 184 184 TYR TYR A . n 
A 1 111 LEU 111 185 185 LEU LEU A . n 
A 1 112 GLY 112 186 186 GLY GLY A . n 
A 1 113 ASN 113 187 187 ASN ASN A . n 
A 1 114 VAL 114 188 188 VAL VAL A . n 
A 1 115 TYR 115 189 189 TYR TYR A . n 
A 1 116 LEU 116 190 190 LEU LEU A . n 
A 1 117 CYS 117 191 191 CYS CYS A . n 
A 1 118 ASP 118 192 192 ASP ASP A . n 
A 1 119 ALA 119 193 193 ALA ALA A . n 
A 1 120 GLY 120 194 194 GLY GLY A . n 
A 1 121 HIS 121 195 195 HIS HIS A . n 
A 1 122 LEU 122 196 196 LEU LEU A . n 
A 1 123 GLU 123 197 197 GLU GLU A . n 
A 1 124 VAL 124 198 198 VAL VAL A . n 
A 1 125 GLN 125 199 199 GLN GLN A . n 
A 1 126 TYR 126 200 200 TYR TYR A . n 
A 1 127 THR 127 201 201 THR THR A . n 
A 1 128 ALA 128 202 202 ALA ALA A . n 
A 1 129 ARG 129 203 203 ARG ARG A . n 
A 1 130 ALA 130 204 204 ALA ALA A . n 
A 1 131 SER 131 205 205 SER SER A . n 
A 1 132 LEU 132 206 206 LEU LEU A . n 
A 1 133 ILE 133 207 207 ILE ILE A . n 
A 1 134 PHE 134 208 208 PHE PHE A . n 
A 1 135 GLU 135 209 209 GLU GLU A . n 
A 1 136 LYS 136 210 210 LYS LYS A . n 
A 1 137 ALA 137 211 211 ALA ALA A . n 
A 1 138 PHE 138 212 212 PHE PHE A . n 
A 1 139 GLY 139 213 213 GLY GLY A . n 
A 1 140 ALA 140 214 214 ALA ALA A . n 
A 1 141 PRO 141 215 215 PRO PRO A . n 
A 1 142 SER 142 216 216 SER SER A . n 
A 1 143 GLY 143 217 217 GLY GLY A . n 
A 1 144 GLN 144 218 218 GLN GLN A . n 
A 1 145 ALA 145 219 219 ALA ALA A . n 
A 1 146 PHE 146 220 220 PHE PHE A . n 
A 1 147 GLY 147 221 221 GLY GLY A . n 
A 1 148 ILE 148 222 222 ILE ILE A . n 
A 1 149 MET 149 223 223 MET MET A . n 
A 1 150 HIS 150 224 224 HIS HIS A . n 
A 1 151 ALA 151 225 225 ALA ALA A . n 
A 1 152 ALA 152 226 226 ALA ALA A . n 
A 1 153 PRO 153 227 227 PRO PRO A . n 
A 1 154 ALA 154 228 228 ALA ALA A . n 
A 1 155 GLY 155 229 229 GLY GLY A . n 
A 1 156 VAL 156 230 230 VAL VAL A . n 
A 1 157 GLY 157 231 231 GLY GLY A . n 
A 1 158 MET 158 232 232 MET MET A . n 
A 1 159 ILE 159 233 233 ILE ILE A . n 
A 1 160 VAL 160 234 234 VAL VAL A . n 
A 1 161 ALA 161 235 235 ALA ALA A . n 
A 1 162 ASP 162 236 236 ASP ASP A . n 
A 1 163 THR 163 237 237 THR THR A . n 
A 1 164 ALA 164 238 238 ALA ALA A . n 
A 1 165 LEU 165 239 239 LEU LEU A . n 
A 1 166 LYS 166 240 240 LYS LYS A . n 
A 1 167 THR 167 241 241 THR THR A . n 
A 1 168 ALA 168 242 242 ALA ALA A . n 
A 1 169 ASP 169 243 243 ASP ASP A . n 
A 1 170 VAL 170 244 244 VAL VAL A . n 
A 1 171 LYS 171 245 245 LYS LYS A . n 
A 1 172 LEU 172 246 246 LEU LEU A . n 
A 1 173 ILE 173 247 247 ILE ILE A . n 
A 1 174 THR 174 248 248 THR THR A . n 
A 1 175 TYR 175 249 249 TYR TYR A . n 
A 1 176 GLY 176 250 250 GLY GLY A . n 
A 1 177 SER 177 251 251 SER SER A . n 
A 1 178 PRO 178 252 252 PRO PRO A . n 
A 1 179 THR 179 253 253 THR THR A . n 
A 1 180 ASN 180 254 254 ASN ASN A . n 
A 1 181 GLY 181 255 255 GLY GLY A . n 
A 1 182 VAL 182 256 256 VAL VAL A . n 
A 1 183 LEU 183 257 257 LEU LEU A . n 
A 1 184 SER 184 258 258 SER SER A . n 
A 1 185 TYR 185 259 259 TYR TYR A . n 
A 1 186 THR 186 260 260 THR THR A . n 
A 1 187 ASN 187 261 261 ASN ASN A . n 
A 1 188 GLU 188 262 262 GLU GLU A . n 
A 1 189 ILE 189 263 263 ILE ILE A . n 
A 1 190 LEU 190 264 264 LEU LEU A . n 
A 1 191 ILE 191 265 265 ILE ILE A . n 
A 1 192 THR 192 266 266 THR THR A . n 
A 1 193 ILE 193 267 267 ILE ILE A . n 
A 1 194 SER 194 268 268 SER SER A . n 
A 1 195 GLY 195 269 269 GLY GLY A . n 
A 1 196 ASP 196 270 270 ASP ASP A . n 
A 1 197 SER 197 271 271 SER SER A . n 
A 1 198 GLY 198 272 272 GLY GLY A . n 
A 1 199 ALA 199 273 273 ALA ALA A . n 
A 1 200 VAL 200 274 274 VAL VAL A . n 
A 1 201 LEU 201 275 275 LEU LEU A . n 
A 1 202 GLN 202 276 276 GLN GLN A . n 
A 1 203 SER 203 277 277 SER SER A . n 
A 1 204 LEU 204 278 278 LEU LEU A . n 
A 1 205 THR 205 279 279 THR THR A . n 
A 1 206 ALA 206 280 280 ALA ALA A . n 
A 1 207 ALA 207 281 281 ALA ALA A . n 
A 1 208 ARG 208 282 282 ARG ARG A . n 
A 1 209 LYS 209 283 283 LYS LYS A . n 
A 1 210 ALA 210 284 284 ALA ALA A . n 
A 1 211 GLY 211 285 285 GLY GLY A . n 
A 1 212 LEU 212 286 286 LEU LEU A . n 
A 1 213 SER 213 287 287 SER SER A . n 
A 1 214 ILE 214 288 288 ILE ILE A . n 
A 1 215 LEU 215 289 289 LEU LEU A . n 
A 1 216 ARG 216 290 290 ARG ARG A . n 
A 1 217 SER 217 291 291 SER SER A . n 
A 1 218 MET 218 292 292 MET MET A . n 
A 1 219 GLY 219 293 293 GLY GLY A . n 
A 1 220 GLN 220 294 294 GLN GLN A . n 
A 1 221 ASP 221 295 295 ASP ASP A . n 
A 1 222 PRO 222 296 296 PRO PRO A . n 
A 1 223 VAL 223 297 297 VAL VAL A . n 
A 1 224 SER 224 298 298 SER SER A . n 
A 1 225 MET 225 299 299 MET MET A . n 
A 1 226 SER 226 300 300 SER SER A . n 
A 1 227 LYS 227 301 301 LYS LYS A . n 
A 1 228 PRO 228 302 302 PRO PRO A . n 
A 1 229 THR 229 303 303 THR THR A . n 
A 1 230 PHE 230 304 304 PHE PHE A . n 
# 
_pdbx_nonpoly_scheme.asym_id         B 
_pdbx_nonpoly_scheme.entity_id       2 
_pdbx_nonpoly_scheme.mon_id          HOH 
_pdbx_nonpoly_scheme.ndb_seq_num     1 
_pdbx_nonpoly_scheme.pdb_seq_num     1 
_pdbx_nonpoly_scheme.auth_seq_num    1 
_pdbx_nonpoly_scheme.pdb_mon_id      HOH 
_pdbx_nonpoly_scheme.auth_mon_id     HOH 
_pdbx_nonpoly_scheme.pdb_strand_id   A 
_pdbx_nonpoly_scheme.pdb_ins_code    . 
# 
loop_
_software.name 
_software.classification 
_software.version 
_software.citation_id 
_software.pdbx_ordinal 
ADSC   'data collection' Quantum  ? 1 
SHELXS phasing           .        ? 2 
REFMAC refinement        5.2.0019 ? 3 
MOSFLM 'data reduction'  .        ? 4 
SCALA  'data scaling'    .        ? 5 
# 
_cell.entry_id           3IO0 
_cell.length_a           173.410 
_cell.length_b           173.410 
_cell.length_c           173.410 
_cell.angle_alpha        90.00 
_cell.angle_beta         90.00 
_cell.angle_gamma        90.00 
_cell.Z_PDB              24 
_cell.pdbx_unique_axis   ? 
_cell.length_a_esd       ? 
_cell.length_b_esd       ? 
_cell.length_c_esd       ? 
_cell.angle_alpha_esd    ? 
_cell.angle_beta_esd     ? 
_cell.angle_gamma_esd    ? 
# 
_symmetry.entry_id                         3IO0 
_symmetry.space_group_name_H-M             'I 21 3' 
_symmetry.pdbx_full_space_group_name_H-M   ? 
_symmetry.cell_setting                     ? 
_symmetry.Int_Tables_number                199 
_symmetry.space_group_name_Hall            ? 
# 
_exptl.entry_id          3IO0 
_exptl.method            'X-RAY DIFFRACTION' 
_exptl.crystals_number   1 
# 
_exptl_crystal.id                    1 
_exptl_crystal.density_meas          ? 
_exptl_crystal.density_Matthews      9.14 
_exptl_crystal.density_percent_sol   86.55 
_exptl_crystal.description           ? 
_exptl_crystal.F_000                 ? 
_exptl_crystal.preparation           ? 
# 
_exptl_crystal_grow.crystal_id      1 
_exptl_crystal_grow.method          'VAPOR DIFFUSION, HANGING DROP' 
_exptl_crystal_grow.temp            293 
_exptl_crystal_grow.temp_details    ? 
_exptl_crystal_grow.pH              6.5 
_exptl_crystal_grow.pdbx_details    
;4M formate in water, 8mg/ml protein, equal volumes of reservoir and protein formed the drop, pH 6.5, VAPOR DIFFUSION, HANGING DROP, temperature 293K
;
_exptl_crystal_grow.pdbx_pH_range   ? 
# 
_diffrn.id                     1 
_diffrn.ambient_temp           100 
_diffrn.ambient_temp_details   ? 
_diffrn.crystal_id             1 
# 
_diffrn_detector.diffrn_id              1 
_diffrn_detector.detector               CCD 
_diffrn_detector.type                   'ADSC QUANTUM 4' 
_diffrn_detector.pdbx_collection_date   2008-10-27 
_diffrn_detector.details                'Si (111)' 
# 
_diffrn_radiation.diffrn_id                        1 
_diffrn_radiation.wavelength_id                    1 
_diffrn_radiation.pdbx_monochromatic_or_laue_m_l   M 
_diffrn_radiation.monochromator                    'Si (111)' 
_diffrn_radiation.pdbx_diffrn_protocol             'SINGLE WAVELENGTH' 
_diffrn_radiation.pdbx_scattering_type             x-ray 
# 
_diffrn_radiation_wavelength.id           1 
_diffrn_radiation_wavelength.wavelength   0.97620 
_diffrn_radiation_wavelength.wt           1.0 
# 
_diffrn_source.diffrn_id                   1 
_diffrn_source.source                      SYNCHROTRON 
_diffrn_source.type                        'ESRF BEAMLINE ID29' 
_diffrn_source.pdbx_synchrotron_site       ESRF 
_diffrn_source.pdbx_synchrotron_beamline   ID29 
_diffrn_source.pdbx_wavelength             ? 
_diffrn_source.pdbx_wavelength_list        0.97620 
# 
_reflns.entry_id                     3IO0 
_reflns.observed_criterion_sigma_I   187378 
_reflns.observed_criterion_sigma_F   187378 
_reflns.d_resolution_low             86.7 
_reflns.d_resolution_high            3.0 
_reflns.number_obs                   17475 
_reflns.number_all                   17475 
_reflns.percent_possible_obs         100 
_reflns.pdbx_Rmerge_I_obs            0.151 
_reflns.pdbx_Rsym_value              ? 
_reflns.pdbx_netI_over_sigmaI        16.8 
_reflns.B_iso_Wilson_estimate        68.3 
_reflns.pdbx_redundancy              10.7 
_reflns.R_free_details               ? 
_reflns.limit_h_max                  ? 
_reflns.limit_h_min                  ? 
_reflns.limit_k_max                  ? 
_reflns.limit_k_min                  ? 
_reflns.limit_l_max                  ? 
_reflns.limit_l_min                  ? 
_reflns.observed_criterion_F_max     ? 
_reflns.observed_criterion_F_min     ? 
_reflns.pdbx_chi_squared             ? 
_reflns.pdbx_scaling_rejects         ? 
_reflns.pdbx_diffrn_id               1 
_reflns.pdbx_ordinal                 1 
# 
_reflns_shell.d_res_high             3.00 
_reflns_shell.d_res_low              3.17 
_reflns_shell.percent_possible_all   100 
_reflns_shell.Rmerge_I_obs           0.640 
_reflns_shell.pdbx_Rsym_value        ? 
_reflns_shell.meanI_over_sigI_obs    3.3 
_reflns_shell.pdbx_redundancy        10.9 
_reflns_shell.percent_possible_obs   ? 
_reflns_shell.number_unique_all      2522 
_reflns_shell.number_measured_all    ? 
_reflns_shell.number_measured_obs    ? 
_reflns_shell.number_unique_obs      ? 
_reflns_shell.pdbx_chi_squared       ? 
_reflns_shell.pdbx_diffrn_id         ? 
_reflns_shell.pdbx_ordinal           1 
# 
_refine.entry_id                                 3IO0 
_refine.ls_number_reflns_obs                     17475 
_refine.ls_number_reflns_all                     17475 
_refine.pdbx_ls_sigma_I                          ? 
_refine.pdbx_ls_sigma_F                          ? 
_refine.pdbx_data_cutoff_high_absF               ? 
_refine.pdbx_data_cutoff_low_absF                ? 
_refine.pdbx_data_cutoff_high_rms_absF           ? 
_refine.ls_d_res_low                             86.71 
_refine.ls_d_res_high                            3.00 
_refine.ls_percent_reflns_obs                    100.00 
_refine.ls_R_factor_obs                          0.18877 
_refine.ls_R_factor_all                          ? 
_refine.ls_R_factor_R_work                       0.18800 
_refine.ls_R_factor_R_free                       0.20337 
_refine.ls_R_factor_R_free_error                 ? 
_refine.ls_R_factor_R_free_error_details         ? 
_refine.ls_percent_reflns_R_free                 5.1 
_refine.ls_number_reflns_R_free                  883 
_refine.ls_number_parameters                     ? 
_refine.ls_number_restraints                     ? 
_refine.occupancy_min                            ? 
_refine.occupancy_max                            ? 
_refine.correlation_coeff_Fo_to_Fc               0.935 
_refine.correlation_coeff_Fo_to_Fc_free          0.926 
_refine.B_iso_mean                               51.849 
_refine.aniso_B[1][1]                            ? 
_refine.aniso_B[2][2]                            ? 
_refine.aniso_B[3][3]                            ? 
_refine.aniso_B[1][2]                            ? 
_refine.aniso_B[1][3]                            ? 
_refine.aniso_B[2][3]                            ? 
_refine.solvent_model_details                    MASK 
_refine.solvent_model_param_ksol                 ? 
_refine.solvent_model_param_bsol                 ? 
_refine.pdbx_solvent_vdw_probe_radii             1.20 
_refine.pdbx_solvent_ion_probe_radii             0.80 
_refine.pdbx_solvent_shrinkage_radii             0.80 
_refine.pdbx_ls_cross_valid_method               THROUGHOUT 
_refine.details                                  'HYDROGENS HAVE BEEN ADDED IN THE RIDING POSITIONS' 
_refine.pdbx_starting_model                      ? 
_refine.pdbx_method_to_determine_struct          MIR 
_refine.pdbx_isotropic_thermal_model             ? 
_refine.pdbx_stereochemistry_target_values       'MAXIMUM LIKELIHOOD' 
_refine.pdbx_stereochem_target_val_spec_case     ? 
_refine.pdbx_R_Free_selection_details            RANDOM 
_refine.pdbx_overall_ESU_R                       0.234 
_refine.pdbx_overall_ESU_R_Free                  0.196 
_refine.overall_SU_ML                            0.140 
_refine.overall_SU_B                             7.877 
_refine.ls_redundancy_reflns_obs                 ? 
_refine.B_iso_min                                ? 
_refine.B_iso_max                                ? 
_refine.overall_SU_R_Cruickshank_DPI             ? 
_refine.overall_SU_R_free                        ? 
_refine.ls_wR_factor_R_free                      ? 
_refine.ls_wR_factor_R_work                      ? 
_refine.overall_FOM_free_R_set                   ? 
_refine.overall_FOM_work_R_set                   ? 
_refine.pdbx_overall_phase_error                 ? 
_refine.pdbx_refine_id                           'X-RAY DIFFRACTION' 
_refine.pdbx_diffrn_id                           1 
_refine.pdbx_TLS_residual_ADP_flag               ? 
_refine.pdbx_overall_SU_R_free_Cruickshank_DPI   ? 
_refine.pdbx_overall_SU_R_Blow_DPI               ? 
_refine.pdbx_overall_SU_R_free_Blow_DPI          ? 
# 
_refine_hist.pdbx_refine_id                   'X-RAY DIFFRACTION' 
_refine_hist.cycle_id                         LAST 
_refine_hist.pdbx_number_atoms_protein        1657 
_refine_hist.pdbx_number_atoms_nucleic_acid   0 
_refine_hist.pdbx_number_atoms_ligand         0 
_refine_hist.number_atoms_solvent             1 
_refine_hist.number_atoms_total               1658 
_refine_hist.d_res_high                       3.00 
_refine_hist.d_res_low                        86.71 
# 
loop_
_refine_ls_restr.type 
_refine_ls_restr.dev_ideal 
_refine_ls_restr.dev_ideal_target 
_refine_ls_restr.weight 
_refine_ls_restr.number 
_refine_ls_restr.pdbx_refine_id 
_refine_ls_restr.pdbx_restraint_function 
r_bond_refined_d             0.011  0.022  ? 1680 'X-RAY DIFFRACTION' ? 
r_bond_other_d               ?      ?      ? ?    'X-RAY DIFFRACTION' ? 
r_angle_refined_deg          1.823  1.969  ? 2277 'X-RAY DIFFRACTION' ? 
r_angle_other_deg            ?      ?      ? ?    'X-RAY DIFFRACTION' ? 
r_dihedral_angle_1_deg       9.112  5.000  ? 228  'X-RAY DIFFRACTION' ? 
r_dihedral_angle_2_deg       38.939 24.386 ? 57   'X-RAY DIFFRACTION' ? 
r_dihedral_angle_3_deg       21.236 15.000 ? 278  'X-RAY DIFFRACTION' ? 
r_dihedral_angle_4_deg       19.852 15.000 ? 8    'X-RAY DIFFRACTION' ? 
r_chiral_restr               0.134  0.200  ? 277  'X-RAY DIFFRACTION' ? 
r_gen_planes_refined         0.004  0.020  ? 1224 'X-RAY DIFFRACTION' ? 
r_gen_planes_other           ?      ?      ? ?    'X-RAY DIFFRACTION' ? 
r_nbd_refined                0.245  0.200  ? 864  'X-RAY DIFFRACTION' ? 
r_nbd_other                  ?      ?      ? ?    'X-RAY DIFFRACTION' ? 
r_nbtor_refined              0.315  0.200  ? 1180 'X-RAY DIFFRACTION' ? 
r_nbtor_other                ?      ?      ? ?    'X-RAY DIFFRACTION' ? 
r_xyhbond_nbd_refined        0.127  0.200  ? 54   'X-RAY DIFFRACTION' ? 
r_xyhbond_nbd_other          ?      ?      ? ?    'X-RAY DIFFRACTION' ? 
r_metal_ion_refined          ?      ?      ? ?    'X-RAY DIFFRACTION' ? 
r_metal_ion_other            ?      ?      ? ?    'X-RAY DIFFRACTION' ? 
r_symmetry_vdw_refined       0.189  0.200  ? 52   'X-RAY DIFFRACTION' ? 
r_symmetry_vdw_other         ?      ?      ? ?    'X-RAY DIFFRACTION' ? 
r_symmetry_hbond_refined     0.132  0.200  ? 6    'X-RAY DIFFRACTION' ? 
r_symmetry_hbond_other       ?      ?      ? ?    'X-RAY DIFFRACTION' ? 
r_symmetry_metal_ion_refined ?      ?      ? ?    'X-RAY DIFFRACTION' ? 
r_symmetry_metal_ion_other   ?      ?      ? ?    'X-RAY DIFFRACTION' ? 
r_mcbond_it                  0.425  1.500  ? 1143 'X-RAY DIFFRACTION' ? 
r_mcbond_other               ?      ?      ? ?    'X-RAY DIFFRACTION' ? 
r_mcangle_it                 0.788  2.000  ? 1799 'X-RAY DIFFRACTION' ? 
r_scbond_it                  1.117  3.000  ? 577  'X-RAY DIFFRACTION' ? 
r_scangle_it                 1.979  4.500  ? 478  'X-RAY DIFFRACTION' ? 
r_rigid_bond_restr           ?      ?      ? ?    'X-RAY DIFFRACTION' ? 
r_sphericity_free            ?      ?      ? ?    'X-RAY DIFFRACTION' ? 
r_sphericity_bonded          ?      ?      ? ?    'X-RAY DIFFRACTION' ? 
# 
_refine_ls_shell.pdbx_total_number_of_bins_used   20 
_refine_ls_shell.d_res_high                       3.003 
_refine_ls_shell.d_res_low                        3.081 
_refine_ls_shell.number_reflns_R_work             1216 
_refine_ls_shell.R_factor_R_work                  0.306 
_refine_ls_shell.percent_reflns_obs               100.00 
_refine_ls_shell.R_factor_R_free                  0.327 
_refine_ls_shell.R_factor_R_free_error            ? 
_refine_ls_shell.percent_reflns_R_free            ? 
_refine_ls_shell.number_reflns_R_free             71 
_refine_ls_shell.number_reflns_all                ? 
_refine_ls_shell.R_factor_all                     ? 
_refine_ls_shell.number_reflns_obs                ? 
_refine_ls_shell.redundancy_reflns_obs            ? 
_refine_ls_shell.pdbx_refine_id                   'X-RAY DIFFRACTION' 
# 
_struct.entry_id                  3IO0 
_struct.title                     'Crystal structure of EtuB from Clostridium kluyveri' 
_struct.pdbx_model_details        ? 
_struct.pdbx_CASP_flag            ? 
_struct.pdbx_model_type_details   ? 
# 
_struct_keywords.entry_id        3IO0 
_struct_keywords.pdbx_keywords   'STRUCTURAL PROTEIN' 
_struct_keywords.text            
'Tamdem repeat of bacterial microcompartment domain in a single polypeptide chain, STRUCTURAL PROTEIN' 
# 
loop_
_struct_asym.id 
_struct_asym.pdbx_blank_PDB_chainid_flag 
_struct_asym.pdbx_modified 
_struct_asym.entity_id 
_struct_asym.details 
A N N 1 ? 
B N N 2 ? 
# 
_struct_ref.id                         1 
_struct_ref.db_name                    UNP 
_struct_ref.db_code                    A5N734_CLOK5 
_struct_ref.pdbx_db_accession          A5N734 
_struct_ref.entity_id                  1 
_struct_ref.pdbx_seq_one_letter_code   
;APTMTEFVGTAGGDTVGLVIANVDSLLHKHLGLDNTCRSIGIISARVGAPAQMMAADEAVKGTNTEVATIELPRDTKGGA
GHGIFIVLKAADVSDARRAVEIALKQTDKYLGNVYLCDAGHLEVQYTARASLIFEKAFGAPSGQAFGIMHAAPAGVGMIV
ADTALKTADVKLITYGSPTNGVLSYTNEILITISGDSGAVLQSLTAARKAGLSILRSMGQDPVSMSKPTF
;
_struct_ref.pdbx_align_begin           75 
_struct_ref.pdbx_db_isoform            ? 
# 
_struct_ref_seq.align_id                      1 
_struct_ref_seq.ref_id                        1 
_struct_ref_seq.pdbx_PDB_id_code              3IO0 
_struct_ref_seq.pdbx_strand_id                A 
_struct_ref_seq.seq_align_beg                 1 
_struct_ref_seq.pdbx_seq_align_beg_ins_code   ? 
_struct_ref_seq.seq_align_end                 230 
_struct_ref_seq.pdbx_seq_align_end_ins_code   ? 
_struct_ref_seq.pdbx_db_accession             A5N734 
_struct_ref_seq.db_align_beg                  75 
_struct_ref_seq.pdbx_db_align_beg_ins_code    ? 
_struct_ref_seq.db_align_end                  304 
_struct_ref_seq.pdbx_db_align_end_ins_code    ? 
_struct_ref_seq.pdbx_auth_seq_align_beg       75 
_struct_ref_seq.pdbx_auth_seq_align_end       304 
# 
_pdbx_struct_assembly.id                   1 
_pdbx_struct_assembly.details              author_and_software_defined_assembly 
_pdbx_struct_assembly.method_details       PISA 
_pdbx_struct_assembly.oligomeric_details   trimeric 
_pdbx_struct_assembly.oligomeric_count     3 
# 
loop_
_pdbx_struct_assembly_prop.biol_id 
_pdbx_struct_assembly_prop.type 
_pdbx_struct_assembly_prop.value 
_pdbx_struct_assembly_prop.details 
1 'ABSA (A^2)' 7850  ? 
1 MORE         -57   ? 
1 'SSA (A^2)'  22320 ? 
# 
_pdbx_struct_assembly_gen.assembly_id       1 
_pdbx_struct_assembly_gen.oper_expression   1,2,3 
_pdbx_struct_assembly_gen.asym_id_list      A,B 
# 
loop_
_pdbx_struct_oper_list.id 
_pdbx_struct_oper_list.type 
_pdbx_struct_oper_list.name 
_pdbx_struct_oper_list.symmetry_operation 
_pdbx_struct_oper_list.matrix[1][1] 
_pdbx_struct_oper_list.matrix[1][2] 
_pdbx_struct_oper_list.matrix[1][3] 
_pdbx_struct_oper_list.vector[1] 
_pdbx_struct_oper_list.matrix[2][1] 
_pdbx_struct_oper_list.matrix[2][2] 
_pdbx_struct_oper_list.matrix[2][3] 
_pdbx_struct_oper_list.vector[2] 
_pdbx_struct_oper_list.matrix[3][1] 
_pdbx_struct_oper_list.matrix[3][2] 
_pdbx_struct_oper_list.matrix[3][3] 
_pdbx_struct_oper_list.vector[3] 
1 'identity operation'         1_555 x,y,z 1.0000000000 0.0000000000  0.0000000000 0.0000000000  0.0000000000  1.0000000000  0.0000000000  0.0000000000   0.0000000000 0.0000000000  1.0000000000  0.0000000000   
2 'crystal symmetry operation' 5_555 z,x,y 0.8647645521 0.1334480826  0.4841217603 6.4579233331  -0.3670330725 -0.4900052453 0.7906842500  -16.3877770458 0.3427374990 -0.8614444084 -0.3747593067 -25.9476182738 
3 'crystal symmetry operation' 9_555 y,z,x 0.8647645521 -0.3670330725 0.3427374990 -2.7062175465 0.1334480826  -0.4900052453 -0.8614444084 -31.2443248718 0.4841217603 0.7906842500  -0.3747593067 0.1070245561 
# 
_struct_biol.id        1 
_struct_biol.details   ? 
# 
loop_
_struct_conf.conf_type_id 
_struct_conf.id 
_struct_conf.pdbx_PDB_helix_id 
_struct_conf.beg_label_comp_id 
_struct_conf.beg_label_asym_id 
_struct_conf.beg_label_seq_id 
_struct_conf.pdbx_beg_PDB_ins_code 
_struct_conf.end_label_comp_id 
_struct_conf.end_label_asym_id 
_struct_conf.end_label_seq_id 
_struct_conf.pdbx_end_PDB_ins_code 
_struct_conf.beg_auth_comp_id 
_struct_conf.beg_auth_asym_id 
_struct_conf.beg_auth_seq_id 
_struct_conf.end_auth_comp_id 
_struct_conf.end_auth_asym_id 
_struct_conf.end_auth_seq_id 
_struct_conf.pdbx_PDB_helix_class 
_struct_conf.details 
_struct_conf.pdbx_PDB_helix_length 
HELX_P HELX_P1 1 ASP A 24  ? HIS A 28  ? ASP A 98  HIS A 102 5 ? 5  
HELX_P HELX_P2 2 ALA A 49  ? GLY A 62  ? ALA A 123 GLY A 136 1 ? 14 
HELX_P HELX_P3 3 ASP A 92  ? GLY A 112 ? ASP A 166 GLY A 186 1 ? 21 
HELX_P HELX_P4 4 SER A 131 ? GLY A 139 ? SER A 205 GLY A 213 1 ? 9  
HELX_P HELX_P5 5 PRO A 153 ? ALA A 168 ? PRO A 227 ALA A 242 1 ? 16 
HELX_P HELX_P6 6 ASP A 196 ? MET A 218 ? ASP A 270 MET A 292 1 ? 23 
# 
_struct_conf_type.id          HELX_P 
_struct_conf_type.criteria    ? 
_struct_conf_type.reference   ? 
# 
loop_
_struct_mon_prot_cis.pdbx_id 
_struct_mon_prot_cis.label_comp_id 
_struct_mon_prot_cis.label_seq_id 
_struct_mon_prot_cis.label_asym_id 
_struct_mon_prot_cis.label_alt_id 
_struct_mon_prot_cis.pdbx_PDB_ins_code 
_struct_mon_prot_cis.auth_comp_id 
_struct_mon_prot_cis.auth_seq_id 
_struct_mon_prot_cis.auth_asym_id 
_struct_mon_prot_cis.pdbx_label_comp_id_2 
_struct_mon_prot_cis.pdbx_label_seq_id_2 
_struct_mon_prot_cis.pdbx_label_asym_id_2 
_struct_mon_prot_cis.pdbx_PDB_ins_code_2 
_struct_mon_prot_cis.pdbx_auth_comp_id_2 
_struct_mon_prot_cis.pdbx_auth_seq_id_2 
_struct_mon_prot_cis.pdbx_auth_asym_id_2 
_struct_mon_prot_cis.pdbx_PDB_model_num 
_struct_mon_prot_cis.pdbx_omega_angle 
1 GLY 9   A . ? GLY 83  A THR 10  A ? THR 84  A 1 -24.37 
2 PRO 73  A . ? PRO 147 A ARG 74  A ? ARG 148 A 1 -12.17 
3 THR 76  A . ? THR 150 A LYS 77  A ? LYS 151 A 1 10.39  
4 LYS 77  A . ? LYS 151 A GLY 78  A ? GLY 152 A 1 -25.44 
5 GLY 78  A . ? GLY 152 A GLY 79  A ? GLY 153 A 1 -14.98 
6 GLY 79  A . ? GLY 153 A ALA 80  A ? ALA 154 A 1 -3.07  
7 HIS 82  A . ? HIS 156 A GLY 83  A ? GLY 157 A 1 15.16  
8 ALA 152 A . ? ALA 226 A PRO 153 A ? PRO 227 A 1 -1.22  
# 
loop_
_struct_sheet.id 
_struct_sheet.type 
_struct_sheet.number_strands 
_struct_sheet.details 
A ? 5 ? 
B ? 5 ? 
# 
loop_
_struct_sheet_order.sheet_id 
_struct_sheet_order.range_id_1 
_struct_sheet_order.range_id_2 
_struct_sheet_order.offset 
_struct_sheet_order.sense 
A 1 2 ? anti-parallel 
A 2 3 ? anti-parallel 
A 3 4 ? anti-parallel 
A 4 5 ? anti-parallel 
B 1 2 ? anti-parallel 
B 2 3 ? anti-parallel 
B 3 4 ? anti-parallel 
B 4 5 ? anti-parallel 
# 
loop_
_struct_sheet_range.sheet_id 
_struct_sheet_range.id 
_struct_sheet_range.beg_label_comp_id 
_struct_sheet_range.beg_label_asym_id 
_struct_sheet_range.beg_label_seq_id 
_struct_sheet_range.pdbx_beg_PDB_ins_code 
_struct_sheet_range.end_label_comp_id 
_struct_sheet_range.end_label_asym_id 
_struct_sheet_range.end_label_seq_id 
_struct_sheet_range.pdbx_end_PDB_ins_code 
_struct_sheet_range.beg_auth_comp_id 
_struct_sheet_range.beg_auth_asym_id 
_struct_sheet_range.beg_auth_seq_id 
_struct_sheet_range.end_auth_comp_id 
_struct_sheet_range.end_auth_asym_id 
_struct_sheet_range.end_auth_seq_id 
A 1 PHE A 7   ? ALA A 11  ? PHE A 81  ALA A 85  
A 2 THR A 15  ? ILE A 20  ? THR A 89  ILE A 94  
A 3 SER A 39  ? ALA A 45  ? SER A 113 ALA A 119 
A 4 ILE A 84  ? ALA A 90  ? ILE A 158 ALA A 164 
A 5 GLU A 66  ? GLU A 71  ? GLU A 140 GLU A 145 
B 1 VAL A 114 ? CYS A 117 ? VAL A 188 CYS A 191 
B 2 GLY A 120 ? THR A 127 ? GLY A 194 THR A 201 
B 3 ALA A 145 ? ALA A 152 ? ALA A 219 ALA A 226 
B 4 ILE A 189 ? GLY A 195 ? ILE A 263 GLY A 269 
B 5 LYS A 171 ? GLY A 176 ? LYS A 245 GLY A 250 
# 
loop_
_pdbx_struct_sheet_hbond.sheet_id 
_pdbx_struct_sheet_hbond.range_id_1 
_pdbx_struct_sheet_hbond.range_id_2 
_pdbx_struct_sheet_hbond.range_1_label_atom_id 
_pdbx_struct_sheet_hbond.range_1_label_comp_id 
_pdbx_struct_sheet_hbond.range_1_label_asym_id 
_pdbx_struct_sheet_hbond.range_1_label_seq_id 
_pdbx_struct_sheet_hbond.range_1_PDB_ins_code 
_pdbx_struct_sheet_hbond.range_1_auth_atom_id 
_pdbx_struct_sheet_hbond.range_1_auth_comp_id 
_pdbx_struct_sheet_hbond.range_1_auth_asym_id 
_pdbx_struct_sheet_hbond.range_1_auth_seq_id 
_pdbx_struct_sheet_hbond.range_2_label_atom_id 
_pdbx_struct_sheet_hbond.range_2_label_comp_id 
_pdbx_struct_sheet_hbond.range_2_label_asym_id 
_pdbx_struct_sheet_hbond.range_2_label_seq_id 
_pdbx_struct_sheet_hbond.range_2_PDB_ins_code 
_pdbx_struct_sheet_hbond.range_2_auth_atom_id 
_pdbx_struct_sheet_hbond.range_2_auth_comp_id 
_pdbx_struct_sheet_hbond.range_2_auth_asym_id 
_pdbx_struct_sheet_hbond.range_2_auth_seq_id 
A 1 2 N GLY A 9   ? N GLY A 83  O GLY A 17  ? O GLY A 91  
A 2 3 N LEU A 18  ? N LEU A 92  O ILE A 42  ? O ILE A 116 
A 3 4 N GLY A 41  ? N GLY A 115 O LEU A 88  ? O LEU A 162 
A 4 5 O VAL A 87  ? O VAL A 161 N THR A 69  ? N THR A 143 
B 1 2 N TYR A 115 ? N TYR A 189 O LEU A 122 ? O LEU A 196 
B 2 3 N THR A 127 ? N THR A 201 O PHE A 146 ? O PHE A 220 
B 3 4 N GLY A 147 ? N GLY A 221 O ILE A 193 ? O ILE A 267 
B 4 5 O THR A 192 ? O THR A 266 N ILE A 173 ? N ILE A 247 
# 
loop_
_pdbx_validate_rmsd_angle.id 
_pdbx_validate_rmsd_angle.PDB_model_num 
_pdbx_validate_rmsd_angle.auth_atom_id_1 
_pdbx_validate_rmsd_angle.auth_asym_id_1 
_pdbx_validate_rmsd_angle.auth_comp_id_1 
_pdbx_validate_rmsd_angle.auth_seq_id_1 
_pdbx_validate_rmsd_angle.PDB_ins_code_1 
_pdbx_validate_rmsd_angle.label_alt_id_1 
_pdbx_validate_rmsd_angle.auth_atom_id_2 
_pdbx_validate_rmsd_angle.auth_asym_id_2 
_pdbx_validate_rmsd_angle.auth_comp_id_2 
_pdbx_validate_rmsd_angle.auth_seq_id_2 
_pdbx_validate_rmsd_angle.PDB_ins_code_2 
_pdbx_validate_rmsd_angle.label_alt_id_2 
_pdbx_validate_rmsd_angle.auth_atom_id_3 
_pdbx_validate_rmsd_angle.auth_asym_id_3 
_pdbx_validate_rmsd_angle.auth_comp_id_3 
_pdbx_validate_rmsd_angle.auth_seq_id_3 
_pdbx_validate_rmsd_angle.PDB_ins_code_3 
_pdbx_validate_rmsd_angle.label_alt_id_3 
_pdbx_validate_rmsd_angle.angle_value 
_pdbx_validate_rmsd_angle.angle_target_value 
_pdbx_validate_rmsd_angle.angle_deviation 
_pdbx_validate_rmsd_angle.angle_standard_deviation 
_pdbx_validate_rmsd_angle.linker_flag 
1 1 C A PRO 147 ? ? N  A ARG 148 ? ? CA A ARG 148 ? ? 138.40 121.70 16.70 2.50 Y 
2 1 N A ARG 148 ? ? CA A ARG 148 ? ? CB A ARG 148 ? ? 121.57 110.60 10.97 1.80 N 
# 
loop_
_pdbx_validate_torsion.id 
_pdbx_validate_torsion.PDB_model_num 
_pdbx_validate_torsion.auth_comp_id 
_pdbx_validate_torsion.auth_asym_id 
_pdbx_validate_torsion.auth_seq_id 
_pdbx_validate_torsion.PDB_ins_code 
_pdbx_validate_torsion.label_alt_id 
_pdbx_validate_torsion.phi 
_pdbx_validate_torsion.psi 
1  1 THR A 84  ? ? 121.49  104.98  
2  1 ASP A 88  ? ? -109.02 75.22   
3  1 CYS A 111 ? ? -151.63 86.39   
4  1 ALA A 123 ? ? -154.12 -50.13  
5  1 PRO A 147 ? ? -66.65  -178.93 
6  1 ARG A 148 ? ? 93.67   54.79   
7  1 ASP A 149 ? ? -141.94 -135.61 
8  1 THR A 150 ? ? 83.05   25.92   
9  1 LYS A 151 ? ? -162.62 65.72   
10 1 SER A 205 ? ? -127.45 -151.24 
11 1 THR A 253 ? ? -144.89 -1.24   
12 1 MET A 299 ? ? -140.85 -27.00  
13 1 SER A 300 ? ? 80.02   -157.34 
# 
loop_
_pdbx_validate_peptide_omega.id 
_pdbx_validate_peptide_omega.PDB_model_num 
_pdbx_validate_peptide_omega.auth_comp_id_1 
_pdbx_validate_peptide_omega.auth_asym_id_1 
_pdbx_validate_peptide_omega.auth_seq_id_1 
_pdbx_validate_peptide_omega.PDB_ins_code_1 
_pdbx_validate_peptide_omega.label_alt_id_1 
_pdbx_validate_peptide_omega.auth_comp_id_2 
_pdbx_validate_peptide_omega.auth_asym_id_2 
_pdbx_validate_peptide_omega.auth_seq_id_2 
_pdbx_validate_peptide_omega.PDB_ins_code_2 
_pdbx_validate_peptide_omega.label_alt_id_2 
_pdbx_validate_peptide_omega.omega 
1 1 SER A 298 ? ? MET A 299 ? ? -68.24 
2 1 MET A 299 ? ? SER A 300 ? ? -34.10 
# 
_pdbx_unobs_or_zero_occ_residues.id               1 
_pdbx_unobs_or_zero_occ_residues.PDB_model_num    1 
_pdbx_unobs_or_zero_occ_residues.polymer_flag     Y 
_pdbx_unobs_or_zero_occ_residues.occupancy_flag   1 
_pdbx_unobs_or_zero_occ_residues.auth_asym_id     A 
_pdbx_unobs_or_zero_occ_residues.auth_comp_id     ALA 
_pdbx_unobs_or_zero_occ_residues.auth_seq_id      75 
_pdbx_unobs_or_zero_occ_residues.PDB_ins_code     ? 
_pdbx_unobs_or_zero_occ_residues.label_asym_id    A 
_pdbx_unobs_or_zero_occ_residues.label_comp_id    ALA 
_pdbx_unobs_or_zero_occ_residues.label_seq_id     1 
# 
loop_
_chem_comp_atom.comp_id 
_chem_comp_atom.atom_id 
_chem_comp_atom.type_symbol 
_chem_comp_atom.pdbx_aromatic_flag 
_chem_comp_atom.pdbx_stereo_config 
_chem_comp_atom.pdbx_ordinal 
ALA N    N N N 1   
ALA CA   C N S 2   
ALA C    C N N 3   
ALA O    O N N 4   
ALA CB   C N N 5   
ALA OXT  O N N 6   
ALA H    H N N 7   
ALA H2   H N N 8   
ALA HA   H N N 9   
ALA HB1  H N N 10  
ALA HB2  H N N 11  
ALA HB3  H N N 12  
ALA HXT  H N N 13  
ARG N    N N N 14  
ARG CA   C N S 15  
ARG C    C N N 16  
ARG O    O N N 17  
ARG CB   C N N 18  
ARG CG   C N N 19  
ARG CD   C N N 20  
ARG NE   N N N 21  
ARG CZ   C N N 22  
ARG NH1  N N N 23  
ARG NH2  N N N 24  
ARG OXT  O N N 25  
ARG H    H N N 26  
ARG H2   H N N 27  
ARG HA   H N N 28  
ARG HB2  H N N 29  
ARG HB3  H N N 30  
ARG HG2  H N N 31  
ARG HG3  H N N 32  
ARG HD2  H N N 33  
ARG HD3  H N N 34  
ARG HE   H N N 35  
ARG HH11 H N N 36  
ARG HH12 H N N 37  
ARG HH21 H N N 38  
ARG HH22 H N N 39  
ARG HXT  H N N 40  
ASN N    N N N 41  
ASN CA   C N S 42  
ASN C    C N N 43  
ASN O    O N N 44  
ASN CB   C N N 45  
ASN CG   C N N 46  
ASN OD1  O N N 47  
ASN ND2  N N N 48  
ASN OXT  O N N 49  
ASN H    H N N 50  
ASN H2   H N N 51  
ASN HA   H N N 52  
ASN HB2  H N N 53  
ASN HB3  H N N 54  
ASN HD21 H N N 55  
ASN HD22 H N N 56  
ASN HXT  H N N 57  
ASP N    N N N 58  
ASP CA   C N S 59  
ASP C    C N N 60  
ASP O    O N N 61  
ASP CB   C N N 62  
ASP CG   C N N 63  
ASP OD1  O N N 64  
ASP OD2  O N N 65  
ASP OXT  O N N 66  
ASP H    H N N 67  
ASP H2   H N N 68  
ASP HA   H N N 69  
ASP HB2  H N N 70  
ASP HB3  H N N 71  
ASP HD2  H N N 72  
ASP HXT  H N N 73  
CYS N    N N N 74  
CYS CA   C N R 75  
CYS C    C N N 76  
CYS O    O N N 77  
CYS CB   C N N 78  
CYS SG   S N N 79  
CYS OXT  O N N 80  
CYS H    H N N 81  
CYS H2   H N N 82  
CYS HA   H N N 83  
CYS HB2  H N N 84  
CYS HB3  H N N 85  
CYS HG   H N N 86  
CYS HXT  H N N 87  
GLN N    N N N 88  
GLN CA   C N S 89  
GLN C    C N N 90  
GLN O    O N N 91  
GLN CB   C N N 92  
GLN CG   C N N 93  
GLN CD   C N N 94  
GLN OE1  O N N 95  
GLN NE2  N N N 96  
GLN OXT  O N N 97  
GLN H    H N N 98  
GLN H2   H N N 99  
GLN HA   H N N 100 
GLN HB2  H N N 101 
GLN HB3  H N N 102 
GLN HG2  H N N 103 
GLN HG3  H N N 104 
GLN HE21 H N N 105 
GLN HE22 H N N 106 
GLN HXT  H N N 107 
GLU N    N N N 108 
GLU CA   C N S 109 
GLU C    C N N 110 
GLU O    O N N 111 
GLU CB   C N N 112 
GLU CG   C N N 113 
GLU CD   C N N 114 
GLU OE1  O N N 115 
GLU OE2  O N N 116 
GLU OXT  O N N 117 
GLU H    H N N 118 
GLU H2   H N N 119 
GLU HA   H N N 120 
GLU HB2  H N N 121 
GLU HB3  H N N 122 
GLU HG2  H N N 123 
GLU HG3  H N N 124 
GLU HE2  H N N 125 
GLU HXT  H N N 126 
GLY N    N N N 127 
GLY CA   C N N 128 
GLY C    C N N 129 
GLY O    O N N 130 
GLY OXT  O N N 131 
GLY H    H N N 132 
GLY H2   H N N 133 
GLY HA2  H N N 134 
GLY HA3  H N N 135 
GLY HXT  H N N 136 
HIS N    N N N 137 
HIS CA   C N S 138 
HIS C    C N N 139 
HIS O    O N N 140 
HIS CB   C N N 141 
HIS CG   C Y N 142 
HIS ND1  N Y N 143 
HIS CD2  C Y N 144 
HIS CE1  C Y N 145 
HIS NE2  N Y N 146 
HIS OXT  O N N 147 
HIS H    H N N 148 
HIS H2   H N N 149 
HIS HA   H N N 150 
HIS HB2  H N N 151 
HIS HB3  H N N 152 
HIS HD1  H N N 153 
HIS HD2  H N N 154 
HIS HE1  H N N 155 
HIS HE2  H N N 156 
HIS HXT  H N N 157 
HOH O    O N N 158 
HOH H1   H N N 159 
HOH H2   H N N 160 
ILE N    N N N 161 
ILE CA   C N S 162 
ILE C    C N N 163 
ILE O    O N N 164 
ILE CB   C N S 165 
ILE CG1  C N N 166 
ILE CG2  C N N 167 
ILE CD1  C N N 168 
ILE OXT  O N N 169 
ILE H    H N N 170 
ILE H2   H N N 171 
ILE HA   H N N 172 
ILE HB   H N N 173 
ILE HG12 H N N 174 
ILE HG13 H N N 175 
ILE HG21 H N N 176 
ILE HG22 H N N 177 
ILE HG23 H N N 178 
ILE HD11 H N N 179 
ILE HD12 H N N 180 
ILE HD13 H N N 181 
ILE HXT  H N N 182 
LEU N    N N N 183 
LEU CA   C N S 184 
LEU C    C N N 185 
LEU O    O N N 186 
LEU CB   C N N 187 
LEU CG   C N N 188 
LEU CD1  C N N 189 
LEU CD2  C N N 190 
LEU OXT  O N N 191 
LEU H    H N N 192 
LEU H2   H N N 193 
LEU HA   H N N 194 
LEU HB2  H N N 195 
LEU HB3  H N N 196 
LEU HG   H N N 197 
LEU HD11 H N N 198 
LEU HD12 H N N 199 
LEU HD13 H N N 200 
LEU HD21 H N N 201 
LEU HD22 H N N 202 
LEU HD23 H N N 203 
LEU HXT  H N N 204 
LYS N    N N N 205 
LYS CA   C N S 206 
LYS C    C N N 207 
LYS O    O N N 208 
LYS CB   C N N 209 
LYS CG   C N N 210 
LYS CD   C N N 211 
LYS CE   C N N 212 
LYS NZ   N N N 213 
LYS OXT  O N N 214 
LYS H    H N N 215 
LYS H2   H N N 216 
LYS HA   H N N 217 
LYS HB2  H N N 218 
LYS HB3  H N N 219 
LYS HG2  H N N 220 
LYS HG3  H N N 221 
LYS HD2  H N N 222 
LYS HD3  H N N 223 
LYS HE2  H N N 224 
LYS HE3  H N N 225 
LYS HZ1  H N N 226 
LYS HZ2  H N N 227 
LYS HZ3  H N N 228 
LYS HXT  H N N 229 
MET N    N N N 230 
MET CA   C N S 231 
MET C    C N N 232 
MET O    O N N 233 
MET CB   C N N 234 
MET CG   C N N 235 
MET SD   S N N 236 
MET CE   C N N 237 
MET OXT  O N N 238 
MET H    H N N 239 
MET H2   H N N 240 
MET HA   H N N 241 
MET HB2  H N N 242 
MET HB3  H N N 243 
MET HG2  H N N 244 
MET HG3  H N N 245 
MET HE1  H N N 246 
MET HE2  H N N 247 
MET HE3  H N N 248 
MET HXT  H N N 249 
PHE N    N N N 250 
PHE CA   C N S 251 
PHE C    C N N 252 
PHE O    O N N 253 
PHE CB   C N N 254 
PHE CG   C Y N 255 
PHE CD1  C Y N 256 
PHE CD2  C Y N 257 
PHE CE1  C Y N 258 
PHE CE2  C Y N 259 
PHE CZ   C Y N 260 
PHE OXT  O N N 261 
PHE H    H N N 262 
PHE H2   H N N 263 
PHE HA   H N N 264 
PHE HB2  H N N 265 
PHE HB3  H N N 266 
PHE HD1  H N N 267 
PHE HD2  H N N 268 
PHE HE1  H N N 269 
PHE HE2  H N N 270 
PHE HZ   H N N 271 
PHE HXT  H N N 272 
PRO N    N N N 273 
PRO CA   C N S 274 
PRO C    C N N 275 
PRO O    O N N 276 
PRO CB   C N N 277 
PRO CG   C N N 278 
PRO CD   C N N 279 
PRO OXT  O N N 280 
PRO H    H N N 281 
PRO HA   H N N 282 
PRO HB2  H N N 283 
PRO HB3  H N N 284 
PRO HG2  H N N 285 
PRO HG3  H N N 286 
PRO HD2  H N N 287 
PRO HD3  H N N 288 
PRO HXT  H N N 289 
SER N    N N N 290 
SER CA   C N S 291 
SER C    C N N 292 
SER O    O N N 293 
SER CB   C N N 294 
SER OG   O N N 295 
SER OXT  O N N 296 
SER H    H N N 297 
SER H2   H N N 298 
SER HA   H N N 299 
SER HB2  H N N 300 
SER HB3  H N N 301 
SER HG   H N N 302 
SER HXT  H N N 303 
THR N    N N N 304 
THR CA   C N S 305 
THR C    C N N 306 
THR O    O N N 307 
THR CB   C N R 308 
THR OG1  O N N 309 
THR CG2  C N N 310 
THR OXT  O N N 311 
THR H    H N N 312 
THR H2   H N N 313 
THR HA   H N N 314 
THR HB   H N N 315 
THR HG1  H N N 316 
THR HG21 H N N 317 
THR HG22 H N N 318 
THR HG23 H N N 319 
THR HXT  H N N 320 
TYR N    N N N 321 
TYR CA   C N S 322 
TYR C    C N N 323 
TYR O    O N N 324 
TYR CB   C N N 325 
TYR CG   C Y N 326 
TYR CD1  C Y N 327 
TYR CD2  C Y N 328 
TYR CE1  C Y N 329 
TYR CE2  C Y N 330 
TYR CZ   C Y N 331 
TYR OH   O N N 332 
TYR OXT  O N N 333 
TYR H    H N N 334 
TYR H2   H N N 335 
TYR HA   H N N 336 
TYR HB2  H N N 337 
TYR HB3  H N N 338 
TYR HD1  H N N 339 
TYR HD2  H N N 340 
TYR HE1  H N N 341 
TYR HE2  H N N 342 
TYR HH   H N N 343 
TYR HXT  H N N 344 
VAL N    N N N 345 
VAL CA   C N S 346 
VAL C    C N N 347 
VAL O    O N N 348 
VAL CB   C N N 349 
VAL CG1  C N N 350 
VAL CG2  C N N 351 
VAL OXT  O N N 352 
VAL H    H N N 353 
VAL H2   H N N 354 
VAL HA   H N N 355 
VAL HB   H N N 356 
VAL HG11 H N N 357 
VAL HG12 H N N 358 
VAL HG13 H N N 359 
VAL HG21 H N N 360 
VAL HG22 H N N 361 
VAL HG23 H N N 362 
VAL HXT  H N N 363 
# 
loop_
_chem_comp_bond.comp_id 
_chem_comp_bond.atom_id_1 
_chem_comp_bond.atom_id_2 
_chem_comp_bond.value_order 
_chem_comp_bond.pdbx_aromatic_flag 
_chem_comp_bond.pdbx_stereo_config 
_chem_comp_bond.pdbx_ordinal 
ALA N   CA   sing N N 1   
ALA N   H    sing N N 2   
ALA N   H2   sing N N 3   
ALA CA  C    sing N N 4   
ALA CA  CB   sing N N 5   
ALA CA  HA   sing N N 6   
ALA C   O    doub N N 7   
ALA C   OXT  sing N N 8   
ALA CB  HB1  sing N N 9   
ALA CB  HB2  sing N N 10  
ALA CB  HB3  sing N N 11  
ALA OXT HXT  sing N N 12  
ARG N   CA   sing N N 13  
ARG N   H    sing N N 14  
ARG N   H2   sing N N 15  
ARG CA  C    sing N N 16  
ARG CA  CB   sing N N 17  
ARG CA  HA   sing N N 18  
ARG C   O    doub N N 19  
ARG C   OXT  sing N N 20  
ARG CB  CG   sing N N 21  
ARG CB  HB2  sing N N 22  
ARG CB  HB3  sing N N 23  
ARG CG  CD   sing N N 24  
ARG CG  HG2  sing N N 25  
ARG CG  HG3  sing N N 26  
ARG CD  NE   sing N N 27  
ARG CD  HD2  sing N N 28  
ARG CD  HD3  sing N N 29  
ARG NE  CZ   sing N N 30  
ARG NE  HE   sing N N 31  
ARG CZ  NH1  sing N N 32  
ARG CZ  NH2  doub N N 33  
ARG NH1 HH11 sing N N 34  
ARG NH1 HH12 sing N N 35  
ARG NH2 HH21 sing N N 36  
ARG NH2 HH22 sing N N 37  
ARG OXT HXT  sing N N 38  
ASN N   CA   sing N N 39  
ASN N   H    sing N N 40  
ASN N   H2   sing N N 41  
ASN CA  C    sing N N 42  
ASN CA  CB   sing N N 43  
ASN CA  HA   sing N N 44  
ASN C   O    doub N N 45  
ASN C   OXT  sing N N 46  
ASN CB  CG   sing N N 47  
ASN CB  HB2  sing N N 48  
ASN CB  HB3  sing N N 49  
ASN CG  OD1  doub N N 50  
ASN CG  ND2  sing N N 51  
ASN ND2 HD21 sing N N 52  
ASN ND2 HD22 sing N N 53  
ASN OXT HXT  sing N N 54  
ASP N   CA   sing N N 55  
ASP N   H    sing N N 56  
ASP N   H2   sing N N 57  
ASP CA  C    sing N N 58  
ASP CA  CB   sing N N 59  
ASP CA  HA   sing N N 60  
ASP C   O    doub N N 61  
ASP C   OXT  sing N N 62  
ASP CB  CG   sing N N 63  
ASP CB  HB2  sing N N 64  
ASP CB  HB3  sing N N 65  
ASP CG  OD1  doub N N 66  
ASP CG  OD2  sing N N 67  
ASP OD2 HD2  sing N N 68  
ASP OXT HXT  sing N N 69  
CYS N   CA   sing N N 70  
CYS N   H    sing N N 71  
CYS N   H2   sing N N 72  
CYS CA  C    sing N N 73  
CYS CA  CB   sing N N 74  
CYS CA  HA   sing N N 75  
CYS C   O    doub N N 76  
CYS C   OXT  sing N N 77  
CYS CB  SG   sing N N 78  
CYS CB  HB2  sing N N 79  
CYS CB  HB3  sing N N 80  
CYS SG  HG   sing N N 81  
CYS OXT HXT  sing N N 82  
GLN N   CA   sing N N 83  
GLN N   H    sing N N 84  
GLN N   H2   sing N N 85  
GLN CA  C    sing N N 86  
GLN CA  CB   sing N N 87  
GLN CA  HA   sing N N 88  
GLN C   O    doub N N 89  
GLN C   OXT  sing N N 90  
GLN CB  CG   sing N N 91  
GLN CB  HB2  sing N N 92  
GLN CB  HB3  sing N N 93  
GLN CG  CD   sing N N 94  
GLN CG  HG2  sing N N 95  
GLN CG  HG3  sing N N 96  
GLN CD  OE1  doub N N 97  
GLN CD  NE2  sing N N 98  
GLN NE2 HE21 sing N N 99  
GLN NE2 HE22 sing N N 100 
GLN OXT HXT  sing N N 101 
GLU N   CA   sing N N 102 
GLU N   H    sing N N 103 
GLU N   H2   sing N N 104 
GLU CA  C    sing N N 105 
GLU CA  CB   sing N N 106 
GLU CA  HA   sing N N 107 
GLU C   O    doub N N 108 
GLU C   OXT  sing N N 109 
GLU CB  CG   sing N N 110 
GLU CB  HB2  sing N N 111 
GLU CB  HB3  sing N N 112 
GLU CG  CD   sing N N 113 
GLU CG  HG2  sing N N 114 
GLU CG  HG3  sing N N 115 
GLU CD  OE1  doub N N 116 
GLU CD  OE2  sing N N 117 
GLU OE2 HE2  sing N N 118 
GLU OXT HXT  sing N N 119 
GLY N   CA   sing N N 120 
GLY N   H    sing N N 121 
GLY N   H2   sing N N 122 
GLY CA  C    sing N N 123 
GLY CA  HA2  sing N N 124 
GLY CA  HA3  sing N N 125 
GLY C   O    doub N N 126 
GLY C   OXT  sing N N 127 
GLY OXT HXT  sing N N 128 
HIS N   CA   sing N N 129 
HIS N   H    sing N N 130 
HIS N   H2   sing N N 131 
HIS CA  C    sing N N 132 
HIS CA  CB   sing N N 133 
HIS CA  HA   sing N N 134 
HIS C   O    doub N N 135 
HIS C   OXT  sing N N 136 
HIS CB  CG   sing N N 137 
HIS CB  HB2  sing N N 138 
HIS CB  HB3  sing N N 139 
HIS CG  ND1  sing Y N 140 
HIS CG  CD2  doub Y N 141 
HIS ND1 CE1  doub Y N 142 
HIS ND1 HD1  sing N N 143 
HIS CD2 NE2  sing Y N 144 
HIS CD2 HD2  sing N N 145 
HIS CE1 NE2  sing Y N 146 
HIS CE1 HE1  sing N N 147 
HIS NE2 HE2  sing N N 148 
HIS OXT HXT  sing N N 149 
HOH O   H1   sing N N 150 
HOH O   H2   sing N N 151 
ILE N   CA   sing N N 152 
ILE N   H    sing N N 153 
ILE N   H2   sing N N 154 
ILE CA  C    sing N N 155 
ILE CA  CB   sing N N 156 
ILE CA  HA   sing N N 157 
ILE C   O    doub N N 158 
ILE C   OXT  sing N N 159 
ILE CB  CG1  sing N N 160 
ILE CB  CG2  sing N N 161 
ILE CB  HB   sing N N 162 
ILE CG1 CD1  sing N N 163 
ILE CG1 HG12 sing N N 164 
ILE CG1 HG13 sing N N 165 
ILE CG2 HG21 sing N N 166 
ILE CG2 HG22 sing N N 167 
ILE CG2 HG23 sing N N 168 
ILE CD1 HD11 sing N N 169 
ILE CD1 HD12 sing N N 170 
ILE CD1 HD13 sing N N 171 
ILE OXT HXT  sing N N 172 
LEU N   CA   sing N N 173 
LEU N   H    sing N N 174 
LEU N   H2   sing N N 175 
LEU CA  C    sing N N 176 
LEU CA  CB   sing N N 177 
LEU CA  HA   sing N N 178 
LEU C   O    doub N N 179 
LEU C   OXT  sing N N 180 
LEU CB  CG   sing N N 181 
LEU CB  HB2  sing N N 182 
LEU CB  HB3  sing N N 183 
LEU CG  CD1  sing N N 184 
LEU CG  CD2  sing N N 185 
LEU CG  HG   sing N N 186 
LEU CD1 HD11 sing N N 187 
LEU CD1 HD12 sing N N 188 
LEU CD1 HD13 sing N N 189 
LEU CD2 HD21 sing N N 190 
LEU CD2 HD22 sing N N 191 
LEU CD2 HD23 sing N N 192 
LEU OXT HXT  sing N N 193 
LYS N   CA   sing N N 194 
LYS N   H    sing N N 195 
LYS N   H2   sing N N 196 
LYS CA  C    sing N N 197 
LYS CA  CB   sing N N 198 
LYS CA  HA   sing N N 199 
LYS C   O    doub N N 200 
LYS C   OXT  sing N N 201 
LYS CB  CG   sing N N 202 
LYS CB  HB2  sing N N 203 
LYS CB  HB3  sing N N 204 
LYS CG  CD   sing N N 205 
LYS CG  HG2  sing N N 206 
LYS CG  HG3  sing N N 207 
LYS CD  CE   sing N N 208 
LYS CD  HD2  sing N N 209 
LYS CD  HD3  sing N N 210 
LYS CE  NZ   sing N N 211 
LYS CE  HE2  sing N N 212 
LYS CE  HE3  sing N N 213 
LYS NZ  HZ1  sing N N 214 
LYS NZ  HZ2  sing N N 215 
LYS NZ  HZ3  sing N N 216 
LYS OXT HXT  sing N N 217 
MET N   CA   sing N N 218 
MET N   H    sing N N 219 
MET N   H2   sing N N 220 
MET CA  C    sing N N 221 
MET CA  CB   sing N N 222 
MET CA  HA   sing N N 223 
MET C   O    doub N N 224 
MET C   OXT  sing N N 225 
MET CB  CG   sing N N 226 
MET CB  HB2  sing N N 227 
MET CB  HB3  sing N N 228 
MET CG  SD   sing N N 229 
MET CG  HG2  sing N N 230 
MET CG  HG3  sing N N 231 
MET SD  CE   sing N N 232 
MET CE  HE1  sing N N 233 
MET CE  HE2  sing N N 234 
MET CE  HE3  sing N N 235 
MET OXT HXT  sing N N 236 
PHE N   CA   sing N N 237 
PHE N   H    sing N N 238 
PHE N   H2   sing N N 239 
PHE CA  C    sing N N 240 
PHE CA  CB   sing N N 241 
PHE CA  HA   sing N N 242 
PHE C   O    doub N N 243 
PHE C   OXT  sing N N 244 
PHE CB  CG   sing N N 245 
PHE CB  HB2  sing N N 246 
PHE CB  HB3  sing N N 247 
PHE CG  CD1  doub Y N 248 
PHE CG  CD2  sing Y N 249 
PHE CD1 CE1  sing Y N 250 
PHE CD1 HD1  sing N N 251 
PHE CD2 CE2  doub Y N 252 
PHE CD2 HD2  sing N N 253 
PHE CE1 CZ   doub Y N 254 
PHE CE1 HE1  sing N N 255 
PHE CE2 CZ   sing Y N 256 
PHE CE2 HE2  sing N N 257 
PHE CZ  HZ   sing N N 258 
PHE OXT HXT  sing N N 259 
PRO N   CA   sing N N 260 
PRO N   CD   sing N N 261 
PRO N   H    sing N N 262 
PRO CA  C    sing N N 263 
PRO CA  CB   sing N N 264 
PRO CA  HA   sing N N 265 
PRO C   O    doub N N 266 
PRO C   OXT  sing N N 267 
PRO CB  CG   sing N N 268 
PRO CB  HB2  sing N N 269 
PRO CB  HB3  sing N N 270 
PRO CG  CD   sing N N 271 
PRO CG  HG2  sing N N 272 
PRO CG  HG3  sing N N 273 
PRO CD  HD2  sing N N 274 
PRO CD  HD3  sing N N 275 
PRO OXT HXT  sing N N 276 
SER N   CA   sing N N 277 
SER N   H    sing N N 278 
SER N   H2   sing N N 279 
SER CA  C    sing N N 280 
SER CA  CB   sing N N 281 
SER CA  HA   sing N N 282 
SER C   O    doub N N 283 
SER C   OXT  sing N N 284 
SER CB  OG   sing N N 285 
SER CB  HB2  sing N N 286 
SER CB  HB3  sing N N 287 
SER OG  HG   sing N N 288 
SER OXT HXT  sing N N 289 
THR N   CA   sing N N 290 
THR N   H    sing N N 291 
THR N   H2   sing N N 292 
THR CA  C    sing N N 293 
THR CA  CB   sing N N 294 
THR CA  HA   sing N N 295 
THR C   O    doub N N 296 
THR C   OXT  sing N N 297 
THR CB  OG1  sing N N 298 
THR CB  CG2  sing N N 299 
THR CB  HB   sing N N 300 
THR OG1 HG1  sing N N 301 
THR CG2 HG21 sing N N 302 
THR CG2 HG22 sing N N 303 
THR CG2 HG23 sing N N 304 
THR OXT HXT  sing N N 305 
TYR N   CA   sing N N 306 
TYR N   H    sing N N 307 
TYR N   H2   sing N N 308 
TYR CA  C    sing N N 309 
TYR CA  CB   sing N N 310 
TYR CA  HA   sing N N 311 
TYR C   O    doub N N 312 
TYR C   OXT  sing N N 313 
TYR CB  CG   sing N N 314 
TYR CB  HB2  sing N N 315 
TYR CB  HB3  sing N N 316 
TYR CG  CD1  doub Y N 317 
TYR CG  CD2  sing Y N 318 
TYR CD1 CE1  sing Y N 319 
TYR CD1 HD1  sing N N 320 
TYR CD2 CE2  doub Y N 321 
TYR CD2 HD2  sing N N 322 
TYR CE1 CZ   doub Y N 323 
TYR CE1 HE1  sing N N 324 
TYR CE2 CZ   sing Y N 325 
TYR CE2 HE2  sing N N 326 
TYR CZ  OH   sing N N 327 
TYR OH  HH   sing N N 328 
TYR OXT HXT  sing N N 329 
VAL N   CA   sing N N 330 
VAL N   H    sing N N 331 
VAL N   H2   sing N N 332 
VAL CA  C    sing N N 333 
VAL CA  CB   sing N N 334 
VAL CA  HA   sing N N 335 
VAL C   O    doub N N 336 
VAL C   OXT  sing N N 337 
VAL CB  CG1  sing N N 338 
VAL CB  CG2  sing N N 339 
VAL CB  HB   sing N N 340 
VAL CG1 HG11 sing N N 341 
VAL CG1 HG12 sing N N 342 
VAL CG1 HG13 sing N N 343 
VAL CG2 HG21 sing N N 344 
VAL CG2 HG22 sing N N 345 
VAL CG2 HG23 sing N N 346 
VAL OXT HXT  sing N N 347 
# 
_atom_sites.entry_id                    3IO0 
_atom_sites.fract_transf_matrix[1][1]   -0.00458845 
_atom_sites.fract_transf_matrix[1][2]   -0.00114582 
_atom_sites.fract_transf_matrix[1][3]   0.00330023 
_atom_sites.fract_transf_matrix[2][1]   -0.00252312 
_atom_sites.fract_transf_matrix[2][2]   0.00485501 
_atom_sites.fract_transf_matrix[2][3]   -0.00182237 
_atom_sites.fract_transf_matrix[3][1]   -0.00241626 
_atom_sites.fract_transf_matrix[3][2]   -0.00289383 
_atom_sites.fract_transf_matrix[3][3]   -0.00436414 
_atom_sites.fract_transf_vector[1]      0.446852 
_atom_sites.fract_transf_vector[2]      0.495423 
_atom_sites.fract_transf_vector[3]      0.350365 
# 
loop_
_atom_type.symbol 
C 
N 
O 
S 
# 
loop_
_atom_site.group_PDB 
_atom_site.id 
_atom_site.type_symbol 
_atom_site.label_atom_id 
_atom_site.label_alt_id 
_atom_site.label_comp_id 
_atom_site.label_asym_id 
_atom_site.label_entity_id 
_atom_site.label_seq_id 
_atom_site.pdbx_PDB_ins_code 
_atom_site.Cartn_x 
_atom_site.Cartn_y 
_atom_site.Cartn_z 
_atom_site.occupancy 
_atom_site.B_iso_or_equiv 
_atom_site.pdbx_formal_charge 
_atom_site.auth_seq_id 
_atom_site.auth_comp_id 
_atom_site.auth_asym_id 
_atom_site.auth_atom_id 
_atom_site.pdbx_PDB_model_num 
ATOM   1    N N   . PRO A 1 2   ? -21.945 -15.663 18.244  1.00 73.37 ? 76  PRO A N   1 
ATOM   2    C CA  . PRO A 1 2   ? -21.495 -14.299 18.636  1.00 73.02 ? 76  PRO A CA  1 
ATOM   3    C C   . PRO A 1 2   ? -20.486 -13.686 17.640  1.00 72.13 ? 76  PRO A C   1 
ATOM   4    O O   . PRO A 1 2   ? -20.307 -14.211 16.537  1.00 72.08 ? 76  PRO A O   1 
ATOM   5    C CB  . PRO A 1 2   ? -20.847 -14.495 20.036  1.00 73.10 ? 76  PRO A CB  1 
ATOM   6    C CG  . PRO A 1 2   ? -20.584 -15.999 20.163  1.00 73.73 ? 76  PRO A CG  1 
ATOM   7    C CD  . PRO A 1 2   ? -21.569 -16.709 19.224  1.00 73.64 ? 76  PRO A CD  1 
ATOM   8    N N   . THR A 1 3   ? -19.864 -12.572 18.033  1.00 70.90 ? 77  THR A N   1 
ATOM   9    C CA  . THR A 1 3   ? -18.813 -11.919 17.240  1.00 69.20 ? 77  THR A CA  1 
ATOM   10   C C   . THR A 1 3   ? -17.502 -11.989 18.006  1.00 68.03 ? 77  THR A C   1 
ATOM   11   O O   . THR A 1 3   ? -17.335 -11.389 19.072  1.00 67.85 ? 77  THR A O   1 
ATOM   12   C CB  . THR A 1 3   ? -19.166 -10.446 16.856  1.00 69.22 ? 77  THR A CB  1 
ATOM   13   O OG1 . THR A 1 3   ? -20.098 -10.454 15.775  1.00 69.30 ? 77  THR A OG1 1 
ATOM   14   C CG2 . THR A 1 3   ? -17.937 -9.677  16.406  1.00 68.62 ? 77  THR A CG2 1 
ATOM   15   N N   . MET A 1 4   ? -16.577 -12.744 17.436  1.00 66.51 ? 78  MET A N   1 
ATOM   16   C CA  . MET A 1 4   ? -15.272 -12.977 18.017  1.00 64.71 ? 78  MET A CA  1 
ATOM   17   C C   . MET A 1 4   ? -14.570 -11.671 18.368  1.00 63.63 ? 78  MET A C   1 
ATOM   18   O O   . MET A 1 4   ? -14.654 -10.679 17.637  1.00 63.38 ? 78  MET A O   1 
ATOM   19   C CB  . MET A 1 4   ? -14.459 -13.766 17.021  1.00 64.60 ? 78  MET A CB  1 
ATOM   20   C CG  . MET A 1 4   ? -13.575 -14.735 17.667  1.00 64.63 ? 78  MET A CG  1 
ATOM   21   S SD  . MET A 1 4   ? -13.255 -16.046 16.507  1.00 64.53 ? 78  MET A SD  1 
ATOM   22   C CE  . MET A 1 4   ? -11.693 -16.592 17.187  1.00 64.55 ? 78  MET A CE  1 
ATOM   23   N N   . THR A 1 5   ? -13.891 -11.661 19.506  1.00 62.44 ? 79  THR A N   1 
ATOM   24   C CA  . THR A 1 5   ? -13.309 -10.405 20.013  1.00 60.98 ? 79  THR A CA  1 
ATOM   25   C C   . THR A 1 5   ? -12.152 -9.904  19.109  1.00 60.10 ? 79  THR A C   1 
ATOM   26   O O   . THR A 1 5   ? -11.937 -8.699  18.949  1.00 59.73 ? 79  THR A O   1 
ATOM   27   C CB  . THR A 1 5   ? -12.967 -10.465 21.548  1.00 60.82 ? 79  THR A CB  1 
ATOM   28   O OG1 . THR A 1 5   ? -11.871 -9.601  21.818  1.00 59.90 ? 79  THR A OG1 1 
ATOM   29   C CG2 . THR A 1 5   ? -12.620 -11.914 22.042  1.00 60.67 ? 79  THR A CG2 1 
ATOM   30   N N   . GLU A 1 6   ? -11.471 -10.859 18.477  1.00 58.93 ? 80  GLU A N   1 
ATOM   31   C CA  . GLU A 1 6   ? -10.405 -10.607 17.508  1.00 57.76 ? 80  GLU A CA  1 
ATOM   32   C C   . GLU A 1 6   ? -10.823 -9.876  16.227  1.00 57.03 ? 80  GLU A C   1 
ATOM   33   O O   . GLU A 1 6   ? -9.968  -9.333  15.534  1.00 57.19 ? 80  GLU A O   1 
ATOM   34   C CB  . GLU A 1 6   ? -9.759  -11.927 17.109  1.00 57.72 ? 80  GLU A CB  1 
ATOM   35   C CG  . GLU A 1 6   ? -8.847  -12.531 18.155  1.00 58.16 ? 80  GLU A CG  1 
ATOM   36   C CD  . GLU A 1 6   ? -9.576  -13.313 19.232  1.00 58.86 ? 80  GLU A CD  1 
ATOM   37   O OE1 . GLU A 1 6   ? -10.831 -13.385 19.219  1.00 59.37 ? 80  GLU A OE1 1 
ATOM   38   O OE2 . GLU A 1 6   ? -8.869  -13.862 20.102  1.00 58.62 ? 80  GLU A OE2 1 
ATOM   39   N N   . PHE A 1 7   ? -12.114 -9.881  15.897  1.00 55.92 ? 81  PHE A N   1 
ATOM   40   C CA  . PHE A 1 7   ? -12.608 -9.180  14.713  1.00 55.03 ? 81  PHE A CA  1 
ATOM   41   C C   . PHE A 1 7   ? -12.647 -7.671  14.932  1.00 55.25 ? 81  PHE A C   1 
ATOM   42   O O   . PHE A 1 7   ? -12.762 -7.216  16.073  1.00 55.63 ? 81  PHE A O   1 
ATOM   43   C CB  . PHE A 1 7   ? -13.997 -9.680  14.354  1.00 54.40 ? 81  PHE A CB  1 
ATOM   44   C CG  . PHE A 1 7   ? -14.584 -9.035  13.132  1.00 53.33 ? 81  PHE A CG  1 
ATOM   45   C CD1 . PHE A 1 7   ? -14.158 -9.399  11.862  1.00 52.51 ? 81  PHE A CD1 1 
ATOM   46   C CD2 . PHE A 1 7   ? -15.573 -8.073  13.249  1.00 52.61 ? 81  PHE A CD2 1 
ATOM   47   C CE1 . PHE A 1 7   ? -14.708 -8.807  10.726  1.00 52.09 ? 81  PHE A CE1 1 
ATOM   48   C CE2 . PHE A 1 7   ? -16.124 -7.478  12.119  1.00 52.25 ? 81  PHE A CE2 1 
ATOM   49   C CZ  . PHE A 1 7   ? -15.695 -7.850  10.859  1.00 52.22 ? 81  PHE A CZ  1 
ATOM   50   N N   . VAL A 1 8   ? -12.549 -6.899  13.848  1.00 55.13 ? 82  VAL A N   1 
ATOM   51   C CA  . VAL A 1 8   ? -12.584 -5.443  13.939  1.00 55.04 ? 82  VAL A CA  1 
ATOM   52   C C   . VAL A 1 8   ? -13.390 -4.729  12.820  1.00 55.33 ? 82  VAL A C   1 
ATOM   53   O O   . VAL A 1 8   ? -13.820 -3.609  13.043  1.00 56.03 ? 82  VAL A O   1 
ATOM   54   C CB  . VAL A 1 8   ? -11.139 -4.823  14.072  1.00 54.97 ? 82  VAL A CB  1 
ATOM   55   C CG1 . VAL A 1 8   ? -11.192 -3.419  14.645  1.00 54.84 ? 82  VAL A CG1 1 
ATOM   56   C CG2 . VAL A 1 8   ? -10.214 -5.673  14.945  1.00 53.94 ? 82  VAL A CG2 1 
ATOM   57   N N   . GLY A 1 9   ? -13.635 -5.373  11.669  1.00 55.42 ? 83  GLY A N   1 
ATOM   58   C CA  . GLY A 1 9   ? -14.117 -4.724  10.389  1.00 55.54 ? 83  GLY A CA  1 
ATOM   59   C C   . GLY A 1 9   ? -12.967 -5.075  9.464   1.00 56.05 ? 83  GLY A C   1 
ATOM   60   O O   . GLY A 1 9   ? -12.059 -5.723  9.974   1.00 56.65 ? 83  GLY A O   1 
ATOM   61   N N   . THR A 1 10  ? -12.880 -4.772  8.155   1.00 56.05 ? 84  THR A N   1 
ATOM   62   C CA  . THR A 1 10  ? -13.840 -4.475  7.060   1.00 55.87 ? 84  THR A CA  1 
ATOM   63   C C   . THR A 1 10  ? -13.698 -3.129  6.363   1.00 55.70 ? 84  THR A C   1 
ATOM   64   O O   . THR A 1 10  ? -14.046 -2.092  6.914   1.00 56.20 ? 84  THR A O   1 
ATOM   65   C CB  . THR A 1 10  ? -15.261 -5.000  7.221   1.00 56.02 ? 84  THR A CB  1 
ATOM   66   O OG1 . THR A 1 10  ? -15.169 -6.420  7.325   1.00 56.54 ? 84  THR A OG1 1 
ATOM   67   C CG2 . THR A 1 10  ? -16.112 -4.684  5.975   1.00 55.87 ? 84  THR A CG2 1 
ATOM   68   N N   . ALA A 1 11  ? -13.152 -3.178  5.144   1.00 55.08 ? 85  ALA A N   1 
ATOM   69   C CA  . ALA A 1 11  ? -13.094 -2.044  4.215   1.00 54.47 ? 85  ALA A CA  1 
ATOM   70   C C   . ALA A 1 11  ? -13.034 -2.577  2.778   1.00 54.14 ? 85  ALA A C   1 
ATOM   71   O O   . ALA A 1 11  ? -13.051 -3.788  2.572   1.00 54.10 ? 85  ALA A O   1 
ATOM   72   C CB  . ALA A 1 11  ? -11.899 -1.146  4.523   1.00 54.40 ? 85  ALA A CB  1 
ATOM   73   N N   . GLY A 1 12  ? -12.961 -1.678  1.794   1.00 53.83 ? 86  GLY A N   1 
ATOM   74   C CA  . GLY A 1 12  ? -12.934 -2.048  0.372   1.00 53.77 ? 86  GLY A CA  1 
ATOM   75   C C   . GLY A 1 12  ? -11.761 -2.919  -0.035  1.00 53.86 ? 86  GLY A C   1 
ATOM   76   O O   . GLY A 1 12  ? -10.858 -3.141  0.753   1.00 54.18 ? 86  GLY A O   1 
ATOM   77   N N   . GLY A 1 13  ? -11.753 -3.409  -1.273  1.00 54.12 ? 87  GLY A N   1 
ATOM   78   C CA  . GLY A 1 13  ? -10.910 -4.568  -1.610  1.00 54.40 ? 87  GLY A CA  1 
ATOM   79   C C   . GLY A 1 13  ? -11.556 -5.601  -0.725  1.00 54.66 ? 87  GLY A C   1 
ATOM   80   O O   . GLY A 1 13  ? -12.688 -5.384  -0.269  1.00 55.64 ? 87  GLY A O   1 
ATOM   81   N N   . ASP A 1 14  ? -10.919 -6.712  -0.424  1.00 54.18 ? 88  ASP A N   1 
ATOM   82   C CA  . ASP A 1 14  ? -11.585 -7.505  0.604   1.00 53.93 ? 88  ASP A CA  1 
ATOM   83   C C   . ASP A 1 14  ? -10.755 -7.409  1.849   1.00 53.51 ? 88  ASP A C   1 
ATOM   84   O O   . ASP A 1 14  ? -10.018 -8.329  2.188   1.00 53.79 ? 88  ASP A O   1 
ATOM   85   C CB  . ASP A 1 14  ? -11.891 -8.947  0.172   1.00 54.13 ? 88  ASP A CB  1 
ATOM   86   C CG  . ASP A 1 14  ? -13.091 -9.040  -0.764  1.00 54.92 ? 88  ASP A CG  1 
ATOM   87   O OD1 . ASP A 1 14  ? -13.927 -8.116  -0.786  1.00 56.61 ? 88  ASP A OD1 1 
ATOM   88   O OD2 . ASP A 1 14  ? -13.204 -10.042 -1.489  1.00 56.47 ? 88  ASP A OD2 1 
ATOM   89   N N   . THR A 1 15  ? -10.833 -6.266  2.515   1.00 52.77 ? 89  THR A N   1 
ATOM   90   C CA  . THR A 1 15  ? -9.941  -6.076  3.638   1.00 52.11 ? 89  THR A CA  1 
ATOM   91   C C   . THR A 1 15  ? -10.595 -6.315  4.989   1.00 51.83 ? 89  THR A C   1 
ATOM   92   O O   . THR A 1 15  ? -11.736 -5.913  5.195   1.00 51.83 ? 89  THR A O   1 
ATOM   93   C CB  . THR A 1 15  ? -9.061  -4.780  3.546   1.00 52.04 ? 89  THR A CB  1 
ATOM   94   O OG1 . THR A 1 15  ? -8.946  -4.177  4.836   1.00 53.05 ? 89  THR A OG1 1 
ATOM   95   C CG2 . THR A 1 15  ? -9.606  -3.793  2.589   1.00 50.67 ? 89  THR A CG2 1 
ATOM   96   N N   . VAL A 1 16  ? -9.878  -7.018  5.868   1.00 51.47 ? 90  VAL A N   1 
ATOM   97   C CA  . VAL A 1 16  ? -10.252 -7.150  7.275   1.00 51.42 ? 90  VAL A CA  1 
ATOM   98   C C   . VAL A 1 16  ? -9.241  -6.528  8.201   1.00 51.43 ? 90  VAL A C   1 
ATOM   99   O O   . VAL A 1 16  ? -8.038  -6.513  7.912   1.00 51.69 ? 90  VAL A O   1 
ATOM   100  C CB  . VAL A 1 16  ? -10.335 -8.600  7.775   1.00 51.30 ? 90  VAL A CB  1 
ATOM   101  C CG1 . VAL A 1 16  ? -11.742 -8.936  8.162   1.00 51.65 ? 90  VAL A CG1 1 
ATOM   102  C CG2 . VAL A 1 16  ? -9.720  -9.573  6.797   1.00 51.24 ? 90  VAL A CG2 1 
ATOM   103  N N   . GLY A 1 17  ? -9.747  -6.051  9.332   1.00 51.09 ? 91  GLY A N   1 
ATOM   104  C CA  . GLY A 1 17  ? -8.929  -5.654  10.453  1.00 51.00 ? 91  GLY A CA  1 
ATOM   105  C C   . GLY A 1 17  ? -9.104  -6.689  11.537  1.00 50.91 ? 91  GLY A C   1 
ATOM   106  O O   . GLY A 1 17  ? -10.225 -7.047  11.882  1.00 51.02 ? 91  GLY A O   1 
ATOM   107  N N   . LEU A 1 18  ? -7.993  -7.187  12.056  1.00 50.87 ? 92  LEU A N   1 
ATOM   108  C CA  . LEU A 1 18  ? -8.014  -8.199  13.097  1.00 50.83 ? 92  LEU A CA  1 
ATOM   109  C C   . LEU A 1 18  ? -7.042  -7.817  14.182  1.00 51.16 ? 92  LEU A C   1 
ATOM   110  O O   . LEU A 1 18  ? -6.091  -7.064  13.947  1.00 51.44 ? 92  LEU A O   1 
ATOM   111  C CB  . LEU A 1 18  ? -7.620  -9.559  12.532  1.00 50.63 ? 92  LEU A CB  1 
ATOM   112  C CG  . LEU A 1 18  ? -8.492  -10.114 11.414  1.00 50.30 ? 92  LEU A CG  1 
ATOM   113  C CD1 . LEU A 1 18  ? -7.773  -11.232 10.707  1.00 49.59 ? 92  LEU A CD1 1 
ATOM   114  C CD2 . LEU A 1 18  ? -9.808  -10.592 11.976  1.00 49.93 ? 92  LEU A CD2 1 
ATOM   115  N N   . VAL A 1 19  ? -7.275  -8.345  15.373  1.00 51.45 ? 93  VAL A N   1 
ATOM   116  C CA  . VAL A 1 19  ? -6.400  -8.098  16.501  1.00 51.88 ? 93  VAL A CA  1 
ATOM   117  C C   . VAL A 1 19  ? -6.201  -9.409  17.241  1.00 52.16 ? 93  VAL A C   1 
ATOM   118  O O   . VAL A 1 19  ? -7.167  -10.125 17.459  1.00 52.52 ? 93  VAL A O   1 
ATOM   119  C CB  . VAL A 1 19  ? -7.022  -7.043  17.423  1.00 51.76 ? 93  VAL A CB  1 
ATOM   120  C CG1 . VAL A 1 19  ? -6.455  -7.135  18.793  1.00 52.16 ? 93  VAL A CG1 1 
ATOM   121  C CG2 . VAL A 1 19  ? -6.769  -5.663  16.864  1.00 52.16 ? 93  VAL A CG2 1 
ATOM   122  N N   . ILE A 1 20  ? -4.966  -9.754  17.591  1.00 52.31 ? 94  ILE A N   1 
ATOM   123  C CA  . ILE A 1 20  ? -4.751  -10.877 18.499  1.00 52.68 ? 94  ILE A CA  1 
ATOM   124  C C   . ILE A 1 20  ? -4.091  -10.375 19.772  1.00 53.60 ? 94  ILE A C   1 
ATOM   125  O O   . ILE A 1 20  ? -3.051  -9.721  19.729  1.00 53.54 ? 94  ILE A O   1 
ATOM   126  C CB  . ILE A 1 20  ? -3.955  -12.041 17.869  1.00 52.64 ? 94  ILE A CB  1 
ATOM   127  C CG1 . ILE A 1 20  ? -4.775  -12.697 16.755  1.00 52.06 ? 94  ILE A CG1 1 
ATOM   128  C CG2 . ILE A 1 20  ? -3.550  -13.078 18.945  1.00 51.93 ? 94  ILE A CG2 1 
ATOM   129  C CD1 . ILE A 1 20  ? -4.072  -13.835 16.016  1.00 52.12 ? 94  ILE A CD1 1 
ATOM   130  N N   . ALA A 1 21  ? -4.719  -10.691 20.901  1.00 54.71 ? 95  ALA A N   1 
ATOM   131  C CA  . ALA A 1 21  ? -4.324  -10.160 22.203  1.00 55.33 ? 95  ALA A CA  1 
ATOM   132  C C   . ALA A 1 21  ? -2.972  -10.676 22.684  1.00 55.65 ? 95  ALA A C   1 
ATOM   133  O O   . ALA A 1 21  ? -2.100  -9.891  23.080  1.00 55.75 ? 95  ALA A O   1 
ATOM   134  C CB  . ALA A 1 21  ? -5.400  -10.457 23.228  1.00 55.66 ? 95  ALA A CB  1 
ATOM   135  N N   . ASN A 1 22  ? -2.799  -11.991 22.640  1.00 55.83 ? 96  ASN A N   1 
ATOM   136  C CA  . ASN A 1 22  ? -1.596  -12.600 23.165  1.00 56.25 ? 96  ASN A CA  1 
ATOM   137  C C   . ASN A 1 22  ? -1.099  -13.736 22.303  1.00 56.13 ? 96  ASN A C   1 
ATOM   138  O O   . ASN A 1 22  ? -1.380  -14.897 22.587  1.00 56.63 ? 96  ASN A O   1 
ATOM   139  C CB  . ASN A 1 22  ? -1.858  -13.098 24.579  1.00 56.79 ? 96  ASN A CB  1 
ATOM   140  C CG  . ASN A 1 22  ? -1.180  -12.248 25.624  1.00 58.14 ? 96  ASN A CG  1 
ATOM   141  O OD1 . ASN A 1 22  ? -1.826  -11.484 26.346  1.00 59.35 ? 96  ASN A OD1 1 
ATOM   142  N ND2 . ASN A 1 22  ? 0.138   -12.371 25.707  1.00 58.88 ? 96  ASN A ND2 1 
ATOM   143  N N   . VAL A 1 23  ? -0.347  -13.406 21.257  1.00 55.72 ? 97  VAL A N   1 
ATOM   144  C CA  . VAL A 1 23  ? 0.011   -14.387 20.231  1.00 55.07 ? 97  VAL A CA  1 
ATOM   145  C C   . VAL A 1 23  ? 0.758   -15.555 20.849  1.00 54.80 ? 97  VAL A C   1 
ATOM   146  O O   . VAL A 1 23  ? 1.660   -15.355 21.656  1.00 54.48 ? 97  VAL A O   1 
ATOM   147  C CB  . VAL A 1 23  ? 0.840   -13.745 19.094  1.00 55.12 ? 97  VAL A CB  1 
ATOM   148  C CG1 . VAL A 1 23  ? 1.218   -14.779 18.028  1.00 54.73 ? 97  VAL A CG1 1 
ATOM   149  C CG2 . VAL A 1 23  ? 0.074   -12.596 18.469  1.00 54.79 ? 97  VAL A CG2 1 
ATOM   150  N N   . ASP A 1 24  ? 0.359   -16.770 20.482  1.00 54.67 ? 98  ASP A N   1 
ATOM   151  C CA  . ASP A 1 24  ? 1.028   -17.963 20.980  1.00 54.90 ? 98  ASP A CA  1 
ATOM   152  C C   . ASP A 1 24  ? 2.520   -17.876 20.734  1.00 54.56 ? 98  ASP A C   1 
ATOM   153  O O   . ASP A 1 24  ? 2.948   -17.497 19.648  1.00 54.83 ? 98  ASP A O   1 
ATOM   154  C CB  . ASP A 1 24  ? 0.465   -19.228 20.341  1.00 55.13 ? 98  ASP A CB  1 
ATOM   155  C CG  . ASP A 1 24  ? 0.904   -20.485 21.077  1.00 56.71 ? 98  ASP A CG  1 
ATOM   156  O OD1 . ASP A 1 24  ? 0.082   -21.027 21.862  1.00 58.13 ? 98  ASP A OD1 1 
ATOM   157  O OD2 . ASP A 1 24  ? 2.076   -20.908 20.897  1.00 57.69 ? 98  ASP A OD2 1 
ATOM   158  N N   . SER A 1 25  ? 3.307   -18.235 21.741  1.00 54.32 ? 99  SER A N   1 
ATOM   159  C CA  . SER A 1 25  ? 4.753   -18.033 21.689  1.00 54.20 ? 99  SER A CA  1 
ATOM   160  C C   . SER A 1 25  ? 5.464   -18.822 20.573  1.00 53.76 ? 99  SER A C   1 
ATOM   161  O O   . SER A 1 25  ? 6.559   -18.454 20.133  1.00 53.50 ? 99  SER A O   1 
ATOM   162  C CB  . SER A 1 25  ? 5.374   -18.326 23.049  1.00 54.28 ? 99  SER A CB  1 
ATOM   163  O OG  . SER A 1 25  ? 5.432   -19.719 23.262  1.00 55.59 ? 99  SER A OG  1 
ATOM   164  N N   . LEU A 1 26  ? 4.834   -19.897 20.114  1.00 53.43 ? 100 LEU A N   1 
ATOM   165  C CA  . LEU A 1 26  ? 5.359   -20.661 18.983  1.00 53.24 ? 100 LEU A CA  1 
ATOM   166  C C   . LEU A 1 26  ? 5.407   -19.847 17.683  1.00 53.10 ? 100 LEU A C   1 
ATOM   167  O O   . LEU A 1 26  ? 6.165   -20.172 16.771  1.00 53.31 ? 100 LEU A O   1 
ATOM   168  C CB  . LEU A 1 26  ? 4.548   -21.942 18.775  1.00 53.19 ? 100 LEU A CB  1 
ATOM   169  C CG  . LEU A 1 26  ? 4.721   -23.047 19.814  1.00 52.74 ? 100 LEU A CG  1 
ATOM   170  C CD1 . LEU A 1 26  ? 3.587   -24.046 19.698  1.00 52.31 ? 100 LEU A CD1 1 
ATOM   171  C CD2 . LEU A 1 26  ? 6.062   -23.733 19.646  1.00 52.60 ? 100 LEU A CD2 1 
ATOM   172  N N   . LEU A 1 27  ? 4.605   -18.791 17.606  1.00 52.67 ? 101 LEU A N   1 
ATOM   173  C CA  . LEU A 1 27  ? 4.569   -17.938 16.426  1.00 52.50 ? 101 LEU A CA  1 
ATOM   174  C C   . LEU A 1 27  ? 5.464   -16.706 16.551  1.00 52.67 ? 101 LEU A C   1 
ATOM   175  O O   . LEU A 1 27  ? 5.615   -15.940 15.588  1.00 52.69 ? 101 LEU A O   1 
ATOM   176  C CB  . LEU A 1 27  ? 3.138   -17.486 16.160  1.00 52.34 ? 101 LEU A CB  1 
ATOM   177  C CG  . LEU A 1 27  ? 2.140   -18.523 15.665  1.00 52.01 ? 101 LEU A CG  1 
ATOM   178  C CD1 . LEU A 1 27  ? 0.742   -17.948 15.710  1.00 51.73 ? 101 LEU A CD1 1 
ATOM   179  C CD2 . LEU A 1 27  ? 2.489   -18.981 14.262  1.00 51.26 ? 101 LEU A CD2 1 
ATOM   180  N N   . HIS A 1 28  ? 6.037   -16.509 17.741  1.00 52.69 ? 102 HIS A N   1 
ATOM   181  C CA  . HIS A 1 28  ? 6.822   -15.314 18.046  1.00 52.37 ? 102 HIS A CA  1 
ATOM   182  C C   . HIS A 1 28  ? 8.040   -15.215 17.158  1.00 52.61 ? 102 HIS A C   1 
ATOM   183  O O   . HIS A 1 28  ? 8.321   -14.161 16.619  1.00 52.35 ? 102 HIS A O   1 
ATOM   184  C CB  . HIS A 1 28  ? 7.251   -15.313 19.508  1.00 52.09 ? 102 HIS A CB  1 
ATOM   185  C CG  . HIS A 1 28  ? 6.149   -14.992 20.464  1.00 51.14 ? 102 HIS A CG  1 
ATOM   186  N ND1 . HIS A 1 28  ? 6.386   -14.646 21.776  1.00 50.60 ? 102 HIS A ND1 1 
ATOM   187  C CD2 . HIS A 1 28  ? 4.807   -14.955 20.301  1.00 50.03 ? 102 HIS A CD2 1 
ATOM   188  C CE1 . HIS A 1 28  ? 5.236   -14.419 22.383  1.00 49.58 ? 102 HIS A CE1 1 
ATOM   189  N NE2 . HIS A 1 28  ? 4.263   -14.598 21.509  1.00 49.31 ? 102 HIS A NE2 1 
ATOM   190  N N   . LYS A 1 29  ? 8.757   -16.324 17.018  1.00 53.30 ? 103 LYS A N   1 
ATOM   191  C CA  . LYS A 1 29  ? 9.917   -16.413 16.143  1.00 54.32 ? 103 LYS A CA  1 
ATOM   192  C C   . LYS A 1 29  ? 9.585   -15.932 14.729  1.00 54.16 ? 103 LYS A C   1 
ATOM   193  O O   . LYS A 1 29  ? 10.394  -15.270 14.100  1.00 54.24 ? 103 LYS A O   1 
ATOM   194  C CB  . LYS A 1 29  ? 10.431  -17.863 16.130  1.00 54.38 ? 103 LYS A CB  1 
ATOM   195  C CG  . LYS A 1 29  ? 11.425  -18.238 14.996  1.00 55.90 ? 103 LYS A CG  1 
ATOM   196  C CD  . LYS A 1 29  ? 12.287  -19.506 15.337  1.00 55.99 ? 103 LYS A CD  1 
ATOM   197  C CE  . LYS A 1 29  ? 11.510  -20.854 15.261  1.00 57.15 ? 103 LYS A CE  1 
ATOM   198  N NZ  . LYS A 1 29  ? 10.313  -20.904 16.169  1.00 57.01 ? 103 LYS A NZ  1 
ATOM   199  N N   . HIS A 1 30  ? 8.387   -16.251 14.250  1.00 54.28 ? 104 HIS A N   1 
ATOM   200  C CA  . HIS A 1 30  ? 8.018   -15.996 12.867  1.00 54.44 ? 104 HIS A CA  1 
ATOM   201  C C   . HIS A 1 30  ? 7.565   -14.584 12.611  1.00 54.63 ? 104 HIS A C   1 
ATOM   202  O O   . HIS A 1 30  ? 7.793   -14.062 11.535  1.00 54.97 ? 104 HIS A O   1 
ATOM   203  C CB  . HIS A 1 30  ? 6.957   -16.976 12.412  1.00 54.48 ? 104 HIS A CB  1 
ATOM   204  C CG  . HIS A 1 30  ? 7.418   -18.395 12.444  1.00 55.86 ? 104 HIS A CG  1 
ATOM   205  N ND1 . HIS A 1 30  ? 8.267   -18.919 11.493  1.00 56.58 ? 104 HIS A ND1 1 
ATOM   206  C CD2 . HIS A 1 30  ? 7.177   -19.392 13.326  1.00 56.96 ? 104 HIS A CD2 1 
ATOM   207  C CE1 . HIS A 1 30  ? 8.515   -20.185 11.780  1.00 57.23 ? 104 HIS A CE1 1 
ATOM   208  N NE2 . HIS A 1 30  ? 7.864   -20.498 12.886  1.00 57.48 ? 104 HIS A NE2 1 
ATOM   209  N N   . LEU A 1 31  ? 6.892   -13.974 13.574  1.00 55.00 ? 105 LEU A N   1 
ATOM   210  C CA  . LEU A 1 31  ? 6.610   -12.544 13.511  1.00 55.12 ? 105 LEU A CA  1 
ATOM   211  C C   . LEU A 1 31  ? 7.707   -11.871 14.308  1.00 55.78 ? 105 LEU A C   1 
ATOM   212  O O   . LEU A 1 31  ? 8.554   -12.549 14.884  1.00 56.04 ? 105 LEU A O   1 
ATOM   213  C CB  . LEU A 1 31  ? 5.240   -12.252 14.097  1.00 54.76 ? 105 LEU A CB  1 
ATOM   214  C CG  . LEU A 1 31  ? 4.145   -13.102 13.453  1.00 53.98 ? 105 LEU A CG  1 
ATOM   215  C CD1 . LEU A 1 31  ? 2.969   -13.219 14.374  1.00 54.04 ? 105 LEU A CD1 1 
ATOM   216  C CD2 . LEU A 1 31  ? 3.720   -12.551 12.107  1.00 52.95 ? 105 LEU A CD2 1 
ATOM   217  N N   . GLY A 1 32  ? 7.729   -10.550 14.358  1.00 56.42 ? 106 GLY A N   1 
ATOM   218  C CA  . GLY A 1 32  ? 8.828   -9.902  15.079  1.00 57.32 ? 106 GLY A CA  1 
ATOM   219  C C   . GLY A 1 32  ? 8.858   -10.106 16.593  1.00 57.62 ? 106 GLY A C   1 
ATOM   220  O O   . GLY A 1 32  ? 9.647   -9.466  17.268  1.00 57.78 ? 106 GLY A O   1 
ATOM   221  N N   . LEU A 1 33  ? 8.042   -11.015 17.122  1.00 58.07 ? 107 LEU A N   1 
ATOM   222  C CA  . LEU A 1 33  ? 7.546   -10.890 18.505  1.00 58.76 ? 107 LEU A CA  1 
ATOM   223  C C   . LEU A 1 33  ? 8.429   -11.414 19.624  1.00 59.82 ? 107 LEU A C   1 
ATOM   224  O O   . LEU A 1 33  ? 9.296   -12.258 19.417  1.00 60.04 ? 107 LEU A O   1 
ATOM   225  C CB  . LEU A 1 33  ? 6.146   -11.496 18.634  1.00 58.23 ? 107 LEU A CB  1 
ATOM   226  C CG  . LEU A 1 33  ? 5.112   -11.033 17.608  1.00 57.56 ? 107 LEU A CG  1 
ATOM   227  C CD1 . LEU A 1 33  ? 3.783   -11.708 17.825  1.00 56.22 ? 107 LEU A CD1 1 
ATOM   228  C CD2 . LEU A 1 33  ? 4.951   -9.532  17.642  1.00 57.17 ? 107 LEU A CD2 1 
ATOM   229  N N   . ASP A 1 34  ? 8.197   -10.882 20.819  1.00 61.10 ? 108 ASP A N   1 
ATOM   230  C CA  . ASP A 1 34  ? 8.811   -11.391 22.040  1.00 62.39 ? 108 ASP A CA  1 
ATOM   231  C C   . ASP A 1 34  ? 7.802   -11.238 23.169  1.00 63.01 ? 108 ASP A C   1 
ATOM   232  O O   . ASP A 1 34  ? 6.693   -10.763 22.954  1.00 62.68 ? 108 ASP A O   1 
ATOM   233  C CB  . ASP A 1 34  ? 10.126  -10.667 22.367  1.00 62.48 ? 108 ASP A CB  1 
ATOM   234  C CG  . ASP A 1 34  ? 9.909   -9.252  22.866  1.00 63.49 ? 108 ASP A CG  1 
ATOM   235  O OD1 . ASP A 1 34  ? 10.368  -8.319  22.177  1.00 64.89 ? 108 ASP A OD1 1 
ATOM   236  O OD2 . ASP A 1 34  ? 9.269   -9.068  23.928  1.00 63.73 ? 108 ASP A OD2 1 
ATOM   237  N N   . ASN A 1 35  ? 8.197   -11.616 24.376  1.00 64.20 ? 109 ASN A N   1 
ATOM   238  C CA  . ASN A 1 35  ? 7.229   -11.729 25.450  1.00 65.43 ? 109 ASN A CA  1 
ATOM   239  C C   . ASN A 1 35  ? 6.724   -10.407 26.056  1.00 65.57 ? 109 ASN A C   1 
ATOM   240  O O   . ASN A 1 35  ? 5.613   -10.342 26.594  1.00 65.40 ? 109 ASN A O   1 
ATOM   241  C CB  . ASN A 1 35  ? 7.709   -12.704 26.516  1.00 65.79 ? 109 ASN A CB  1 
ATOM   242  C CG  . ASN A 1 35  ? 6.560   -13.487 27.102  1.00 68.03 ? 109 ASN A CG  1 
ATOM   243  O OD1 . ASN A 1 35  ? 6.125   -13.216 28.225  1.00 71.05 ? 109 ASN A OD1 1 
ATOM   244  N ND2 . ASN A 1 35  ? 6.009   -14.424 26.318  1.00 68.78 ? 109 ASN A ND2 1 
ATOM   245  N N   . THR A 1 36  ? 7.536   -9.358  25.949  1.00 65.83 ? 110 THR A N   1 
ATOM   246  C CA  . THR A 1 36  ? 7.140   -8.017  26.384  1.00 65.88 ? 110 THR A CA  1 
ATOM   247  C C   . THR A 1 36  ? 6.256   -7.369  25.322  1.00 65.43 ? 110 THR A C   1 
ATOM   248  O O   . THR A 1 36  ? 5.730   -6.279  25.525  1.00 65.68 ? 110 THR A O   1 
ATOM   249  C CB  . THR A 1 36  ? 8.376   -7.098  26.644  1.00 66.26 ? 110 THR A CB  1 
ATOM   250  O OG1 . THR A 1 36  ? 8.855   -6.541  25.402  1.00 66.53 ? 110 THR A OG1 1 
ATOM   251  C CG2 . THR A 1 36  ? 9.520   -7.877  27.358  1.00 66.91 ? 110 THR A CG2 1 
ATOM   252  N N   . CYS A 1 37  ? 6.108   -8.042  24.182  1.00 64.75 ? 111 CYS A N   1 
ATOM   253  C CA  . CYS A 1 37  ? 5.402   -7.480  23.031  1.00 64.11 ? 111 CYS A CA  1 
ATOM   254  C C   . CYS A 1 37  ? 4.765   -8.582  22.170  1.00 63.47 ? 111 CYS A C   1 
ATOM   255  O O   . CYS A 1 37  ? 5.374   -9.059  21.205  1.00 63.49 ? 111 CYS A O   1 
ATOM   256  C CB  . CYS A 1 37  ? 6.376   -6.641  22.196  1.00 64.10 ? 111 CYS A CB  1 
ATOM   257  S SG  . CYS A 1 37  ? 5.635   -5.923  20.730  1.00 64.34 ? 111 CYS A SG  1 
ATOM   258  N N   . ARG A 1 38  ? 3.551   -8.994  22.523  1.00 62.48 ? 112 ARG A N   1 
ATOM   259  C CA  . ARG A 1 38  ? 2.929   -10.120 21.839  1.00 61.71 ? 112 ARG A CA  1 
ATOM   260  C C   . ARG A 1 38  ? 1.504   -9.869  21.424  1.00 60.81 ? 112 ARG A C   1 
ATOM   261  O O   . ARG A 1 38  ? 0.723   -10.813 21.318  1.00 61.24 ? 112 ARG A O   1 
ATOM   262  C CB  . ARG A 1 38  ? 2.957   -11.400 22.684  1.00 61.91 ? 112 ARG A CB  1 
ATOM   263  C CG  . ARG A 1 38  ? 3.768   -11.324 23.939  1.00 63.80 ? 112 ARG A CG  1 
ATOM   264  C CD  . ARG A 1 38  ? 2.880   -11.286 25.162  1.00 66.77 ? 112 ARG A CD  1 
ATOM   265  N NE  . ARG A 1 38  ? 3.001   -12.516 25.952  1.00 68.44 ? 112 ARG A NE  1 
ATOM   266  C CZ  . ARG A 1 38  ? 2.680   -12.617 27.244  1.00 69.19 ? 112 ARG A CZ  1 
ATOM   267  N NH1 . ARG A 1 38  ? 2.207   -11.564 27.912  1.00 69.25 ? 112 ARG A NH1 1 
ATOM   268  N NH2 . ARG A 1 38  ? 2.831   -13.774 27.872  1.00 69.29 ? 112 ARG A NH2 1 
ATOM   269  N N   . SER A 1 39  ? 1.139   -8.620  21.192  1.00 59.31 ? 113 SER A N   1 
ATOM   270  C CA  . SER A 1 39  ? -0.177  -8.381  20.647  1.00 58.15 ? 113 SER A CA  1 
ATOM   271  C C   . SER A 1 39  ? -0.076  -7.800  19.248  1.00 57.01 ? 113 SER A C   1 
ATOM   272  O O   . SER A 1 39  ? 0.832   -7.037  18.936  1.00 56.90 ? 113 SER A O   1 
ATOM   273  C CB  . SER A 1 39  ? -1.044  -7.546  21.584  1.00 58.20 ? 113 SER A CB  1 
ATOM   274  O OG  . SER A 1 39  ? -0.446  -6.300  21.832  1.00 59.82 ? 113 SER A OG  1 
ATOM   275  N N   . ILE A 1 40  ? -1.037  -8.174  18.419  1.00 55.70 ? 114 ILE A N   1 
ATOM   276  C CA  . ILE A 1 40  ? -0.922  -8.094  16.981  1.00 54.44 ? 114 ILE A CA  1 
ATOM   277  C C   . ILE A 1 40  ? -2.118  -7.353  16.399  1.00 53.49 ? 114 ILE A C   1 
ATOM   278  O O   . ILE A 1 40  ? -3.253  -7.499  16.867  1.00 53.39 ? 114 ILE A O   1 
ATOM   279  C CB  . ILE A 1 40  ? -0.717  -9.557  16.402  1.00 54.75 ? 114 ILE A CB  1 
ATOM   280  C CG1 . ILE A 1 40  ? 0.764   -9.893  16.345  1.00 55.42 ? 114 ILE A CG1 1 
ATOM   281  C CG2 . ILE A 1 40  ? -1.307  -9.796  15.033  1.00 54.66 ? 114 ILE A CG2 1 
ATOM   282  C CD1 . ILE A 1 40  ? 1.656   -8.679  16.240  1.00 56.30 ? 114 ILE A CD1 1 
ATOM   283  N N   . GLY A 1 41  ? -1.843  -6.522  15.404  1.00 52.31 ? 115 GLY A N   1 
ATOM   284  C CA  . GLY A 1 41  ? -2.891  -5.895  14.616  1.00 51.20 ? 115 GLY A CA  1 
ATOM   285  C C   . GLY A 1 41  ? -2.686  -6.278  13.163  1.00 50.56 ? 115 GLY A C   1 
ATOM   286  O O   . GLY A 1 41  ? -1.566  -6.204  12.650  1.00 50.71 ? 115 GLY A O   1 
ATOM   287  N N   . ILE A 1 42  ? -3.758  -6.698  12.497  1.00 49.50 ? 116 ILE A N   1 
ATOM   288  C CA  . ILE A 1 42  ? -3.656  -7.191  11.130  1.00 48.35 ? 116 ILE A CA  1 
ATOM   289  C C   . ILE A 1 42  ? -4.521  -6.394  10.166  1.00 47.99 ? 116 ILE A C   1 
ATOM   290  O O   . ILE A 1 42  ? -5.683  -6.112  10.445  1.00 47.74 ? 116 ILE A O   1 
ATOM   291  C CB  . ILE A 1 42  ? -4.051  -8.686  11.041  1.00 48.32 ? 116 ILE A CB  1 
ATOM   292  C CG1 . ILE A 1 42  ? -3.110  -9.543  11.892  1.00 47.30 ? 116 ILE A CG1 1 
ATOM   293  C CG2 . ILE A 1 42  ? -4.074  -9.158  9.575   1.00 48.08 ? 116 ILE A CG2 1 
ATOM   294  C CD1 . ILE A 1 42  ? -3.673  -10.884 12.287  1.00 45.65 ? 116 ILE A CD1 1 
ATOM   295  N N   . ILE A 1 43  ? -3.935  -6.022  9.033   1.00 47.59 ? 117 ILE A N   1 
ATOM   296  C CA  . ILE A 1 43  ? -4.704  -5.553  7.886   1.00 46.98 ? 117 ILE A CA  1 
ATOM   297  C C   . ILE A 1 43  ? -4.410  -6.537  6.773   1.00 46.82 ? 117 ILE A C   1 
ATOM   298  O O   . ILE A 1 43  ? -3.256  -6.710  6.386   1.00 46.76 ? 117 ILE A O   1 
ATOM   299  C CB  . ILE A 1 43  ? -4.341  -4.105  7.455   1.00 46.79 ? 117 ILE A CB  1 
ATOM   300  C CG1 . ILE A 1 43  ? -4.479  -3.126  8.625   1.00 46.56 ? 117 ILE A CG1 1 
ATOM   301  C CG2 . ILE A 1 43  ? -5.224  -3.653  6.312   1.00 46.12 ? 117 ILE A CG2 1 
ATOM   302  C CD1 . ILE A 1 43  ? -5.909  -2.939  9.114   1.00 47.84 ? 117 ILE A CD1 1 
ATOM   303  N N   . SER A 1 44  ? -5.455  -7.199  6.290   1.00 46.62 ? 118 SER A N   1 
ATOM   304  C CA  . SER A 1 44  ? -5.321  -8.224  5.267   1.00 46.85 ? 118 SER A CA  1 
ATOM   305  C C   . SER A 1 44  ? -6.368  -7.976  4.190   1.00 46.54 ? 118 SER A C   1 
ATOM   306  O O   . SER A 1 44  ? -7.524  -7.726  4.520   1.00 46.97 ? 118 SER A O   1 
ATOM   307  C CB  . SER A 1 44  ? -5.517  -9.610  5.892   1.00 46.94 ? 118 SER A CB  1 
ATOM   308  O OG  . SER A 1 44  ? -5.114  -10.649 5.006   1.00 48.41 ? 118 SER A OG  1 
ATOM   309  N N   . ALA A 1 45  ? -5.981  -8.038  2.916   1.00 45.89 ? 119 ALA A N   1 
ATOM   310  C CA  . ALA A 1 45  ? -6.930  -7.787  1.827   1.00 45.50 ? 119 ALA A CA  1 
ATOM   311  C C   . ALA A 1 45  ? -6.655  -8.578  0.563   1.00 45.51 ? 119 ALA A C   1 
ATOM   312  O O   . ALA A 1 45  ? -5.508  -8.967  0.289   1.00 45.72 ? 119 ALA A O   1 
ATOM   313  C CB  . ALA A 1 45  ? -6.984  -6.321  1.493   1.00 45.43 ? 119 ALA A CB  1 
ATOM   314  N N   . ARG A 1 46  ? -7.713  -8.793  -0.214  1.00 45.02 ? 120 ARG A N   1 
ATOM   315  C CA  . ARG A 1 46  ? -7.596  -9.521  -1.462  1.00 44.66 ? 120 ARG A CA  1 
ATOM   316  C C   . ARG A 1 46  ? -7.136  -8.588  -2.560  1.00 44.64 ? 120 ARG A C   1 
ATOM   317  O O   . ARG A 1 46  ? -6.344  -8.980  -3.409  1.00 44.67 ? 120 ARG A O   1 
ATOM   318  C CB  . ARG A 1 46  ? -8.927  -10.167 -1.854  1.00 44.69 ? 120 ARG A CB  1 
ATOM   319  C CG  . ARG A 1 46  ? -9.506  -11.138 -0.814  1.00 44.21 ? 120 ARG A CG  1 
ATOM   320  C CD  . ARG A 1 46  ? -8.665  -12.396 -0.640  1.00 43.10 ? 120 ARG A CD  1 
ATOM   321  N NE  . ARG A 1 46  ? -8.329  -13.027 -1.920  1.00 41.53 ? 120 ARG A NE  1 
ATOM   322  C CZ  . ARG A 1 46  ? -9.183  -13.684 -2.697  1.00 39.68 ? 120 ARG A CZ  1 
ATOM   323  N NH1 . ARG A 1 46  ? -10.456 -13.810 -2.347  1.00 39.24 ? 120 ARG A NH1 1 
ATOM   324  N NH2 . ARG A 1 46  ? -8.756  -14.211 -3.835  1.00 38.99 ? 120 ARG A NH2 1 
ATOM   325  N N   . VAL A 1 47  ? -7.622  -7.348  -2.542  1.00 44.68 ? 121 VAL A N   1 
ATOM   326  C CA  . VAL A 1 47  ? -7.339  -6.416  -3.641  1.00 44.47 ? 121 VAL A CA  1 
ATOM   327  C C   . VAL A 1 47  ? -6.556  -5.165  -3.223  1.00 44.65 ? 121 VAL A C   1 
ATOM   328  O O   . VAL A 1 47  ? -7.026  -4.350  -2.426  1.00 44.26 ? 121 VAL A O   1 
ATOM   329  C CB  . VAL A 1 47  ? -8.632  -6.032  -4.436  1.00 44.41 ? 121 VAL A CB  1 
ATOM   330  C CG1 . VAL A 1 47  ? -8.326  -4.992  -5.521  1.00 44.01 ? 121 VAL A CG1 1 
ATOM   331  C CG2 . VAL A 1 47  ? -9.279  -7.273  -5.046  1.00 43.17 ? 121 VAL A CG2 1 
ATOM   332  N N   . GLY A 1 48  ? -5.357  -5.031  -3.789  1.00 45.01 ? 122 GLY A N   1 
ATOM   333  C CA  . GLY A 1 48  ? -4.532  -3.834  -3.618  1.00 45.45 ? 122 GLY A CA  1 
ATOM   334  C C   . GLY A 1 48  ? -3.493  -4.011  -2.533  1.00 45.58 ? 122 GLY A C   1 
ATOM   335  O O   . GLY A 1 48  ? -3.494  -5.018  -1.825  1.00 45.51 ? 122 GLY A O   1 
ATOM   336  N N   . ALA A 1 49  ? -2.604  -3.025  -2.410  1.00 45.76 ? 123 ALA A N   1 
ATOM   337  C CA  . ALA A 1 49  ? -1.563  -3.034  -1.385  1.00 45.70 ? 123 ALA A CA  1 
ATOM   338  C C   . ALA A 1 49  ? -1.094  -1.630  -1.011  1.00 45.91 ? 123 ALA A C   1 
ATOM   339  O O   . ALA A 1 49  ? -1.036  -1.315  0.182   1.00 45.88 ? 123 ALA A O   1 
ATOM   340  C CB  . ALA A 1 49  ? -0.386  -3.908  -1.801  1.00 45.85 ? 123 ALA A CB  1 
ATOM   341  N N   . PRO A 1 50  ? -0.747  -0.779  -2.014  1.00 46.00 ? 124 PRO A N   1 
ATOM   342  C CA  . PRO A 1 50  ? -0.362  0.597   -1.649  1.00 45.92 ? 124 PRO A CA  1 
ATOM   343  C C   . PRO A 1 50  ? -1.460  1.354   -0.889  1.00 45.98 ? 124 PRO A C   1 
ATOM   344  O O   . PRO A 1 50  ? -1.156  2.058   0.073   1.00 45.70 ? 124 PRO A O   1 
ATOM   345  C CB  . PRO A 1 50  ? -0.041  1.253   -3.004  1.00 45.68 ? 124 PRO A CB  1 
ATOM   346  C CG  . PRO A 1 50  ? 0.284   0.113   -3.900  1.00 45.47 ? 124 PRO A CG  1 
ATOM   347  C CD  . PRO A 1 50  ? -0.637  -0.991  -3.471  1.00 45.80 ? 124 PRO A CD  1 
ATOM   348  N N   . ALA A 1 51  ? -2.718  1.183   -1.293  1.00 46.23 ? 125 ALA A N   1 
ATOM   349  C CA  . ALA A 1 51  ? -3.831  1.839   -0.607  1.00 46.45 ? 125 ALA A CA  1 
ATOM   350  C C   . ALA A 1 51  ? -3.869  1.489   0.882   1.00 46.54 ? 125 ALA A C   1 
ATOM   351  O O   . ALA A 1 51  ? -3.935  2.379   1.740   1.00 46.36 ? 125 ALA A O   1 
ATOM   352  C CB  . ALA A 1 51  ? -5.148  1.484   -1.271  1.00 46.69 ? 125 ALA A CB  1 
ATOM   353  N N   . GLN A 1 52  ? -3.813  0.191   1.181   1.00 46.60 ? 126 GLN A N   1 
ATOM   354  C CA  . GLN A 1 52  ? -3.858  -0.271  2.561   1.00 46.82 ? 126 GLN A CA  1 
ATOM   355  C C   . GLN A 1 52  ? -2.604  0.170   3.290   1.00 46.96 ? 126 GLN A C   1 
ATOM   356  O O   . GLN A 1 52  ? -2.663  0.559   4.450   1.00 46.99 ? 126 GLN A O   1 
ATOM   357  C CB  . GLN A 1 52  ? -4.014  -1.791  2.636   1.00 46.91 ? 126 GLN A CB  1 
ATOM   358  C CG  . GLN A 1 52  ? -5.413  -2.312  2.316   1.00 47.24 ? 126 GLN A CG  1 
ATOM   359  C CD  . GLN A 1 52  ? -5.640  -2.572  0.832   1.00 48.06 ? 126 GLN A CD  1 
ATOM   360  O OE1 . GLN A 1 52  ? -4.883  -2.118  -0.020  1.00 48.80 ? 126 GLN A OE1 1 
ATOM   361  N NE2 . GLN A 1 52  ? -6.694  -3.311  0.522   1.00 48.56 ? 126 GLN A NE2 1 
ATOM   362  N N   . MET A 1 53  ? -1.466  0.117   2.599   1.00 47.23 ? 127 MET A N   1 
ATOM   363  C CA  . MET A 1 53  ? -0.200  0.586   3.163   1.00 47.29 ? 127 MET A CA  1 
ATOM   364  C C   . MET A 1 53  ? -0.328  2.057   3.555   1.00 47.17 ? 127 MET A C   1 
ATOM   365  O O   . MET A 1 53  ? 0.073   2.431   4.655   1.00 47.18 ? 127 MET A O   1 
ATOM   366  C CB  . MET A 1 53  ? 0.968   0.362   2.190   1.00 47.23 ? 127 MET A CB  1 
ATOM   367  C CG  . MET A 1 53  ? 1.265   -1.104  1.885   1.00 47.40 ? 127 MET A CG  1 
ATOM   368  S SD  . MET A 1 53  ? 2.906   -1.431  1.181   1.00 47.81 ? 127 MET A SD  1 
ATOM   369  C CE  . MET A 1 53  ? 2.592   -1.132  -0.542  1.00 49.18 ? 127 MET A CE  1 
ATOM   370  N N   . MET A 1 54  ? -0.912  2.877   2.676   1.00 47.11 ? 128 MET A N   1 
ATOM   371  C CA  . MET A 1 54  ? -1.145  4.290   2.984   1.00 47.28 ? 128 MET A CA  1 
ATOM   372  C C   . MET A 1 54  ? -1.922  4.417   4.291   1.00 47.53 ? 128 MET A C   1 
ATOM   373  O O   . MET A 1 54  ? -1.490  5.124   5.210   1.00 47.73 ? 128 MET A O   1 
ATOM   374  C CB  . MET A 1 54  ? -1.902  5.009   1.864   1.00 47.05 ? 128 MET A CB  1 
ATOM   375  C CG  . MET A 1 54  ? -1.082  5.399   0.621   1.00 47.48 ? 128 MET A CG  1 
ATOM   376  S SD  . MET A 1 54  ? 0.417   6.377   0.880   1.00 46.18 ? 128 MET A SD  1 
ATOM   377  C CE  . MET A 1 54  ? -0.205  7.550   2.108   1.00 49.87 ? 128 MET A CE  1 
ATOM   378  N N   . ALA A 1 55  ? -3.052  3.710   4.371   1.00 47.69 ? 129 ALA A N   1 
ATOM   379  C CA  . ALA A 1 55  ? -3.901  3.707   5.566   1.00 47.48 ? 129 ALA A CA  1 
ATOM   380  C C   . ALA A 1 55  ? -3.156  3.217   6.810   1.00 47.56 ? 129 ALA A C   1 
ATOM   381  O O   . ALA A 1 55  ? -3.305  3.786   7.878   1.00 48.00 ? 129 ALA A O   1 
ATOM   382  C CB  . ALA A 1 55  ? -5.151  2.890   5.330   1.00 47.15 ? 129 ALA A CB  1 
ATOM   383  N N   . ALA A 1 56  ? -2.337  2.181   6.673   1.00 47.52 ? 130 ALA A N   1 
ATOM   384  C CA  . ALA A 1 56  ? -1.584  1.670   7.808   1.00 47.67 ? 130 ALA A CA  1 
ATOM   385  C C   . ALA A 1 56  ? -0.448  2.617   8.233   1.00 48.16 ? 130 ALA A C   1 
ATOM   386  O O   . ALA A 1 56  ? -0.092  2.683   9.417   1.00 48.05 ? 130 ALA A O   1 
ATOM   387  C CB  . ALA A 1 56  ? -1.053  0.286   7.504   1.00 47.36 ? 130 ALA A CB  1 
ATOM   388  N N   . ASP A 1 57  ? 0.124   3.349   7.276   1.00 48.67 ? 131 ASP A N   1 
ATOM   389  C CA  . ASP A 1 57  ? 1.190   4.286   7.607   1.00 49.34 ? 131 ASP A CA  1 
ATOM   390  C C   . ASP A 1 57  ? 0.598   5.441   8.415   1.00 49.89 ? 131 ASP A C   1 
ATOM   391  O O   . ASP A 1 57  ? 1.197   5.889   9.401   1.00 50.06 ? 131 ASP A O   1 
ATOM   392  C CB  . ASP A 1 57  ? 1.908   4.780   6.351   1.00 49.37 ? 131 ASP A CB  1 
ATOM   393  C CG  . ASP A 1 57  ? 3.323   5.313   6.639   1.00 50.32 ? 131 ASP A CG  1 
ATOM   394  O OD1 . ASP A 1 57  ? 4.118   4.615   7.321   1.00 49.49 ? 131 ASP A OD1 1 
ATOM   395  O OD2 . ASP A 1 57  ? 3.644   6.430   6.156   1.00 51.74 ? 131 ASP A OD2 1 
ATOM   396  N N   . GLU A 1 58  ? -0.595  5.893   8.022   1.00 50.25 ? 132 GLU A N   1 
ATOM   397  C CA  . GLU A 1 58  ? -1.352  6.876   8.796   1.00 50.83 ? 132 GLU A CA  1 
ATOM   398  C C   . GLU A 1 58  ? -1.563  6.354   10.236  1.00 50.43 ? 132 GLU A C   1 
ATOM   399  O O   . GLU A 1 58  ? -1.442  7.104   11.211  1.00 50.79 ? 132 GLU A O   1 
ATOM   400  C CB  . GLU A 1 58  ? -2.691  7.163   8.111   1.00 50.44 ? 132 GLU A CB  1 
ATOM   401  C CG  . GLU A 1 58  ? -3.144  8.629   8.160   1.00 52.24 ? 132 GLU A CG  1 
ATOM   402  C CD  . GLU A 1 58  ? -4.487  8.880   7.419   1.00 52.96 ? 132 GLU A CD  1 
ATOM   403  O OE1 . GLU A 1 58  ? -5.440  9.384   8.058   1.00 55.98 ? 132 GLU A OE1 1 
ATOM   404  O OE2 . GLU A 1 58  ? -4.609  8.578   6.204   1.00 54.68 ? 132 GLU A OE2 1 
ATOM   405  N N   . ALA A 1 59  ? -1.830  5.054   10.354  1.00 49.90 ? 133 ALA A N   1 
ATOM   406  C CA  . ALA A 1 59  ? -2.109  4.413   11.630  1.00 49.15 ? 133 ALA A CA  1 
ATOM   407  C C   . ALA A 1 59  ? -0.934  4.389   12.615  1.00 48.92 ? 133 ALA A C   1 
ATOM   408  O O   . ALA A 1 59  ? -1.118  4.636   13.802  1.00 48.91 ? 133 ALA A O   1 
ATOM   409  C CB  . ALA A 1 59  ? -2.633  3.022   11.394  1.00 49.07 ? 133 ALA A CB  1 
ATOM   410  N N   . VAL A 1 60  ? 0.270   4.094   12.139  1.00 48.71 ? 134 VAL A N   1 
ATOM   411  C CA  . VAL A 1 60  ? 1.425   4.000   13.050  1.00 48.51 ? 134 VAL A CA  1 
ATOM   412  C C   . VAL A 1 60  ? 1.891   5.386   13.524  1.00 48.26 ? 134 VAL A C   1 
ATOM   413  O O   . VAL A 1 60  ? 2.447   5.555   14.628  1.00 47.98 ? 134 VAL A O   1 
ATOM   414  C CB  . VAL A 1 60  ? 2.598   3.159   12.440  1.00 48.52 ? 134 VAL A CB  1 
ATOM   415  C CG1 . VAL A 1 60  ? 2.069   1.874   11.830  1.00 48.49 ? 134 VAL A CG1 1 
ATOM   416  C CG2 . VAL A 1 60  ? 3.354   3.931   11.395  1.00 48.47 ? 134 VAL A CG2 1 
ATOM   417  N N   . LYS A 1 61  ? 1.648   6.373   12.667  1.00 48.11 ? 135 LYS A N   1 
ATOM   418  C CA  . LYS A 1 61  ? 1.899   7.765   12.988  1.00 48.06 ? 135 LYS A CA  1 
ATOM   419  C C   . LYS A 1 61  ? 0.996   8.235   14.146  1.00 48.86 ? 135 LYS A C   1 
ATOM   420  O O   . LYS A 1 61  ? 1.360   9.148   14.922  1.00 49.38 ? 135 LYS A O   1 
ATOM   421  C CB  . LYS A 1 61  ? 1.694   8.628   11.744  1.00 47.37 ? 135 LYS A CB  1 
ATOM   422  C CG  . LYS A 1 61  ? 2.892   8.669   10.829  1.00 45.14 ? 135 LYS A CG  1 
ATOM   423  C CD  . LYS A 1 61  ? 2.743   9.734   9.760   1.00 42.44 ? 135 LYS A CD  1 
ATOM   424  C CE  . LYS A 1 61  ? 2.246   9.152   8.456   1.00 41.32 ? 135 LYS A CE  1 
ATOM   425  N NZ  . LYS A 1 61  ? 2.150   10.175  7.398   1.00 39.59 ? 135 LYS A NZ  1 
ATOM   426  N N   . GLY A 1 62  ? -0.168  7.596   14.264  1.00 49.15 ? 136 GLY A N   1 
ATOM   427  C CA  . GLY A 1 62  ? -1.140  7.946   15.281  1.00 49.45 ? 136 GLY A CA  1 
ATOM   428  C C   . GLY A 1 62  ? -1.179  7.041   16.497  1.00 49.76 ? 136 GLY A C   1 
ATOM   429  O O   . GLY A 1 62  ? -1.988  7.259   17.390  1.00 49.97 ? 136 GLY A O   1 
ATOM   430  N N   . THR A 1 63  ? -0.321  6.028   16.552  1.00 50.06 ? 137 THR A N   1 
ATOM   431  C CA  . THR A 1 63  ? -0.397  5.049   17.642  1.00 50.49 ? 137 THR A CA  1 
ATOM   432  C C   . THR A 1 63  ? 0.957   4.557   18.133  1.00 50.81 ? 137 THR A C   1 
ATOM   433  O O   . THR A 1 63  ? 2.007   4.781   17.499  1.00 51.22 ? 137 THR A O   1 
ATOM   434  C CB  . THR A 1 63  ? -1.161  3.800   17.211  1.00 50.65 ? 137 THR A CB  1 
ATOM   435  O OG1 . THR A 1 63  ? -0.518  3.243   16.054  1.00 50.94 ? 137 THR A OG1 1 
ATOM   436  C CG2 . THR A 1 63  ? -2.632  4.122   16.901  1.00 50.52 ? 137 THR A CG2 1 
ATOM   437  N N   . ASN A 1 64  ? 0.924   3.856   19.259  1.00 50.83 ? 138 ASN A N   1 
ATOM   438  C CA  . ASN A 1 64  ? 2.128   3.267   19.797  1.00 50.93 ? 138 ASN A CA  1 
ATOM   439  C C   . ASN A 1 64  ? 2.351   1.866   19.225  1.00 51.33 ? 138 ASN A C   1 
ATOM   440  O O   . ASN A 1 64  ? 2.392   0.869   19.966  1.00 51.78 ? 138 ASN A O   1 
ATOM   441  C CB  . ASN A 1 64  ? 2.077   3.237   21.326  1.00 50.68 ? 138 ASN A CB  1 
ATOM   442  C CG  . ASN A 1 64  ? 3.419   2.898   21.948  1.00 49.63 ? 138 ASN A CG  1 
ATOM   443  O OD1 . ASN A 1 64  ? 4.440   2.802   21.266  1.00 48.80 ? 138 ASN A OD1 1 
ATOM   444  N ND2 . ASN A 1 64  ? 3.421   2.720   23.248  1.00 48.84 ? 138 ASN A ND2 1 
ATOM   445  N N   . THR A 1 65  ? 2.506   1.789   17.908  1.00 51.26 ? 139 THR A N   1 
ATOM   446  C CA  . THR A 1 65  ? 2.695   0.496   17.255  1.00 51.43 ? 139 THR A CA  1 
ATOM   447  C C   . THR A 1 65  ? 3.988   0.395   16.426  1.00 51.72 ? 139 THR A C   1 
ATOM   448  O O   . THR A 1 65  ? 4.655   1.395   16.139  1.00 51.91 ? 139 THR A O   1 
ATOM   449  C CB  . THR A 1 65  ? 1.486   0.149   16.394  1.00 51.31 ? 139 THR A CB  1 
ATOM   450  O OG1 . THR A 1 65  ? 1.135   1.292   15.611  1.00 51.20 ? 139 THR A OG1 1 
ATOM   451  C CG2 . THR A 1 65  ? 0.304   -0.224  17.274  1.00 51.19 ? 139 THR A CG2 1 
ATOM   452  N N   . GLU A 1 66  ? 4.355   -0.829  16.070  1.00 51.67 ? 140 GLU A N   1 
ATOM   453  C CA  . GLU A 1 66  ? 5.510   -1.056  15.211  1.00 51.41 ? 140 GLU A CA  1 
ATOM   454  C C   . GLU A 1 66  ? 5.133   -2.076  14.140  1.00 50.85 ? 140 GLU A C   1 
ATOM   455  O O   . GLU A 1 66  ? 4.069   -2.697  14.212  1.00 50.79 ? 140 GLU A O   1 
ATOM   456  C CB  . GLU A 1 66  ? 6.702   -1.536  16.024  1.00 51.59 ? 140 GLU A CB  1 
ATOM   457  C CG  . GLU A 1 66  ? 7.287   -0.497  16.952  1.00 53.23 ? 140 GLU A CG  1 
ATOM   458  C CD  . GLU A 1 66  ? 8.608   -0.956  17.563  1.00 56.26 ? 140 GLU A CD  1 
ATOM   459  O OE1 . GLU A 1 66  ? 8.709   -2.144  17.955  1.00 57.34 ? 140 GLU A OE1 1 
ATOM   460  O OE2 . GLU A 1 66  ? 9.547   -0.129  17.647  1.00 57.05 ? 140 GLU A OE2 1 
ATOM   461  N N   . VAL A 1 67  ? 5.996   -2.234  13.141  1.00 49.92 ? 141 VAL A N   1 
ATOM   462  C CA  . VAL A 1 67  ? 5.674   -3.075  12.005  1.00 48.85 ? 141 VAL A CA  1 
ATOM   463  C C   . VAL A 1 67  ? 6.338   -4.435  12.161  1.00 48.53 ? 141 VAL A C   1 
ATOM   464  O O   . VAL A 1 67  ? 7.564   -4.543  12.189  1.00 48.66 ? 141 VAL A O   1 
ATOM   465  C CB  . VAL A 1 67  ? 6.084   -2.392  10.689  1.00 48.81 ? 141 VAL A CB  1 
ATOM   466  C CG1 . VAL A 1 67  ? 6.003   -3.363  9.523   1.00 48.66 ? 141 VAL A CG1 1 
ATOM   467  C CG2 . VAL A 1 67  ? 5.219   -1.154  10.437  1.00 48.15 ? 141 VAL A CG2 1 
ATOM   468  N N   . ALA A 1 68  ? 5.521   -5.473  12.285  1.00 48.01 ? 142 ALA A N   1 
ATOM   469  C CA  . ALA A 1 68  ? 6.027   -6.831  12.403  1.00 47.50 ? 142 ALA A CA  1 
ATOM   470  C C   . ALA A 1 68  ? 6.341   -7.386  11.020  1.00 47.22 ? 142 ALA A C   1 
ATOM   471  O O   . ALA A 1 68  ? 7.436   -7.880  10.777  1.00 47.39 ? 142 ALA A O   1 
ATOM   472  C CB  . ALA A 1 68  ? 5.029   -7.710  13.126  1.00 47.42 ? 142 ALA A CB  1 
ATOM   473  N N   . THR A 1 69  ? 5.392   -7.291  10.099  1.00 46.73 ? 143 THR A N   1 
ATOM   474  C CA  . THR A 1 69  ? 5.627   -7.815  8.765   1.00 46.51 ? 143 THR A CA  1 
ATOM   475  C C   . THR A 1 69  ? 4.731   -7.166  7.720   1.00 46.26 ? 143 THR A C   1 
ATOM   476  O O   . THR A 1 69  ? 3.566   -6.883  7.988   1.00 46.52 ? 143 THR A O   1 
ATOM   477  C CB  . THR A 1 69  ? 5.504   -9.369  8.740   1.00 46.41 ? 143 THR A CB  1 
ATOM   478  O OG1 . THR A 1 69  ? 5.935   -9.863  7.473   1.00 46.80 ? 143 THR A OG1 1 
ATOM   479  C CG2 . THR A 1 69  ? 4.088   -9.816  8.963   1.00 46.39 ? 143 THR A CG2 1 
ATOM   480  N N   . ILE A 1 70  ? 5.289   -6.903  6.539   1.00 45.82 ? 144 ILE A N   1 
ATOM   481  C CA  . ILE A 1 70  ? 4.499   -6.465  5.388   1.00 45.39 ? 144 ILE A CA  1 
ATOM   482  C C   . ILE A 1 70  ? 4.788   -7.405  4.224   1.00 45.50 ? 144 ILE A C   1 
ATOM   483  O O   . ILE A 1 70  ? 5.898   -7.412  3.713   1.00 45.38 ? 144 ILE A O   1 
ATOM   484  C CB  . ILE A 1 70  ? 4.859   -5.035  4.957   1.00 45.18 ? 144 ILE A CB  1 
ATOM   485  C CG1 . ILE A 1 70  ? 4.778   -4.073  6.139   1.00 44.44 ? 144 ILE A CG1 1 
ATOM   486  C CG2 . ILE A 1 70  ? 3.976   -4.585  3.791   1.00 45.06 ? 144 ILE A CG2 1 
ATOM   487  C CD1 . ILE A 1 70  ? 5.599   -2.818  5.946   1.00 44.14 ? 144 ILE A CD1 1 
ATOM   488  N N   . GLU A 1 71  ? 3.796   -8.188  3.809   1.00 45.84 ? 145 GLU A N   1 
ATOM   489  C CA  . GLU A 1 71  ? 3.958   -9.137  2.704   1.00 46.34 ? 145 GLU A CA  1 
ATOM   490  C C   . GLU A 1 71  ? 2.901   -8.953  1.613   1.00 46.75 ? 145 GLU A C   1 
ATOM   491  O O   . GLU A 1 71  ? 1.767   -8.539  1.891   1.00 46.92 ? 145 GLU A O   1 
ATOM   492  C CB  . GLU A 1 71  ? 3.930   -10.565 3.225   1.00 46.19 ? 145 GLU A CB  1 
ATOM   493  C CG  . GLU A 1 71  ? 4.803   -10.772 4.449   1.00 47.29 ? 145 GLU A CG  1 
ATOM   494  C CD  . GLU A 1 71  ? 4.879   -12.216 4.908   1.00 48.96 ? 145 GLU A CD  1 
ATOM   495  O OE1 . GLU A 1 71  ? 4.787   -13.131 4.061   1.00 49.96 ? 145 GLU A OE1 1 
ATOM   496  O OE2 . GLU A 1 71  ? 5.040   -12.435 6.126   1.00 49.84 ? 145 GLU A OE2 1 
ATOM   497  N N   . LEU A 1 72  ? 3.280   -9.267  0.371   1.00 47.22 ? 146 LEU A N   1 
ATOM   498  C CA  . LEU A 1 72  ? 2.419   -9.070  -0.800  1.00 47.21 ? 146 LEU A CA  1 
ATOM   499  C C   . LEU A 1 72  ? 2.213   -10.344 -1.624  1.00 47.45 ? 146 LEU A C   1 
ATOM   500  O O   . LEU A 1 72  ? 3.071   -10.664 -2.436  1.00 47.35 ? 146 LEU A O   1 
ATOM   501  C CB  . LEU A 1 72  ? 3.078   -8.052  -1.730  1.00 47.19 ? 146 LEU A CB  1 
ATOM   502  C CG  . LEU A 1 72  ? 3.097   -6.525  -1.565  1.00 47.73 ? 146 LEU A CG  1 
ATOM   503  C CD1 . LEU A 1 72  ? 2.797   -6.038  -0.166  1.00 48.86 ? 146 LEU A CD1 1 
ATOM   504  C CD2 . LEU A 1 72  ? 4.443   -5.969  -2.031  1.00 47.22 ? 146 LEU A CD2 1 
ATOM   505  N N   . PRO A 1 73  ? 1.072   -11.062 -1.453  1.00 48.00 ? 147 PRO A N   1 
ATOM   506  C CA  . PRO A 1 73  ? 0.593   -11.951 -2.572  1.00 48.47 ? 147 PRO A CA  1 
ATOM   507  C C   . PRO A 1 73  ? 0.260   -10.857 -3.569  1.00 48.95 ? 147 PRO A C   1 
ATOM   508  O O   . PRO A 1 73  ? 0.473   -9.729  -3.167  1.00 49.87 ? 147 PRO A O   1 
ATOM   509  C CB  . PRO A 1 73  ? -0.672  -12.583 -2.003  1.00 48.61 ? 147 PRO A CB  1 
ATOM   510  C CG  . PRO A 1 73  ? -1.063  -11.737 -0.774  1.00 47.84 ? 147 PRO A CG  1 
ATOM   511  C CD  . PRO A 1 73  ? 0.167   -11.051 -0.282  1.00 47.69 ? 147 PRO A CD  1 
ATOM   512  N N   . ARG A 1 74  ? -0.243  -10.984 -4.795  1.00 49.24 ? 148 ARG A N   1 
ATOM   513  C CA  . ARG A 1 74  ? -0.486  -12.049 -5.779  1.00 49.03 ? 148 ARG A CA  1 
ATOM   514  C C   . ARG A 1 74  ? -1.851  -12.592 -5.669  1.00 49.66 ? 148 ARG A C   1 
ATOM   515  O O   . ARG A 1 74  ? -2.080  -13.792 -5.533  1.00 50.09 ? 148 ARG A O   1 
ATOM   516  C CB  . ARG A 1 74  ? 0.596   -13.040 -6.159  1.00 48.35 ? 148 ARG A CB  1 
ATOM   517  C CG  . ARG A 1 74  ? 0.436   -13.342 -7.713  1.00 47.08 ? 148 ARG A CG  1 
ATOM   518  C CD  . ARG A 1 74  ? 0.335   -12.021 -8.564  1.00 45.69 ? 148 ARG A CD  1 
ATOM   519  N NE  . ARG A 1 74  ? -0.228  -12.123 -9.924  1.00 44.70 ? 148 ARG A NE  1 
ATOM   520  C CZ  . ARG A 1 74  ? -1.375  -11.553 -10.323 1.00 44.05 ? 148 ARG A CZ  1 
ATOM   521  N NH1 . ARG A 1 74  ? -2.116  -10.849 -9.474  1.00 45.82 ? 148 ARG A NH1 1 
ATOM   522  N NH2 . ARG A 1 74  ? -1.809  -11.692 -11.570 1.00 40.78 ? 148 ARG A NH2 1 
ATOM   523  N N   . ASP A 1 75  ? -2.757  -11.628 -5.761  1.00 50.08 ? 149 ASP A N   1 
ATOM   524  C CA  . ASP A 1 75  ? -4.149  -11.840 -5.556  1.00 50.56 ? 149 ASP A CA  1 
ATOM   525  C C   . ASP A 1 75  ? -4.840  -10.963 -6.583  1.00 50.80 ? 149 ASP A C   1 
ATOM   526  O O   . ASP A 1 75  ? -4.450  -10.974 -7.767  1.00 51.16 ? 149 ASP A O   1 
ATOM   527  C CB  . ASP A 1 75  ? -4.500  -11.421 -4.142  1.00 50.19 ? 149 ASP A CB  1 
ATOM   528  C CG  . ASP A 1 75  ? -5.714  -12.133 -3.629  1.00 51.18 ? 149 ASP A CG  1 
ATOM   529  O OD1 . ASP A 1 75  ? -6.578  -12.522 -4.452  1.00 53.47 ? 149 ASP A OD1 1 
ATOM   530  O OD2 . ASP A 1 75  ? -5.808  -12.313 -2.405  1.00 51.90 ? 149 ASP A OD2 1 
ATOM   531  N N   . THR A 1 76  ? -5.884  -10.259 -6.141  1.00 50.49 ? 150 THR A N   1 
ATOM   532  C CA  . THR A 1 76  ? -6.323  -9.013  -6.750  1.00 50.22 ? 150 THR A CA  1 
ATOM   533  C C   . THR A 1 76  ? -7.222  -9.037  -7.973  1.00 50.54 ? 150 THR A C   1 
ATOM   534  O O   . THR A 1 76  ? -7.203  -8.068  -8.694  1.00 51.43 ? 150 THR A O   1 
ATOM   535  C CB  . THR A 1 76  ? -5.103  -8.145  -7.168  1.00 50.22 ? 150 THR A CB  1 
ATOM   536  O OG1 . THR A 1 76  ? -5.436  -6.759  -7.085  1.00 50.23 ? 150 THR A OG1 1 
ATOM   537  C CG2 . THR A 1 76  ? -4.691  -8.445  -8.585  1.00 48.73 ? 150 THR A CG2 1 
ATOM   538  N N   . LYS A 1 77  ? -8.036  -10.043 -8.252  1.00 50.56 ? 151 LYS A N   1 
ATOM   539  C CA  . LYS A 1 77  ? -8.382  -11.141 -7.423  1.00 50.37 ? 151 LYS A CA  1 
ATOM   540  C C   . LYS A 1 77  ? -8.954  -12.117 -8.464  1.00 50.68 ? 151 LYS A C   1 
ATOM   541  O O   . LYS A 1 77  ? -10.165 -12.293 -8.517  1.00 50.83 ? 151 LYS A O   1 
ATOM   542  C CB  . LYS A 1 77  ? -9.473  -10.655 -6.472  1.00 50.09 ? 151 LYS A CB  1 
ATOM   543  C CG  . LYS A 1 77  ? -9.982  -11.646 -5.485  1.00 49.60 ? 151 LYS A CG  1 
ATOM   544  C CD  . LYS A 1 77  ? -11.507 -11.621 -5.450  1.00 48.47 ? 151 LYS A CD  1 
ATOM   545  C CE  . LYS A 1 77  ? -12.088 -10.642 -4.440  1.00 46.98 ? 151 LYS A CE  1 
ATOM   546  N NZ  . LYS A 1 77  ? -13.520 -10.988 -4.135  1.00 44.59 ? 151 LYS A NZ  1 
ATOM   547  N N   . GLY A 1 78  ? -8.147  -12.630 -9.403  1.00 50.66 ? 152 GLY A N   1 
ATOM   548  C CA  . GLY A 1 78  ? -6.905  -12.015 -9.907  1.00 50.64 ? 152 GLY A CA  1 
ATOM   549  C C   . GLY A 1 78  ? -7.116  -11.700 -11.385 1.00 50.10 ? 152 GLY A C   1 
ATOM   550  O O   . GLY A 1 78  ? -8.219  -11.844 -11.845 1.00 50.48 ? 152 GLY A O   1 
ATOM   551  N N   . GLY A 1 79  ? -6.123  -11.225 -12.142 1.00 50.23 ? 153 GLY A N   1 
ATOM   552  C CA  . GLY A 1 79  ? -4.845  -10.654 -11.651 1.00 49.64 ? 153 GLY A CA  1 
ATOM   553  C C   . GLY A 1 79  ? -5.236  -9.219  -11.455 1.00 48.80 ? 153 GLY A C   1 
ATOM   554  O O   . GLY A 1 79  ? -6.373  -9.001  -11.089 1.00 48.61 ? 153 GLY A O   1 
ATOM   555  N N   . ALA A 1 80  ? -4.371  -8.231  -11.693 1.00 48.35 ? 154 ALA A N   1 
ATOM   556  C CA  . ALA A 1 80  ? -2.977  -8.376  -12.093 1.00 47.64 ? 154 ALA A CA  1 
ATOM   557  C C   . ALA A 1 80  ? -1.973  -7.884  -11.017 1.00 47.18 ? 154 ALA A C   1 
ATOM   558  O O   . ALA A 1 80  ? -0.769  -7.856  -11.278 1.00 47.07 ? 154 ALA A O   1 
ATOM   559  C CB  . ALA A 1 80  ? -2.749  -7.613  -13.398 1.00 47.57 ? 154 ALA A CB  1 
ATOM   560  N N   . GLY A 1 81  ? -2.464  -7.501  -9.830  1.00 46.59 ? 155 GLY A N   1 
ATOM   561  C CA  . GLY A 1 81  ? -1.639  -6.940  -8.749  1.00 45.94 ? 155 GLY A CA  1 
ATOM   562  C C   . GLY A 1 81  ? -1.504  -7.787  -7.491  1.00 45.95 ? 155 GLY A C   1 
ATOM   563  O O   . GLY A 1 81  ? -1.649  -9.017  -7.520  1.00 46.02 ? 155 GLY A O   1 
ATOM   564  N N   . HIS A 1 82  ? -1.185  -7.121  -6.389  1.00 45.81 ? 156 HIS A N   1 
ATOM   565  C CA  . HIS A 1 82  ? -1.166  -7.717  -5.049  1.00 45.86 ? 156 HIS A CA  1 
ATOM   566  C C   . HIS A 1 82  ? -2.543  -7.391  -4.397  1.00 46.28 ? 156 HIS A C   1 
ATOM   567  O O   . HIS A 1 82  ? -3.223  -6.498  -4.903  1.00 46.79 ? 156 HIS A O   1 
ATOM   568  C CB  . HIS A 1 82  ? -0.024  -7.066  -4.285  1.00 45.72 ? 156 HIS A CB  1 
ATOM   569  C CG  . HIS A 1 82  ? 1.306   -7.133  -4.984  1.00 45.86 ? 156 HIS A CG  1 
ATOM   570  N ND1 . HIS A 1 82  ? 1.858   -6.056  -5.641  1.00 46.41 ? 156 HIS A ND1 1 
ATOM   571  C CD2 . HIS A 1 82  ? 2.212   -8.137  -5.090  1.00 45.80 ? 156 HIS A CD2 1 
ATOM   572  C CE1 . HIS A 1 82  ? 3.040   -6.392  -6.129  1.00 45.63 ? 156 HIS A CE1 1 
ATOM   573  N NE2 . HIS A 1 82  ? 3.278   -7.651  -5.810  1.00 45.21 ? 156 HIS A NE2 1 
ATOM   574  N N   . GLY A 1 83  ? -3.004  -8.006  -3.297  1.00 46.17 ? 157 GLY A N   1 
ATOM   575  C CA  . GLY A 1 83  ? -2.288  -8.818  -2.338  1.00 46.04 ? 157 GLY A CA  1 
ATOM   576  C C   . GLY A 1 83  ? -1.768  -7.968  -1.182  1.00 46.08 ? 157 GLY A C   1 
ATOM   577  O O   . GLY A 1 83  ? -0.711  -7.342  -1.320  1.00 46.91 ? 157 GLY A O   1 
ATOM   578  N N   . ILE A 1 84  ? -2.453  -7.908  -0.040  1.00 45.28 ? 158 ILE A N   1 
ATOM   579  C CA  . ILE A 1 84  ? -1.799  -7.217  1.094   1.00 44.88 ? 158 ILE A CA  1 
ATOM   580  C C   . ILE A 1 84  ? -1.932  -7.875  2.476   1.00 44.78 ? 158 ILE A C   1 
ATOM   581  O O   . ILE A 1 84  ? -3.023  -8.286  2.874   1.00 45.26 ? 158 ILE A O   1 
ATOM   582  C CB  . ILE A 1 84  ? -2.084  -5.691  1.126   1.00 44.72 ? 158 ILE A CB  1 
ATOM   583  C CG1 . ILE A 1 84  ? -1.262  -5.001  2.211   1.00 45.21 ? 158 ILE A CG1 1 
ATOM   584  C CG2 . ILE A 1 84  ? -3.527  -5.410  1.332   1.00 44.66 ? 158 ILE A CG2 1 
ATOM   585  C CD1 . ILE A 1 84  ? 0.217   -4.874  1.906   1.00 45.09 ? 158 ILE A CD1 1 
ATOM   586  N N   . PHE A 1 85  ? -0.811  -7.972  3.190   1.00 44.32 ? 159 PHE A N   1 
ATOM   587  C CA  . PHE A 1 85  ? -0.792  -8.560  4.527   1.00 44.09 ? 159 PHE A CA  1 
ATOM   588  C C   . PHE A 1 85  ? 0.147   -7.795  5.452   1.00 44.27 ? 159 PHE A C   1 
ATOM   589  O O   . PHE A 1 85  ? 1.373   -7.913  5.359   1.00 44.08 ? 159 PHE A O   1 
ATOM   590  C CB  . PHE A 1 85  ? -0.410  -10.033 4.461   1.00 43.97 ? 159 PHE A CB  1 
ATOM   591  C CG  . PHE A 1 85  ? -0.332  -10.715 5.803   1.00 43.78 ? 159 PHE A CG  1 
ATOM   592  C CD1 . PHE A 1 85  ? -1.477  -10.918 6.569   1.00 43.66 ? 159 PHE A CD1 1 
ATOM   593  C CD2 . PHE A 1 85  ? 0.885   -11.192 6.283   1.00 43.12 ? 159 PHE A CD2 1 
ATOM   594  C CE1 . PHE A 1 85  ? -1.410  -11.569 7.812   1.00 43.01 ? 159 PHE A CE1 1 
ATOM   595  C CE2 . PHE A 1 85  ? 0.965   -11.832 7.513   1.00 43.22 ? 159 PHE A CE2 1 
ATOM   596  C CZ  . PHE A 1 85  ? -0.192  -12.027 8.281   1.00 43.27 ? 159 PHE A CZ  1 
ATOM   597  N N   . ILE A 1 86  ? -0.454  -7.004  6.339   1.00 44.38 ? 160 ILE A N   1 
ATOM   598  C CA  . ILE A 1 86  ? 0.276   -6.114  7.230   1.00 44.16 ? 160 ILE A CA  1 
ATOM   599  C C   . ILE A 1 86  ? 0.019   -6.531  8.664   1.00 44.59 ? 160 ILE A C   1 
ATOM   600  O O   . ILE A 1 86  ? -1.138  -6.678  9.073   1.00 44.77 ? 160 ILE A O   1 
ATOM   601  C CB  . ILE A 1 86  ? -0.163  -4.656  7.032   1.00 43.75 ? 160 ILE A CB  1 
ATOM   602  C CG1 . ILE A 1 86  ? 0.215   -4.185  5.630   1.00 43.71 ? 160 ILE A CG1 1 
ATOM   603  C CG2 . ILE A 1 86  ? 0.470   -3.758  8.070   1.00 43.13 ? 160 ILE A CG2 1 
ATOM   604  C CD1 . ILE A 1 86  ? -0.504  -2.931  5.182   1.00 44.42 ? 160 ILE A CD1 1 
ATOM   605  N N   . VAL A 1 87  ? 1.100   -6.745  9.414   1.00 44.83 ? 161 VAL A N   1 
ATOM   606  C CA  . VAL A 1 87  ? 1.002   -7.059  10.834  1.00 45.31 ? 161 VAL A CA  1 
ATOM   607  C C   . VAL A 1 87  ? 1.749   -6.009  11.636  1.00 45.83 ? 161 VAL A C   1 
ATOM   608  O O   . VAL A 1 87  ? 2.940   -5.788  11.429  1.00 46.02 ? 161 VAL A O   1 
ATOM   609  C CB  . VAL A 1 87  ? 1.510   -8.489  11.175  1.00 45.21 ? 161 VAL A CB  1 
ATOM   610  C CG1 . VAL A 1 87  ? 1.448   -8.749  12.659  1.00 44.59 ? 161 VAL A CG1 1 
ATOM   611  C CG2 . VAL A 1 87  ? 0.671   -9.526  10.466  1.00 45.34 ? 161 VAL A CG2 1 
ATOM   612  N N   . LEU A 1 88  ? 1.018   -5.358  12.538  1.00 46.41 ? 162 LEU A N   1 
ATOM   613  C CA  . LEU A 1 88  ? 1.569   -4.387  13.465  1.00 46.92 ? 162 LEU A CA  1 
ATOM   614  C C   . LEU A 1 88  ? 1.683   -5.020  14.843  1.00 47.90 ? 162 LEU A C   1 
ATOM   615  O O   . LEU A 1 88  ? 0.798   -5.781  15.244  1.00 48.34 ? 162 LEU A O   1 
ATOM   616  C CB  . LEU A 1 88  ? 0.650   -3.173  13.547  1.00 46.53 ? 162 LEU A CB  1 
ATOM   617  C CG  . LEU A 1 88  ? 0.279   -2.454  12.256  1.00 45.69 ? 162 LEU A CG  1 
ATOM   618  C CD1 . LEU A 1 88  ? -0.689  -1.316  12.538  1.00 43.83 ? 162 LEU A CD1 1 
ATOM   619  C CD2 . LEU A 1 88  ? 1.536   -1.945  11.577  1.00 45.65 ? 162 LEU A CD2 1 
ATOM   620  N N   . LYS A 1 89  ? 2.762   -4.711  15.561  1.00 48.93 ? 163 LYS A N   1 
ATOM   621  C CA  . LYS A 1 89  ? 2.969   -5.228  16.914  1.00 50.03 ? 163 LYS A CA  1 
ATOM   622  C C   . LYS A 1 89  ? 2.932   -4.139  17.983  1.00 51.14 ? 163 LYS A C   1 
ATOM   623  O O   . LYS A 1 89  ? 3.323   -2.988  17.741  1.00 51.51 ? 163 LYS A O   1 
ATOM   624  C CB  . LYS A 1 89  ? 4.271   -6.022  17.003  1.00 49.78 ? 163 LYS A CB  1 
ATOM   625  C CG  . LYS A 1 89  ? 5.536   -5.241  16.690  1.00 49.93 ? 163 LYS A CG  1 
ATOM   626  C CD  . LYS A 1 89  ? 6.771   -6.115  16.901  1.00 50.13 ? 163 LYS A CD  1 
ATOM   627  C CE  . LYS A 1 89  ? 8.056   -5.372  16.587  1.00 49.97 ? 163 LYS A CE  1 
ATOM   628  N NZ  . LYS A 1 89  ? 9.151   -6.339  16.351  1.00 50.13 ? 163 LYS A NZ  1 
ATOM   629  N N   . ALA A 1 90  ? 2.455   -4.515  19.168  1.00 52.41 ? 164 ALA A N   1 
ATOM   630  C CA  . ALA A 1 90  ? 2.287   -3.590  20.292  1.00 53.51 ? 164 ALA A CA  1 
ATOM   631  C C   . ALA A 1 90  ? 2.383   -4.352  21.593  1.00 54.31 ? 164 ALA A C   1 
ATOM   632  O O   . ALA A 1 90  ? 2.062   -5.537  21.644  1.00 54.56 ? 164 ALA A O   1 
ATOM   633  C CB  . ALA A 1 90  ? 0.937   -2.883  20.210  1.00 53.37 ? 164 ALA A CB  1 
ATOM   634  N N   . ALA A 1 91  ? 2.817   -3.668  22.646  1.00 55.45 ? 165 ALA A N   1 
ATOM   635  C CA  . ALA A 1 91  ? 2.820   -4.248  23.987  1.00 56.27 ? 165 ALA A CA  1 
ATOM   636  C C   . ALA A 1 91  ? 1.383   -4.412  24.489  1.00 56.93 ? 165 ALA A C   1 
ATOM   637  O O   . ALA A 1 91  ? 1.074   -5.345  25.225  1.00 57.02 ? 165 ALA A O   1 
ATOM   638  C CB  . ALA A 1 91  ? 3.628   -3.378  24.939  1.00 56.03 ? 165 ALA A CB  1 
ATOM   639  N N   . ASP A 1 92  ? 0.506   -3.508  24.065  1.00 57.81 ? 166 ASP A N   1 
ATOM   640  C CA  . ASP A 1 92  ? -0.867  -3.494  24.537  1.00 58.80 ? 166 ASP A CA  1 
ATOM   641  C C   . ASP A 1 92  ? -1.849  -3.664  23.373  1.00 58.82 ? 166 ASP A C   1 
ATOM   642  O O   . ASP A 1 92  ? -1.812  -2.921  22.386  1.00 58.86 ? 166 ASP A O   1 
ATOM   643  C CB  . ASP A 1 92  ? -1.126  -2.176  25.278  1.00 59.38 ? 166 ASP A CB  1 
ATOM   644  C CG  . ASP A 1 92  ? -2.426  -2.179  26.083  1.00 60.86 ? 166 ASP A CG  1 
ATOM   645  O OD1 . ASP A 1 92  ? -3.485  -2.657  25.595  1.00 61.33 ? 166 ASP A OD1 1 
ATOM   646  O OD2 . ASP A 1 92  ? -2.381  -1.652  27.215  1.00 63.28 ? 166 ASP A OD2 1 
ATOM   647  N N   . VAL A 1 93  ? -2.737  -4.639  23.514  1.00 58.87 ? 167 VAL A N   1 
ATOM   648  C CA  . VAL A 1 93  ? -3.734  -4.956  22.493  1.00 59.04 ? 167 VAL A CA  1 
ATOM   649  C C   . VAL A 1 93  ? -4.521  -3.743  22.004  1.00 59.16 ? 167 VAL A C   1 
ATOM   650  O O   . VAL A 1 93  ? -4.813  -3.638  20.813  1.00 59.25 ? 167 VAL A O   1 
ATOM   651  C CB  . VAL A 1 93  ? -4.744  -5.992  23.005  1.00 59.07 ? 167 VAL A CB  1 
ATOM   652  C CG1 . VAL A 1 93  ? -5.216  -6.850  21.865  1.00 58.40 ? 167 VAL A CG1 1 
ATOM   653  C CG2 . VAL A 1 93  ? -4.115  -6.864  24.118  1.00 60.09 ? 167 VAL A CG2 1 
ATOM   654  N N   . SER A 1 94  ? -4.867  -2.835  22.914  1.00 59.33 ? 168 SER A N   1 
ATOM   655  C CA  . SER A 1 94  ? -5.732  -1.702  22.563  1.00 59.42 ? 168 SER A CA  1 
ATOM   656  C C   . SER A 1 94  ? -5.014  -0.701  21.678  1.00 59.29 ? 168 SER A C   1 
ATOM   657  O O   . SER A 1 94  ? -5.655  -0.007  20.883  1.00 59.54 ? 168 SER A O   1 
ATOM   658  C CB  . SER A 1 94  ? -6.279  -1.003  23.805  1.00 59.45 ? 168 SER A CB  1 
ATOM   659  O OG  . SER A 1 94  ? -5.217  -0.468  24.569  1.00 59.86 ? 168 SER A OG  1 
ATOM   660  N N   . ASP A 1 95  ? -3.691  -0.621  21.831  1.00 58.83 ? 169 ASP A N   1 
ATOM   661  C CA  . ASP A 1 95  ? -2.861  0.158   20.919  1.00 58.52 ? 169 ASP A CA  1 
ATOM   662  C C   . ASP A 1 95  ? -2.924  -0.432  19.507  1.00 57.79 ? 169 ASP A C   1 
ATOM   663  O O   . ASP A 1 95  ? -3.122  0.290   18.528  1.00 57.57 ? 169 ASP A O   1 
ATOM   664  C CB  . ASP A 1 95  ? -1.412  0.198   21.406  1.00 58.98 ? 169 ASP A CB  1 
ATOM   665  C CG  . ASP A 1 95  ? -1.220  1.078   22.637  1.00 60.05 ? 169 ASP A CG  1 
ATOM   666  O OD1 . ASP A 1 95  ? -1.841  2.164   22.709  1.00 60.58 ? 169 ASP A OD1 1 
ATOM   667  O OD2 . ASP A 1 95  ? -0.421  0.679   23.520  1.00 60.59 ? 169 ASP A OD2 1 
ATOM   668  N N   . ALA A 1 96  ? -2.766  -1.750  19.418  1.00 57.04 ? 170 ALA A N   1 
ATOM   669  C CA  . ALA A 1 96  ? -2.886  -2.454  18.150  1.00 56.33 ? 170 ALA A CA  1 
ATOM   670  C C   . ALA A 1 96  ? -4.285  -2.287  17.567  1.00 56.08 ? 170 ALA A C   1 
ATOM   671  O O   . ALA A 1 96  ? -4.427  -1.939  16.390  1.00 56.21 ? 170 ALA A O   1 
ATOM   672  C CB  . ALA A 1 96  ? -2.539  -3.919  18.315  1.00 56.05 ? 170 ALA A CB  1 
ATOM   673  N N   . ARG A 1 97  ? -5.311  -2.511  18.390  1.00 55.57 ? 171 ARG A N   1 
ATOM   674  C CA  . ARG A 1 97  ? -6.698  -2.375  17.944  1.00 55.09 ? 171 ARG A CA  1 
ATOM   675  C C   . ARG A 1 97  ? -6.954  -0.972  17.399  1.00 55.19 ? 171 ARG A C   1 
ATOM   676  O O   . ARG A 1 97  ? -7.540  -0.798  16.333  1.00 54.92 ? 171 ARG A O   1 
ATOM   677  C CB  . ARG A 1 97  ? -7.674  -2.715  19.081  1.00 55.22 ? 171 ARG A CB  1 
ATOM   678  C CG  . ARG A 1 97  ? -9.150  -2.628  18.679  1.00 54.82 ? 171 ARG A CG  1 
ATOM   679  C CD  . ARG A 1 97  ? -10.087 -3.378  19.603  1.00 54.29 ? 171 ARG A CD  1 
ATOM   680  N NE  . ARG A 1 97  ? -11.308 -3.723  18.876  1.00 53.32 ? 171 ARG A NE  1 
ATOM   681  C CZ  . ARG A 1 97  ? -11.743 -4.968  18.663  1.00 53.30 ? 171 ARG A CZ  1 
ATOM   682  N NH1 . ARG A 1 97  ? -11.077 -6.012  19.141  1.00 53.62 ? 171 ARG A NH1 1 
ATOM   683  N NH2 . ARG A 1 97  ? -12.852 -5.178  17.970  1.00 52.42 ? 171 ARG A NH2 1 
ATOM   684  N N   . ARG A 1 98  ? -6.484  0.020   18.143  1.00 55.38 ? 172 ARG A N   1 
ATOM   685  C CA  . ARG A 1 98  ? -6.637  1.417   17.792  1.00 55.69 ? 172 ARG A CA  1 
ATOM   686  C C   . ARG A 1 98  ? -6.051  1.715   16.399  1.00 55.06 ? 172 ARG A C   1 
ATOM   687  O O   . ARG A 1 98  ? -6.694  2.375   15.574  1.00 54.94 ? 172 ARG A O   1 
ATOM   688  C CB  . ARG A 1 98  ? -5.972  2.249   18.882  1.00 56.07 ? 172 ARG A CB  1 
ATOM   689  C CG  . ARG A 1 98  ? -6.215  3.723   18.811  1.00 59.10 ? 172 ARG A CG  1 
ATOM   690  C CD  . ARG A 1 98  ? -5.402  4.435   19.912  1.00 64.13 ? 172 ARG A CD  1 
ATOM   691  N NE  . ARG A 1 98  ? -6.249  4.840   21.032  1.00 67.23 ? 172 ARG A NE  1 
ATOM   692  C CZ  . ARG A 1 98  ? -7.188  5.784   20.941  1.00 69.28 ? 172 ARG A CZ  1 
ATOM   693  N NH1 . ARG A 1 98  ? -7.409  6.405   19.780  1.00 69.75 ? 172 ARG A NH1 1 
ATOM   694  N NH2 . ARG A 1 98  ? -7.921  6.104   21.999  1.00 69.33 ? 172 ARG A NH2 1 
ATOM   695  N N   . ALA A 1 99  ? -4.845  1.202   16.149  1.00 54.49 ? 173 ALA A N   1 
ATOM   696  C CA  . ALA A 1 99  ? -4.169  1.307   14.845  1.00 53.67 ? 173 ALA A CA  1 
ATOM   697  C C   . ALA A 1 99  ? -4.960  0.649   13.710  1.00 53.19 ? 173 ALA A C   1 
ATOM   698  O O   . ALA A 1 99  ? -5.163  1.256   12.654  1.00 52.97 ? 173 ALA A O   1 
ATOM   699  C CB  . ALA A 1 99  ? -2.770  0.714   14.928  1.00 53.51 ? 173 ALA A CB  1 
ATOM   700  N N   . VAL A 1 100 ? -5.400  -0.591  13.932  1.00 52.73 ? 174 VAL A N   1 
ATOM   701  C CA  . VAL A 1 100 ? -6.261  -1.306  12.982  1.00 52.27 ? 174 VAL A CA  1 
ATOM   702  C C   . VAL A 1 100 ? -7.535  -0.510  12.662  1.00 52.43 ? 174 VAL A C   1 
ATOM   703  O O   . VAL A 1 100 ? -7.971  -0.466  11.507  1.00 52.22 ? 174 VAL A O   1 
ATOM   704  C CB  . VAL A 1 100 ? -6.642  -2.704  13.508  1.00 52.09 ? 174 VAL A CB  1 
ATOM   705  C CG1 . VAL A 1 100 ? -7.585  -3.401  12.550  1.00 51.40 ? 174 VAL A CG1 1 
ATOM   706  C CG2 . VAL A 1 100 ? -5.406  -3.538  13.723  1.00 51.58 ? 174 VAL A CG2 1 
ATOM   707  N N   . GLU A 1 101 ? -8.111  0.122   13.692  1.00 52.62 ? 175 GLU A N   1 
ATOM   708  C CA  . GLU A 1 101 ? -9.312  0.951   13.547  1.00 52.57 ? 175 GLU A CA  1 
ATOM   709  C C   . GLU A 1 101 ? -9.086  2.138   12.615  1.00 52.04 ? 175 GLU A C   1 
ATOM   710  O O   . GLU A 1 101 ? -9.945  2.442   11.770  1.00 51.88 ? 175 GLU A O   1 
ATOM   711  C CB  . GLU A 1 101 ? -9.846  1.414   14.914  1.00 52.81 ? 175 GLU A CB  1 
ATOM   712  C CG  . GLU A 1 101 ? -10.860 0.463   15.591  1.00 54.99 ? 175 GLU A CG  1 
ATOM   713  C CD  . GLU A 1 101 ? -12.116 0.144   14.730  1.00 58.86 ? 175 GLU A CD  1 
ATOM   714  O OE1 . GLU A 1 101 ? -12.214 0.589   13.548  1.00 59.56 ? 175 GLU A OE1 1 
ATOM   715  O OE2 . GLU A 1 101 ? -13.014 -0.574  15.243  1.00 59.68 ? 175 GLU A OE2 1 
ATOM   716  N N   . ILE A 1 102 ? -7.927  2.784   12.768  1.00 51.49 ? 176 ILE A N   1 
ATOM   717  C CA  . ILE A 1 102 ? -7.503  3.878   11.885  1.00 51.07 ? 176 ILE A CA  1 
ATOM   718  C C   . ILE A 1 102 ? -7.319  3.388   10.454  1.00 50.97 ? 176 ILE A C   1 
ATOM   719  O O   . ILE A 1 102 ? -7.845  3.999   9.523   1.00 50.89 ? 176 ILE A O   1 
ATOM   720  C CB  . ILE A 1 102 ? -6.175  4.530   12.348  1.00 50.92 ? 176 ILE A CB  1 
ATOM   721  C CG1 . ILE A 1 102 ? -6.336  5.201   13.705  1.00 50.70 ? 176 ILE A CG1 1 
ATOM   722  C CG2 . ILE A 1 102 ? -5.680  5.547   11.328  1.00 50.59 ? 176 ILE A CG2 1 
ATOM   723  C CD1 . ILE A 1 102 ? -5.023  5.615   14.324  1.00 50.95 ? 176 ILE A CD1 1 
ATOM   724  N N   . ALA A 1 103 ? -6.571  2.294   10.293  1.00 50.81 ? 177 ALA A N   1 
ATOM   725  C CA  . ALA A 1 103 ? -6.229  1.758   8.975   1.00 50.79 ? 177 ALA A CA  1 
ATOM   726  C C   . ALA A 1 103 ? -7.456  1.354   8.177   1.00 50.83 ? 177 ALA A C   1 
ATOM   727  O O   . ALA A 1 103 ? -7.514  1.600   6.974   1.00 50.70 ? 177 ALA A O   1 
ATOM   728  C CB  . ALA A 1 103 ? -5.272  0.595   9.099   1.00 50.68 ? 177 ALA A CB  1 
ATOM   729  N N   . LEU A 1 104 ? -8.433  0.754   8.856   1.00 51.05 ? 178 LEU A N   1 
ATOM   730  C CA  . LEU A 1 104 ? -9.715  0.411   8.249   1.00 51.38 ? 178 LEU A CA  1 
ATOM   731  C C   . LEU A 1 104 ? -10.507 1.635   7.806   1.00 51.99 ? 178 LEU A C   1 
ATOM   732  O O   . LEU A 1 104 ? -11.043 1.661   6.688   1.00 52.20 ? 178 LEU A O   1 
ATOM   733  C CB  . LEU A 1 104 ? -10.556 -0.413  9.211   1.00 51.18 ? 178 LEU A CB  1 
ATOM   734  C CG  . LEU A 1 104 ? -10.210 -1.888  9.362   1.00 51.11 ? 178 LEU A CG  1 
ATOM   735  C CD1 . LEU A 1 104 ? -11.033 -2.477  10.493  1.00 50.57 ? 178 LEU A CD1 1 
ATOM   736  C CD2 . LEU A 1 104 ? -10.434 -2.652  8.062   1.00 50.61 ? 178 LEU A CD2 1 
ATOM   737  N N   . LYS A 1 105 ? -10.575 2.643   8.679   1.00 52.67 ? 179 LYS A N   1 
ATOM   738  C CA  . LYS A 1 105 ? -11.250 3.908   8.361   1.00 53.45 ? 179 LYS A CA  1 
ATOM   739  C C   . LYS A 1 105 ? -10.690 4.558   7.104   1.00 53.16 ? 179 LYS A C   1 
ATOM   740  O O   . LYS A 1 105 ? -11.453 5.084   6.302   1.00 53.68 ? 179 LYS A O   1 
ATOM   741  C CB  . LYS A 1 105 ? -11.140 4.903   9.519   1.00 53.89 ? 179 LYS A CB  1 
ATOM   742  C CG  . LYS A 1 105 ? -12.488 5.465   10.015  1.00 56.96 ? 179 LYS A CG  1 
ATOM   743  C CD  . LYS A 1 105 ? -13.244 6.334   8.985   1.00 61.87 ? 179 LYS A CD  1 
ATOM   744  C CE  . LYS A 1 105 ? -12.850 7.830   9.072   1.00 64.59 ? 179 LYS A CE  1 
ATOM   745  N NZ  . LYS A 1 105 ? -12.908 8.393   10.471  1.00 65.47 ? 179 LYS A NZ  1 
ATOM   746  N N   . GLN A 1 106 ? -9.370  4.499   6.933   1.00 52.73 ? 180 GLN A N   1 
ATOM   747  C CA  . GLN A 1 106 ? -8.682  5.230   5.872   1.00 52.49 ? 180 GLN A CA  1 
ATOM   748  C C   . GLN A 1 106 ? -8.527  4.463   4.559   1.00 51.84 ? 180 GLN A C   1 
ATOM   749  O O   . GLN A 1 106 ? -8.220  5.053   3.518   1.00 51.67 ? 180 GLN A O   1 
ATOM   750  C CB  . GLN A 1 106 ? -7.308  5.702   6.359   1.00 52.96 ? 180 GLN A CB  1 
ATOM   751  C CG  . GLN A 1 106 ? -7.345  6.647   7.558   1.00 55.00 ? 180 GLN A CG  1 
ATOM   752  C CD  . GLN A 1 106 ? -8.323  7.792   7.363   1.00 58.91 ? 180 GLN A CD  1 
ATOM   753  O OE1 . GLN A 1 106 ? -8.338  8.452   6.308   1.00 60.55 ? 180 GLN A OE1 1 
ATOM   754  N NE2 . GLN A 1 106 ? -9.163  8.030   8.375   1.00 59.83 ? 180 GLN A NE2 1 
ATOM   755  N N   . THR A 1 107 ? -8.743  3.158   4.605   1.00 51.10 ? 181 THR A N   1 
ATOM   756  C CA  . THR A 1 107 ? -8.510  2.324   3.440   1.00 50.53 ? 181 THR A CA  1 
ATOM   757  C C   . THR A 1 107 ? -9.292  2.788   2.217   1.00 50.55 ? 181 THR A C   1 
ATOM   758  O O   . THR A 1 107 ? -8.701  3.070   1.175   1.00 50.35 ? 181 THR A O   1 
ATOM   759  C CB  . THR A 1 107 ? -8.755  0.829   3.759   1.00 50.48 ? 181 THR A CB  1 
ATOM   760  O OG1 . THR A 1 107 ? -7.683  0.357   4.573   1.00 49.74 ? 181 THR A OG1 1 
ATOM   761  C CG2 . THR A 1 107 ? -8.792  -0.018  2.502   1.00 50.12 ? 181 THR A CG2 1 
ATOM   762  N N   . ASP A 1 108 ? -10.610 2.906   2.353   1.00 50.70 ? 182 ASP A N   1 
ATOM   763  C CA  . ASP A 1 108 ? -11.464 3.226   1.210   1.00 50.65 ? 182 ASP A CA  1 
ATOM   764  C C   . ASP A 1 108 ? -11.127 4.572   0.615   1.00 50.76 ? 182 ASP A C   1 
ATOM   765  O O   . ASP A 1 108 ? -11.248 4.758   -0.603  1.00 50.88 ? 182 ASP A O   1 
ATOM   766  C CB  . ASP A 1 108 ? -12.926 3.182   1.603   1.00 50.63 ? 182 ASP A CB  1 
ATOM   767  C CG  . ASP A 1 108 ? -13.381 1.793   1.929   1.00 51.50 ? 182 ASP A CG  1 
ATOM   768  O OD1 . ASP A 1 108 ? -13.564 1.002   0.990   1.00 51.69 ? 182 ASP A OD1 1 
ATOM   769  O OD2 . ASP A 1 108 ? -13.542 1.485   3.128   1.00 54.12 ? 182 ASP A OD2 1 
ATOM   770  N N   . LYS A 1 109 ? -10.707 5.503   1.472   1.00 50.74 ? 183 LYS A N   1 
ATOM   771  C CA  . LYS A 1 109 ? -10.227 6.803   1.030   1.00 50.79 ? 183 LYS A CA  1 
ATOM   772  C C   . LYS A 1 109 ? -9.143  6.610   -0.014  1.00 50.87 ? 183 LYS A C   1 
ATOM   773  O O   . LYS A 1 109 ? -9.206  7.200   -1.100  1.00 50.98 ? 183 LYS A O   1 
ATOM   774  C CB  . LYS A 1 109 ? -9.702  7.612   2.220   1.00 51.06 ? 183 LYS A CB  1 
ATOM   775  C CG  . LYS A 1 109 ? -8.751  8.759   1.892   1.00 51.29 ? 183 LYS A CG  1 
ATOM   776  C CD  . LYS A 1 109 ? -8.752  9.767   3.026   1.00 53.61 ? 183 LYS A CD  1 
ATOM   777  C CE  . LYS A 1 109 ? -7.385  10.414  3.256   1.00 55.62 ? 183 LYS A CE  1 
ATOM   778  N NZ  . LYS A 1 109 ? -6.631  9.760   4.382   1.00 56.59 ? 183 LYS A NZ  1 
ATOM   779  N N   . TYR A 1 110 ? -8.170  5.756   0.307   1.00 50.69 ? 184 TYR A N   1 
ATOM   780  C CA  . TYR A 1 110 ? -7.012  5.548   -0.557  1.00 50.54 ? 184 TYR A CA  1 
ATOM   781  C C   . TYR A 1 110 ? -7.269  4.712   -1.801  1.00 50.44 ? 184 TYR A C   1 
ATOM   782  O O   . TYR A 1 110 ? -6.688  4.970   -2.850  1.00 50.40 ? 184 TYR A O   1 
ATOM   783  C CB  . TYR A 1 110 ? -5.858  4.979   0.243   1.00 50.59 ? 184 TYR A CB  1 
ATOM   784  C CG  . TYR A 1 110 ? -5.283  6.005   1.170   1.00 51.03 ? 184 TYR A CG  1 
ATOM   785  C CD1 . TYR A 1 110 ? -4.731  7.180   0.670   1.00 51.39 ? 184 TYR A CD1 1 
ATOM   786  C CD2 . TYR A 1 110 ? -5.299  5.816   2.547   1.00 51.47 ? 184 TYR A CD2 1 
ATOM   787  C CE1 . TYR A 1 110 ? -4.206  8.133   1.511   1.00 51.41 ? 184 TYR A CE1 1 
ATOM   788  C CE2 . TYR A 1 110 ? -4.772  6.766   3.401   1.00 51.29 ? 184 TYR A CE2 1 
ATOM   789  C CZ  . TYR A 1 110 ? -4.228  7.921   2.874   1.00 51.08 ? 184 TYR A CZ  1 
ATOM   790  O OH  . TYR A 1 110 ? -3.696  8.870   3.705   1.00 51.42 ? 184 TYR A OH  1 
ATOM   791  N N   . LEU A 1 111 ? -8.140  3.717   -1.683  1.00 50.38 ? 185 LEU A N   1 
ATOM   792  C CA  . LEU A 1 111 ? -8.579  2.949   -2.840  1.00 50.29 ? 185 LEU A CA  1 
ATOM   793  C C   . LEU A 1 111 ? -9.161  3.857   -3.934  1.00 50.23 ? 185 LEU A C   1 
ATOM   794  O O   . LEU A 1 111 ? -9.244  3.468   -5.100  1.00 50.10 ? 185 LEU A O   1 
ATOM   795  C CB  . LEU A 1 111 ? -9.595  1.897   -2.412  1.00 50.27 ? 185 LEU A CB  1 
ATOM   796  C CG  . LEU A 1 111 ? -9.051  0.710   -1.621  1.00 50.60 ? 185 LEU A CG  1 
ATOM   797  C CD1 . LEU A 1 111 ? -10.168 0.032   -0.849  1.00 50.48 ? 185 LEU A CD1 1 
ATOM   798  C CD2 . LEU A 1 111 ? -8.349  -0.286  -2.533  1.00 51.19 ? 185 LEU A CD2 1 
ATOM   799  N N   . GLY A 1 112 ? -9.536  5.074   -3.550  1.00 50.10 ? 186 GLY A N   1 
ATOM   800  C CA  . GLY A 1 112 ? -9.984  6.077   -4.502  1.00 50.21 ? 186 GLY A CA  1 
ATOM   801  C C   . GLY A 1 112 ? -8.944  6.383   -5.552  1.00 50.37 ? 186 GLY A C   1 
ATOM   802  O O   . GLY A 1 112 ? -9.265  6.846   -6.636  1.00 50.35 ? 186 GLY A O   1 
ATOM   803  N N   . ASN A 1 113 ? -7.687  6.113   -5.216  1.00 50.66 ? 187 ASN A N   1 
ATOM   804  C CA  . ASN A 1 113 ? -6.565  6.286   -6.130  1.00 50.74 ? 187 ASN A CA  1 
ATOM   805  C C   . ASN A 1 113 ? -6.311  5.079   -7.041  1.00 51.19 ? 187 ASN A C   1 
ATOM   806  O O   . ASN A 1 113 ? -5.329  5.052   -7.786  1.00 51.58 ? 187 ASN A O   1 
ATOM   807  C CB  . ASN A 1 113 ? -5.302  6.606   -5.332  1.00 50.40 ? 187 ASN A CB  1 
ATOM   808  C CG  . ASN A 1 113 ? -5.337  7.980   -4.724  1.00 49.35 ? 187 ASN A CG  1 
ATOM   809  O OD1 . ASN A 1 113 ? -4.994  8.163   -3.563  1.00 48.42 ? 187 ASN A OD1 1 
ATOM   810  N ND2 . ASN A 1 113 ? -5.747  8.958   -5.506  1.00 48.60 ? 187 ASN A ND2 1 
ATOM   811  N N   . VAL A 1 114 ? -7.178  4.077   -6.971  1.00 51.52 ? 188 VAL A N   1 
ATOM   812  C CA  . VAL A 1 114 ? -7.052  2.915   -7.833  1.00 51.97 ? 188 VAL A CA  1 
ATOM   813  C C   . VAL A 1 114 ? -8.055  3.060   -8.963  1.00 52.40 ? 188 VAL A C   1 
ATOM   814  O O   . VAL A 1 114 ? -9.248  3.184   -8.724  1.00 52.44 ? 188 VAL A O   1 
ATOM   815  C CB  . VAL A 1 114 ? -7.291  1.582   -7.063  1.00 51.89 ? 188 VAL A CB  1 
ATOM   816  C CG1 . VAL A 1 114 ? -7.254  0.390   -8.015  1.00 51.92 ? 188 VAL A CG1 1 
ATOM   817  C CG2 . VAL A 1 114 ? -6.267  1.405   -5.972  1.00 51.30 ? 188 VAL A CG2 1 
ATOM   818  N N   . TYR A 1 115 ? -7.562  3.052   -10.193 1.00 53.11 ? 189 TYR A N   1 
ATOM   819  C CA  . TYR A 1 115 ? -8.421  3.073   -11.371 1.00 54.06 ? 189 TYR A CA  1 
ATOM   820  C C   . TYR A 1 115 ? -8.448  1.672   -11.954 1.00 54.38 ? 189 TYR A C   1 
ATOM   821  O O   . TYR A 1 115 ? -7.402  1.147   -12.323 1.00 54.75 ? 189 TYR A O   1 
ATOM   822  C CB  . TYR A 1 115 ? -7.881  4.068   -12.401 1.00 54.35 ? 189 TYR A CB  1 
ATOM   823  C CG  . TYR A 1 115 ? -7.830  5.499   -11.907 1.00 54.70 ? 189 TYR A CG  1 
ATOM   824  C CD1 . TYR A 1 115 ? -6.814  5.929   -11.046 1.00 54.74 ? 189 TYR A CD1 1 
ATOM   825  C CD2 . TYR A 1 115 ? -8.801  6.421   -12.298 1.00 54.44 ? 189 TYR A CD2 1 
ATOM   826  C CE1 . TYR A 1 115 ? -6.764  7.242   -10.588 1.00 55.19 ? 189 TYR A CE1 1 
ATOM   827  C CE2 . TYR A 1 115 ? -8.763  7.737   -11.849 1.00 54.97 ? 189 TYR A CE2 1 
ATOM   828  C CZ  . TYR A 1 115 ? -7.744  8.142   -10.997 1.00 55.57 ? 189 TYR A CZ  1 
ATOM   829  O OH  . TYR A 1 115 ? -7.714  9.445   -10.550 1.00 56.34 ? 189 TYR A OH  1 
ATOM   830  N N   . LEU A 1 116 ? -9.622  1.050   -12.009 1.00 54.84 ? 190 LEU A N   1 
ATOM   831  C CA  . LEU A 1 116 ? -9.725  -0.312  -12.559 1.00 55.46 ? 190 LEU A CA  1 
ATOM   832  C C   . LEU A 1 116 ? -10.245 -0.308  -13.978 1.00 55.65 ? 190 LEU A C   1 
ATOM   833  O O   . LEU A 1 116 ? -10.856 0.660   -14.435 1.00 55.86 ? 190 LEU A O   1 
ATOM   834  C CB  . LEU A 1 116 ? -10.653 -1.198  -11.733 1.00 55.42 ? 190 LEU A CB  1 
ATOM   835  C CG  . LEU A 1 116 ? -10.359 -1.567  -10.286 1.00 56.54 ? 190 LEU A CG  1 
ATOM   836  C CD1 . LEU A 1 116 ? -11.585 -2.281  -9.716  1.00 57.79 ? 190 LEU A CD1 1 
ATOM   837  C CD2 . LEU A 1 116 ? -9.117  -2.445  -10.168 1.00 57.74 ? 190 LEU A CD2 1 
ATOM   838  N N   . CYS A 1 117 ? -10.010 -1.413  -14.664 1.00 55.81 ? 191 CYS A N   1 
ATOM   839  C CA  . CYS A 1 117 ? -10.610 -1.651  -15.955 1.00 56.07 ? 191 CYS A CA  1 
ATOM   840  C C   . CYS A 1 117 ? -10.256 -3.044  -16.417 1.00 56.14 ? 191 CYS A C   1 
ATOM   841  O O   . CYS A 1 117 ? -9.497  -3.759  -15.761 1.00 56.23 ? 191 CYS A O   1 
ATOM   842  C CB  . CYS A 1 117 ? -10.139 -0.627  -16.976 1.00 56.17 ? 191 CYS A CB  1 
ATOM   843  S SG  . CYS A 1 117 ? -8.535  -0.978  -17.617 1.00 56.42 ? 191 CYS A SG  1 
ATOM   844  N N   . ASP A 1 118 ? -10.794 -3.415  -17.567 1.00 56.29 ? 192 ASP A N   1 
ATOM   845  C CA  . ASP A 1 118 ? -10.759 -4.796  -17.996 1.00 56.44 ? 192 ASP A CA  1 
ATOM   846  C C   . ASP A 1 118 ? -9.343  -5.331  -18.223 1.00 55.74 ? 192 ASP A C   1 
ATOM   847  O O   . ASP A 1 118 ? -9.039  -6.469  -17.861 1.00 55.70 ? 192 ASP A O   1 
ATOM   848  C CB  . ASP A 1 118 ? -11.607 -4.979  -19.253 1.00 57.08 ? 192 ASP A CB  1 
ATOM   849  C CG  . ASP A 1 118 ? -11.458 -6.361  -19.838 1.00 59.02 ? 192 ASP A CG  1 
ATOM   850  O OD1 . ASP A 1 118 ? -12.139 -7.281  -19.323 1.00 60.46 ? 192 ASP A OD1 1 
ATOM   851  O OD2 . ASP A 1 118 ? -10.634 -6.524  -20.782 1.00 60.85 ? 192 ASP A OD2 1 
ATOM   852  N N   . ALA A 1 119 ? -8.486  -4.512  -18.819 1.00 54.91 ? 193 ALA A N   1 
ATOM   853  C CA  . ALA A 1 119 ? -7.166  -4.983  -19.207 1.00 54.29 ? 193 ALA A CA  1 
ATOM   854  C C   . ALA A 1 119 ? -6.086  -4.740  -18.150 1.00 53.90 ? 193 ALA A C   1 
ATOM   855  O O   . ALA A 1 119 ? -4.943  -5.168  -18.321 1.00 54.17 ? 193 ALA A O   1 
ATOM   856  C CB  . ALA A 1 119 ? -6.762  -4.391  -20.549 1.00 54.40 ? 193 ALA A CB  1 
ATOM   857  N N   . GLY A 1 120 ? -6.442  -4.072  -17.057 1.00 53.14 ? 194 GLY A N   1 
ATOM   858  C CA  . GLY A 1 120 ? -5.481  -3.820  -15.997 1.00 52.08 ? 194 GLY A CA  1 
ATOM   859  C C   . GLY A 1 120 ? -5.940  -2.771  -15.019 1.00 51.45 ? 194 GLY A C   1 
ATOM   860  O O   . GLY A 1 120 ? -7.113  -2.709  -14.679 1.00 51.54 ? 194 GLY A O   1 
ATOM   861  N N   . HIS A 1 121 ? -5.007  -1.945  -14.566 1.00 50.82 ? 195 HIS A N   1 
ATOM   862  C CA  . HIS A 1 121 ? -5.295  -0.947  -13.553 1.00 50.43 ? 195 HIS A CA  1 
ATOM   863  C C   . HIS A 1 121 ? -4.212  0.121   -13.492 1.00 50.56 ? 195 HIS A C   1 
ATOM   864  O O   . HIS A 1 121 ? -3.127  -0.045  -14.052 1.00 50.66 ? 195 HIS A O   1 
ATOM   865  C CB  . HIS A 1 121 ? -5.433  -1.614  -12.188 1.00 50.20 ? 195 HIS A CB  1 
ATOM   866  C CG  . HIS A 1 121 ? -4.279  -2.499  -11.826 1.00 49.81 ? 195 HIS A CG  1 
ATOM   867  N ND1 . HIS A 1 121 ? -3.064  -2.006  -11.401 1.00 49.32 ? 195 HIS A ND1 1 
ATOM   868  C CD2 . HIS A 1 121 ? -4.158  -3.848  -11.819 1.00 49.68 ? 195 HIS A CD2 1 
ATOM   869  C CE1 . HIS A 1 121 ? -2.243  -3.007  -11.149 1.00 48.61 ? 195 HIS A CE1 1 
ATOM   870  N NE2 . HIS A 1 121 ? -2.883  -4.135  -11.394 1.00 49.76 ? 195 HIS A NE2 1 
ATOM   871  N N   . LEU A 1 122 ? -4.518  1.216   -12.808 1.00 50.52 ? 196 LEU A N   1 
ATOM   872  C CA  . LEU A 1 122 ? -3.543  2.246   -12.520 1.00 50.97 ? 196 LEU A CA  1 
ATOM   873  C C   . LEU A 1 122 ? -3.695  2.649   -11.060 1.00 51.33 ? 196 LEU A C   1 
ATOM   874  O O   . LEU A 1 122 ? -4.813  2.696   -10.547 1.00 51.59 ? 196 LEU A O   1 
ATOM   875  C CB  . LEU A 1 122 ? -3.775  3.451   -13.422 1.00 50.96 ? 196 LEU A CB  1 
ATOM   876  C CG  . LEU A 1 122 ? -2.876  4.667   -13.173 1.00 51.64 ? 196 LEU A CG  1 
ATOM   877  C CD1 . LEU A 1 122 ? -1.502  4.457   -13.761 1.00 51.97 ? 196 LEU A CD1 1 
ATOM   878  C CD2 . LEU A 1 122 ? -3.490  5.918   -13.752 1.00 52.71 ? 196 LEU A CD2 1 
ATOM   879  N N   . GLU A 1 123 ? -2.582  2.908   -10.382 1.00 51.51 ? 197 GLU A N   1 
ATOM   880  C CA  . GLU A 1 123 ? -2.640  3.348   -8.997  1.00 52.23 ? 197 GLU A CA  1 
ATOM   881  C C   . GLU A 1 123 ? -1.497  4.282   -8.693  1.00 52.50 ? 197 GLU A C   1 
ATOM   882  O O   . GLU A 1 123 ? -0.325  3.978   -8.948  1.00 52.80 ? 197 GLU A O   1 
ATOM   883  C CB  . GLU A 1 123 ? -2.629  2.176   -8.015  1.00 52.03 ? 197 GLU A CB  1 
ATOM   884  C CG  . GLU A 1 123 ? -2.676  2.601   -6.539  1.00 52.69 ? 197 GLU A CG  1 
ATOM   885  C CD  . GLU A 1 123 ? -2.803  1.428   -5.573  1.00 53.47 ? 197 GLU A CD  1 
ATOM   886  O OE1 . GLU A 1 123 ? -2.503  0.282   -5.972  1.00 56.11 ? 197 GLU A OE1 1 
ATOM   887  O OE2 . GLU A 1 123 ? -3.216  1.644   -4.408  1.00 55.52 ? 197 GLU A OE2 1 
ATOM   888  N N   . VAL A 1 124 ? -1.855  5.430   -8.138  1.00 52.74 ? 198 VAL A N   1 
ATOM   889  C CA  . VAL A 1 124 ? -0.884  6.426   -7.758  1.00 52.78 ? 198 VAL A CA  1 
ATOM   890  C C   . VAL A 1 124 ? -1.234  6.889   -6.348  1.00 52.90 ? 198 VAL A C   1 
ATOM   891  O O   . VAL A 1 124 ? -2.339  7.372   -6.112  1.00 53.16 ? 198 VAL A O   1 
ATOM   892  C CB  . VAL A 1 124 ? -0.892  7.602   -8.750  1.00 52.71 ? 198 VAL A CB  1 
ATOM   893  C CG1 . VAL A 1 124 ? 0.285   8.498   -8.501  1.00 53.28 ? 198 VAL A CG1 1 
ATOM   894  C CG2 . VAL A 1 124 ? -0.823  7.097   -10.178 1.00 52.57 ? 198 VAL A CG2 1 
ATOM   895  N N   . GLN A 1 125 ? -0.301  6.709   -5.417  1.00 52.81 ? 199 GLN A N   1 
ATOM   896  C CA  . GLN A 1 125 ? -0.504  7.077   -4.022  1.00 52.95 ? 199 GLN A CA  1 
ATOM   897  C C   . GLN A 1 125 ? 0.500   8.127   -3.595  1.00 53.01 ? 199 GLN A C   1 
ATOM   898  O O   . GLN A 1 125 ? 1.607   8.197   -4.133  1.00 53.01 ? 199 GLN A O   1 
ATOM   899  C CB  . GLN A 1 125 ? -0.364  5.858   -3.105  1.00 53.08 ? 199 GLN A CB  1 
ATOM   900  C CG  . GLN A 1 125 ? -1.441  4.779   -3.273  1.00 53.99 ? 199 GLN A CG  1 
ATOM   901  C CD  . GLN A 1 125 ? -2.837  5.221   -2.845  1.00 54.81 ? 199 GLN A CD  1 
ATOM   902  O OE1 . GLN A 1 125 ? -3.033  6.329   -2.321  1.00 55.94 ? 199 GLN A OE1 1 
ATOM   903  N NE2 . GLN A 1 125 ? -3.816  4.345   -3.063  1.00 53.73 ? 199 GLN A NE2 1 
ATOM   904  N N   . TYR A 1 126 ? 0.110   8.931   -2.608  1.00 53.13 ? 200 TYR A N   1 
ATOM   905  C CA  . TYR A 1 126 ? 0.959   9.999   -2.084  1.00 53.01 ? 200 TYR A CA  1 
ATOM   906  C C   . TYR A 1 126 ? 0.876   10.073  -0.566  1.00 52.83 ? 200 TYR A C   1 
ATOM   907  O O   . TYR A 1 126 ? -0.184  9.826   0.008   1.00 53.32 ? 200 TYR A O   1 
ATOM   908  C CB  . TYR A 1 126 ? 0.552   11.349  -2.685  1.00 53.12 ? 200 TYR A CB  1 
ATOM   909  C CG  . TYR A 1 126 ? 1.214   12.540  -2.018  1.00 53.51 ? 200 TYR A CG  1 
ATOM   910  C CD1 . TYR A 1 126 ? 2.561   12.819  -2.233  1.00 53.33 ? 200 TYR A CD1 1 
ATOM   911  C CD2 . TYR A 1 126 ? 0.495   13.383  -1.163  1.00 53.25 ? 200 TYR A CD2 1 
ATOM   912  C CE1 . TYR A 1 126 ? 3.176   13.897  -1.616  1.00 53.19 ? 200 TYR A CE1 1 
ATOM   913  C CE2 . TYR A 1 126 ? 1.106   14.464  -0.544  1.00 52.78 ? 200 TYR A CE2 1 
ATOM   914  C CZ  . TYR A 1 126 ? 2.447   14.712  -0.778  1.00 53.01 ? 200 TYR A CZ  1 
ATOM   915  O OH  . TYR A 1 126 ? 3.077   15.779  -0.184  1.00 53.45 ? 200 TYR A OH  1 
ATOM   916  N N   . THR A 1 127 ? 1.997   10.404  0.071   1.00 52.33 ? 201 THR A N   1 
ATOM   917  C CA  . THR A 1 127 ? 2.033   10.752  1.490   1.00 52.13 ? 201 THR A CA  1 
ATOM   918  C C   . THR A 1 127 ? 3.026   11.899  1.663   1.00 52.21 ? 201 THR A C   1 
ATOM   919  O O   . THR A 1 127 ? 3.990   12.005  0.892   1.00 52.61 ? 201 THR A O   1 
ATOM   920  C CB  . THR A 1 127 ? 2.447   9.555   2.374   1.00 52.10 ? 201 THR A CB  1 
ATOM   921  O OG1 . THR A 1 127 ? 2.790   9.997   3.693   1.00 51.65 ? 201 THR A OG1 1 
ATOM   922  C CG2 . THR A 1 127 ? 3.635   8.831   1.781   1.00 52.34 ? 201 THR A CG2 1 
ATOM   923  N N   . ALA A 1 128 ? 2.790   12.756  2.657   1.00 51.62 ? 202 ALA A N   1 
ATOM   924  C CA  . ALA A 1 128 ? 3.680   13.882  2.926   1.00 50.84 ? 202 ALA A CA  1 
ATOM   925  C C   . ALA A 1 128 ? 4.757   13.569  3.982   1.00 50.59 ? 202 ALA A C   1 
ATOM   926  O O   . ALA A 1 128 ? 5.808   14.211  4.000   1.00 50.81 ? 202 ALA A O   1 
ATOM   927  C CB  . ALA A 1 128 ? 2.879   15.101  3.306   1.00 50.52 ? 202 ALA A CB  1 
ATOM   928  N N   . ARG A 1 129 ? 4.484   12.613  4.869   1.00 50.08 ? 203 ARG A N   1 
ATOM   929  C CA  . ARG A 1 129 ? 5.498   12.055  5.772   1.00 50.13 ? 203 ARG A CA  1 
ATOM   930  C C   . ARG A 1 129 ? 5.392   10.564  5.642   1.00 50.04 ? 203 ARG A C   1 
ATOM   931  O O   . ARG A 1 129 ? 4.449   9.964   6.172   1.00 50.73 ? 203 ARG A O   1 
ATOM   932  C CB  . ARG A 1 129 ? 5.270   12.381  7.262   1.00 50.04 ? 203 ARG A CB  1 
ATOM   933  C CG  . ARG A 1 129 ? 5.310   13.849  7.659   1.00 51.49 ? 203 ARG A CG  1 
ATOM   934  C CD  . ARG A 1 129 ? 6.357   14.147  8.753   1.00 52.06 ? 203 ARG A CD  1 
ATOM   935  N NE  . ARG A 1 129 ? 6.374   13.223  9.898   1.00 50.47 ? 203 ARG A NE  1 
ATOM   936  C CZ  . ARG A 1 129 ? 7.306   13.258  10.856  1.00 50.52 ? 203 ARG A CZ  1 
ATOM   937  N NH1 . ARG A 1 129 ? 8.289   14.145  10.802  1.00 49.45 ? 203 ARG A NH1 1 
ATOM   938  N NH2 . ARG A 1 129 ? 7.276   12.405  11.871  1.00 51.27 ? 203 ARG A NH2 1 
ATOM   939  N N   . ALA A 1 130 ? 6.327   9.944   4.936   1.00 49.44 ? 204 ALA A N   1 
ATOM   940  C CA  . ALA A 1 130 ? 6.373   8.502   4.950   1.00 48.78 ? 204 ALA A CA  1 
ATOM   941  C C   . ALA A 1 130 ? 6.878   8.108   6.331   1.00 48.50 ? 204 ALA A C   1 
ATOM   942  O O   . ALA A 1 130 ? 7.800   8.737   6.846   1.00 48.49 ? 204 ALA A O   1 
ATOM   943  C CB  . ALA A 1 130 ? 7.283   7.997   3.878   1.00 48.60 ? 204 ALA A CB  1 
ATOM   944  N N   . SER A 1 131 ? 6.250   7.115   6.957   1.00 48.17 ? 205 SER A N   1 
ATOM   945  C CA  . SER A 1 131 ? 6.848   6.536   8.152   1.00 48.11 ? 205 SER A CA  1 
ATOM   946  C C   . SER A 1 131 ? 6.991   5.005   8.102   1.00 47.94 ? 205 SER A C   1 
ATOM   947  O O   . SER A 1 131 ? 7.145   4.424   7.027   1.00 47.99 ? 205 SER A O   1 
ATOM   948  C CB  . SER A 1 131 ? 6.206   7.082   9.451   1.00 48.37 ? 205 SER A CB  1 
ATOM   949  O OG  . SER A 1 131 ? 5.216   6.226   9.979   1.00 47.96 ? 205 SER A OG  1 
ATOM   950  N N   . LEU A 1 132 ? 6.952   4.369   9.268   1.00 47.77 ? 206 LEU A N   1 
ATOM   951  C CA  . LEU A 1 132 ? 7.357   2.973   9.443   1.00 47.39 ? 206 LEU A CA  1 
ATOM   952  C C   . LEU A 1 132 ? 6.944   1.985   8.357   1.00 47.26 ? 206 LEU A C   1 
ATOM   953  O O   . LEU A 1 132 ? 7.735   1.102   8.005   1.00 47.24 ? 206 LEU A O   1 
ATOM   954  C CB  . LEU A 1 132 ? 6.894   2.464   10.796  1.00 47.45 ? 206 LEU A CB  1 
ATOM   955  C CG  . LEU A 1 132 ? 7.521   3.166   11.988  1.00 47.70 ? 206 LEU A CG  1 
ATOM   956  C CD1 . LEU A 1 132 ? 6.608   3.025   13.188  1.00 48.89 ? 206 LEU A CD1 1 
ATOM   957  C CD2 . LEU A 1 132 ? 8.876   2.565   12.270  1.00 49.02 ? 206 LEU A CD2 1 
ATOM   958  N N   . ILE A 1 133 ? 5.725   2.113   7.830   1.00 46.89 ? 207 ILE A N   1 
ATOM   959  C CA  . ILE A 1 133 ? 5.289   1.191   6.781   1.00 46.69 ? 207 ILE A CA  1 
ATOM   960  C C   . ILE A 1 133 ? 6.218   1.256   5.568   1.00 46.79 ? 207 ILE A C   1 
ATOM   961  O O   . ILE A 1 133 ? 6.851   0.251   5.219   1.00 46.95 ? 207 ILE A O   1 
ATOM   962  C CB  . ILE A 1 133 ? 3.827   1.398   6.359   1.00 46.57 ? 207 ILE A CB  1 
ATOM   963  C CG1 . ILE A 1 133 ? 2.889   0.955   7.483   1.00 46.72 ? 207 ILE A CG1 1 
ATOM   964  C CG2 . ILE A 1 133 ? 3.511   0.609   5.080   1.00 46.04 ? 207 ILE A CG2 1 
ATOM   965  C CD1 . ILE A 1 133 ? 2.768   -0.555  7.652   1.00 46.21 ? 207 ILE A CD1 1 
ATOM   966  N N   . PHE A 1 134 ? 6.326   2.438   4.960   1.00 46.45 ? 208 PHE A N   1 
ATOM   967  C CA  . PHE A 1 134 ? 7.068   2.593   3.719   1.00 46.11 ? 208 PHE A CA  1 
ATOM   968  C C   . PHE A 1 134 ? 8.558   2.538   3.933   1.00 46.34 ? 208 PHE A C   1 
ATOM   969  O O   . PHE A 1 134 ? 9.313   2.260   3.000   1.00 46.35 ? 208 PHE A O   1 
ATOM   970  C CB  . PHE A 1 134 ? 6.667   3.876   3.013   1.00 45.99 ? 208 PHE A CB  1 
ATOM   971  C CG  . PHE A 1 134 ? 5.207   3.956   2.720   1.00 45.66 ? 208 PHE A CG  1 
ATOM   972  C CD1 . PHE A 1 134 ? 4.588   2.970   1.961   1.00 45.46 ? 208 PHE A CD1 1 
ATOM   973  C CD2 . PHE A 1 134 ? 4.440   5.002   3.221   1.00 45.54 ? 208 PHE A CD2 1 
ATOM   974  C CE1 . PHE A 1 134 ? 3.227   3.026   1.698   1.00 45.72 ? 208 PHE A CE1 1 
ATOM   975  C CE2 . PHE A 1 134 ? 3.075   5.076   2.956   1.00 45.81 ? 208 PHE A CE2 1 
ATOM   976  C CZ  . PHE A 1 134 ? 2.465   4.085   2.193   1.00 45.87 ? 208 PHE A CZ  1 
ATOM   977  N N   . GLU A 1 135 ? 8.988   2.779   5.166   1.00 46.61 ? 209 GLU A N   1 
ATOM   978  C CA  . GLU A 1 135 ? 10.384  2.553   5.515   1.00 46.91 ? 209 GLU A CA  1 
ATOM   979  C C   . GLU A 1 135 ? 10.722  1.065   5.481   1.00 47.40 ? 209 GLU A C   1 
ATOM   980  O O   . GLU A 1 135 ? 11.774  0.673   4.988   1.00 47.74 ? 209 GLU A O   1 
ATOM   981  C CB  . GLU A 1 135 ? 10.699  3.114   6.883   1.00 46.62 ? 209 GLU A CB  1 
ATOM   982  C CG  . GLU A 1 135 ? 10.434  4.573   7.014   1.00 46.22 ? 209 GLU A CG  1 
ATOM   983  C CD  . GLU A 1 135 ? 10.862  5.081   8.358   1.00 46.16 ? 209 GLU A CD  1 
ATOM   984  O OE1 . GLU A 1 135 ? 10.463  6.202   8.710   1.00 46.00 ? 209 GLU A OE1 1 
ATOM   985  O OE2 . GLU A 1 135 ? 11.595  4.353   9.065   1.00 46.08 ? 209 GLU A OE2 1 
ATOM   986  N N   . LYS A 1 136 ? 9.829   0.232   5.999   1.00 47.86 ? 210 LYS A N   1 
ATOM   987  C CA  . LYS A 1 136 ? 10.065  -1.200  5.995   1.00 48.37 ? 210 LYS A CA  1 
ATOM   988  C C   . LYS A 1 136 ? 9.845   -1.808  4.595   1.00 48.12 ? 210 LYS A C   1 
ATOM   989  O O   . LYS A 1 136 ? 10.605  -2.678  4.166   1.00 48.41 ? 210 LYS A O   1 
ATOM   990  C CB  . LYS A 1 136 ? 9.213   -1.889  7.071   1.00 48.75 ? 210 LYS A CB  1 
ATOM   991  C CG  . LYS A 1 136 ? 9.452   -3.391  7.236   1.00 50.57 ? 210 LYS A CG  1 
ATOM   992  C CD  . LYS A 1 136 ? 9.839   -3.701  8.678   1.00 54.92 ? 210 LYS A CD  1 
ATOM   993  C CE  . LYS A 1 136 ? 9.401   -5.099  9.125   1.00 57.06 ? 210 LYS A CE  1 
ATOM   994  N NZ  . LYS A 1 136 ? 10.105  -6.208  8.408   1.00 58.83 ? 210 LYS A NZ  1 
ATOM   995  N N   . ALA A 1 137 ? 8.824   -1.340  3.885   1.00 47.61 ? 211 ALA A N   1 
ATOM   996  C CA  . ALA A 1 137 ? 8.450   -1.948  2.612   1.00 47.31 ? 211 ALA A CA  1 
ATOM   997  C C   . ALA A 1 137 ? 9.420   -1.578  1.496   1.00 47.20 ? 211 ALA A C   1 
ATOM   998  O O   . ALA A 1 137 ? 9.744   -2.403  0.654   1.00 47.28 ? 211 ALA A O   1 
ATOM   999  C CB  . ALA A 1 137 ? 7.022   -1.557  2.225   1.00 47.10 ? 211 ALA A CB  1 
ATOM   1000 N N   . PHE A 1 138 ? 9.892   -0.335  1.511   1.00 46.94 ? 212 PHE A N   1 
ATOM   1001 C CA  . PHE A 1 138 ? 10.558  0.242   0.358   1.00 46.18 ? 212 PHE A CA  1 
ATOM   1002 C C   . PHE A 1 138 ? 11.843  0.946   0.703   1.00 45.98 ? 212 PHE A C   1 
ATOM   1003 O O   . PHE A 1 138 ? 12.584  1.340   -0.197  1.00 46.04 ? 212 PHE A O   1 
ATOM   1004 C CB  . PHE A 1 138 ? 9.650   1.275   -0.278  1.00 46.21 ? 212 PHE A CB  1 
ATOM   1005 C CG  . PHE A 1 138 ? 8.391   0.718   -0.833  1.00 45.88 ? 212 PHE A CG  1 
ATOM   1006 C CD1 . PHE A 1 138 ? 8.420   -0.267  -1.808  1.00 46.01 ? 212 PHE A CD1 1 
ATOM   1007 C CD2 . PHE A 1 138 ? 7.167   1.216   -0.417  1.00 46.31 ? 212 PHE A CD2 1 
ATOM   1008 C CE1 . PHE A 1 138 ? 7.245   -0.773  -2.348  1.00 47.03 ? 212 PHE A CE1 1 
ATOM   1009 C CE2 . PHE A 1 138 ? 5.979   0.722   -0.946  1.00 47.29 ? 212 PHE A CE2 1 
ATOM   1010 C CZ  . PHE A 1 138 ? 6.016   -0.279  -1.918  1.00 47.18 ? 212 PHE A CZ  1 
ATOM   1011 N N   . GLY A 1 139 ? 12.092  1.135   1.992   1.00 45.59 ? 213 GLY A N   1 
ATOM   1012 C CA  . GLY A 1 139 ? 13.229  1.925   2.428   1.00 45.67 ? 213 GLY A CA  1 
ATOM   1013 C C   . GLY A 1 139 ? 13.035  3.386   2.072   1.00 45.90 ? 213 GLY A C   1 
ATOM   1014 O O   . GLY A 1 139 ? 13.990  4.084   1.727   1.00 45.95 ? 213 GLY A O   1 
ATOM   1015 N N   . ALA A 1 140 ? 11.783  3.840   2.139   1.00 46.11 ? 214 ALA A N   1 
ATOM   1016 C CA  . ALA A 1 140 ? 11.431  5.228   1.862   1.00 45.90 ? 214 ALA A CA  1 
ATOM   1017 C C   . ALA A 1 140 ? 12.199  6.118   2.808   1.00 45.95 ? 214 ALA A C   1 
ATOM   1018 O O   . ALA A 1 140 ? 12.280  5.809   3.994   1.00 45.60 ? 214 ALA A O   1 
ATOM   1019 C CB  . ALA A 1 140 ? 9.953   5.438   2.048   1.00 45.77 ? 214 ALA A CB  1 
ATOM   1020 N N   . PRO A 1 141 ? 12.797  7.206   2.282   1.00 46.43 ? 215 PRO A N   1 
ATOM   1021 C CA  . PRO A 1 141 ? 13.426  8.195   3.151   1.00 46.78 ? 215 PRO A CA  1 
ATOM   1022 C C   . PRO A 1 141 ? 12.407  8.674   4.177   1.00 47.25 ? 215 PRO A C   1 
ATOM   1023 O O   . PRO A 1 141 ? 11.344  9.208   3.812   1.00 47.52 ? 215 PRO A O   1 
ATOM   1024 C CB  . PRO A 1 141 ? 13.812  9.320   2.185   1.00 46.65 ? 215 PRO A CB  1 
ATOM   1025 C CG  . PRO A 1 141 ? 13.953  8.663   0.876   1.00 46.16 ? 215 PRO A CG  1 
ATOM   1026 C CD  . PRO A 1 141 ? 12.942  7.561   0.858   1.00 46.43 ? 215 PRO A CD  1 
ATOM   1027 N N   . SER A 1 142 ? 12.737  8.430   5.444   1.00 47.57 ? 216 SER A N   1 
ATOM   1028 C CA  . SER A 1 142 ? 11.872  8.687   6.584   1.00 47.98 ? 216 SER A CA  1 
ATOM   1029 C C   . SER A 1 142 ? 11.464  10.157  6.684   1.00 48.50 ? 216 SER A C   1 
ATOM   1030 O O   . SER A 1 142 ? 12.293  11.063  6.487   1.00 48.88 ? 216 SER A O   1 
ATOM   1031 C CB  . SER A 1 142 ? 12.612  8.259   7.848   1.00 47.76 ? 216 SER A CB  1 
ATOM   1032 O OG  . SER A 1 142 ? 11.871  8.560   9.013   1.00 48.93 ? 216 SER A OG  1 
ATOM   1033 N N   . GLY A 1 143 ? 10.187  10.392  6.978   1.00 48.80 ? 217 GLY A N   1 
ATOM   1034 C CA  . GLY A 1 143 ? 9.679   11.748  7.211   1.00 49.09 ? 217 GLY A CA  1 
ATOM   1035 C C   . GLY A 1 143 ? 9.494   12.582  5.957   1.00 49.31 ? 217 GLY A C   1 
ATOM   1036 O O   . GLY A 1 143 ? 8.868   13.635  5.993   1.00 49.58 ? 217 GLY A O   1 
ATOM   1037 N N   . GLN A 1 144 ? 10.025  12.106  4.842   1.00 49.57 ? 218 GLN A N   1 
ATOM   1038 C CA  . GLN A 1 144 ? 9.953   12.825  3.579   1.00 49.96 ? 218 GLN A CA  1 
ATOM   1039 C C   . GLN A 1 144 ? 8.680   12.481  2.827   1.00 49.77 ? 218 GLN A C   1 
ATOM   1040 O O   . GLN A 1 144 ? 8.068   11.459  3.106   1.00 50.01 ? 218 GLN A O   1 
ATOM   1041 C CB  . GLN A 1 144 ? 11.185  12.483  2.734   1.00 50.49 ? 218 GLN A CB  1 
ATOM   1042 C CG  . GLN A 1 144 ? 12.511  12.862  3.410   1.00 51.59 ? 218 GLN A CG  1 
ATOM   1043 C CD  . GLN A 1 144 ? 12.450  14.254  4.013   1.00 53.63 ? 218 GLN A CD  1 
ATOM   1044 O OE1 . GLN A 1 144 ? 12.541  14.410  5.228   1.00 54.45 ? 218 GLN A OE1 1 
ATOM   1045 N NE2 . GLN A 1 144 ? 12.244  15.271  3.166   1.00 54.49 ? 218 GLN A NE2 1 
ATOM   1046 N N   . ALA A 1 145 ? 8.276   13.330  1.883   1.00 49.57 ? 219 ALA A N   1 
ATOM   1047 C CA  . ALA A 1 145 ? 7.139   13.018  1.012   1.00 49.43 ? 219 ALA A CA  1 
ATOM   1048 C C   . ALA A 1 145 ? 7.463   11.761  0.203   1.00 49.64 ? 219 ALA A C   1 
ATOM   1049 O O   . ALA A 1 145 ? 8.638   11.456  -0.040  1.00 50.05 ? 219 ALA A O   1 
ATOM   1050 C CB  . ALA A 1 145 ? 6.829   14.178  0.090   1.00 49.20 ? 219 ALA A CB  1 
ATOM   1051 N N   . PHE A 1 146 ? 6.433   11.034  -0.218  1.00 49.50 ? 220 PHE A N   1 
ATOM   1052 C CA  . PHE A 1 146 ? 6.638   9.731   -0.839  1.00 49.30 ? 220 PHE A CA  1 
ATOM   1053 C C   . PHE A 1 146 ? 5.551   9.436   -1.858  1.00 49.53 ? 220 PHE A C   1 
ATOM   1054 O O   . PHE A 1 146 ? 4.378   9.739   -1.619  1.00 49.68 ? 220 PHE A O   1 
ATOM   1055 C CB  . PHE A 1 146 ? 6.661   8.657   0.251   1.00 49.09 ? 220 PHE A CB  1 
ATOM   1056 C CG  . PHE A 1 146 ? 7.136   7.318   -0.211  1.00 48.55 ? 220 PHE A CG  1 
ATOM   1057 C CD1 . PHE A 1 146 ? 8.433   7.142   -0.666  1.00 48.38 ? 220 PHE A CD1 1 
ATOM   1058 C CD2 . PHE A 1 146 ? 6.291   6.217   -0.157  1.00 48.98 ? 220 PHE A CD2 1 
ATOM   1059 C CE1 . PHE A 1 146 ? 8.873   5.896   -1.086  1.00 48.68 ? 220 PHE A CE1 1 
ATOM   1060 C CE2 . PHE A 1 146 ? 6.718   4.956   -0.576  1.00 48.89 ? 220 PHE A CE2 1 
ATOM   1061 C CZ  . PHE A 1 146 ? 8.011   4.797   -1.037  1.00 48.94 ? 220 PHE A CZ  1 
ATOM   1062 N N   . GLY A 1 147 ? 5.939   8.846   -2.987  1.00 49.51 ? 221 GLY A N   1 
ATOM   1063 C CA  . GLY A 1 147 ? 4.981   8.470   -4.029  1.00 49.73 ? 221 GLY A CA  1 
ATOM   1064 C C   . GLY A 1 147 ? 5.062   7.008   -4.443  1.00 49.89 ? 221 GLY A C   1 
ATOM   1065 O O   . GLY A 1 147 ? 6.156   6.429   -4.461  1.00 50.33 ? 221 GLY A O   1 
ATOM   1066 N N   . ILE A 1 148 ? 3.911   6.413   -4.776  1.00 49.44 ? 222 ILE A N   1 
ATOM   1067 C CA  . ILE A 1 148 ? 3.864   5.038   -5.274  1.00 49.29 ? 222 ILE A CA  1 
ATOM   1068 C C   . ILE A 1 148 ? 3.078   4.922   -6.587  1.00 49.76 ? 222 ILE A C   1 
ATOM   1069 O O   . ILE A 1 148 ? 1.948   5.400   -6.694  1.00 50.19 ? 222 ILE A O   1 
ATOM   1070 C CB  . ILE A 1 148 ? 3.279   4.073   -4.234  1.00 49.17 ? 222 ILE A CB  1 
ATOM   1071 C CG1 . ILE A 1 148 ? 4.092   4.128   -2.944  1.00 48.51 ? 222 ILE A CG1 1 
ATOM   1072 C CG2 . ILE A 1 148 ? 3.221   2.641   -4.786  1.00 48.83 ? 222 ILE A CG2 1 
ATOM   1073 C CD1 . ILE A 1 148 ? 3.385   3.518   -1.775  1.00 47.70 ? 222 ILE A CD1 1 
ATOM   1074 N N   . MET A 1 149 ? 3.686   4.272   -7.573  1.00 49.81 ? 223 MET A N   1 
ATOM   1075 C CA  . MET A 1 149 ? 3.144   4.180   -8.918  1.00 49.80 ? 223 MET A CA  1 
ATOM   1076 C C   . MET A 1 149 ? 3.150   2.747   -9.362  1.00 49.74 ? 223 MET A C   1 
ATOM   1077 O O   . MET A 1 149 ? 4.142   2.042   -9.152  1.00 50.17 ? 223 MET A O   1 
ATOM   1078 C CB  . MET A 1 149 ? 4.092   4.865   -9.884  1.00 50.01 ? 223 MET A CB  1 
ATOM   1079 C CG  . MET A 1 149 ? 3.811   6.286   -10.181 1.00 50.39 ? 223 MET A CG  1 
ATOM   1080 S SD  . MET A 1 149 ? 5.376   6.992   -10.687 1.00 49.90 ? 223 MET A SD  1 
ATOM   1081 C CE  . MET A 1 149 ? 5.989   7.467   -9.079  1.00 49.69 ? 223 MET A CE  1 
ATOM   1082 N N   . HIS A 1 150 ? 2.074   2.328   -10.020 1.00 49.04 ? 224 HIS A N   1 
ATOM   1083 C CA  . HIS A 1 150 ? 2.134   1.148   -10.857 1.00 48.57 ? 224 HIS A CA  1 
ATOM   1084 C C   . HIS A 1 150 ? 0.938   1.082   -11.775 1.00 48.36 ? 224 HIS A C   1 
ATOM   1085 O O   . HIS A 1 150 ? -0.085  1.722   -11.527 1.00 48.47 ? 224 HIS A O   1 
ATOM   1086 C CB  . HIS A 1 150 ? 2.261   -0.129  -10.029 1.00 48.68 ? 224 HIS A CB  1 
ATOM   1087 C CG  . HIS A 1 150 ? 1.114   -0.360  -9.108  1.00 49.22 ? 224 HIS A CG  1 
ATOM   1088 N ND1 . HIS A 1 150 ? -0.087  -0.883  -9.536  1.00 50.79 ? 224 HIS A ND1 1 
ATOM   1089 C CD2 . HIS A 1 150 ? 0.978   -0.138  -7.783  1.00 50.14 ? 224 HIS A CD2 1 
ATOM   1090 C CE1 . HIS A 1 150 ? -0.916  -0.973  -8.511  1.00 51.13 ? 224 HIS A CE1 1 
ATOM   1091 N NE2 . HIS A 1 150 ? -0.296  -0.520  -7.437  1.00 51.13 ? 224 HIS A NE2 1 
ATOM   1092 N N   . ALA A 1 151 ? 1.089   0.327   -12.855 1.00 48.00 ? 225 ALA A N   1 
ATOM   1093 C CA  . ALA A 1 151 ? -0.015  0.032   -13.750 1.00 47.61 ? 225 ALA A CA  1 
ATOM   1094 C C   . ALA A 1 151 ? 0.171   -1.356  -14.372 1.00 47.49 ? 225 ALA A C   1 
ATOM   1095 O O   . ALA A 1 151 ? 1.307   -1.851  -14.501 1.00 47.39 ? 225 ALA A O   1 
ATOM   1096 C CB  . ALA A 1 151 ? -0.132  1.092   -14.814 1.00 47.40 ? 225 ALA A CB  1 
ATOM   1097 N N   . ALA A 1 152 ? -0.953  -1.982  -14.721 1.00 46.90 ? 226 ALA A N   1 
ATOM   1098 C CA  . ALA A 1 152 ? -0.967  -3.273  -15.382 1.00 46.39 ? 226 ALA A CA  1 
ATOM   1099 C C   . ALA A 1 152 ? -1.733  -3.100  -16.673 1.00 46.34 ? 226 ALA A C   1 
ATOM   1100 O O   . ALA A 1 152 ? -2.727  -2.383  -16.696 1.00 46.59 ? 226 ALA A O   1 
ATOM   1101 C CB  . ALA A 1 152 ? -1.643  -4.308  -14.515 1.00 46.24 ? 226 ALA A CB  1 
ATOM   1102 N N   . PRO A 1 153 ? -1.287  -3.755  -17.755 1.00 46.21 ? 227 PRO A N   1 
ATOM   1103 C CA  . PRO A 1 153 ? -0.113  -4.609  -17.826 1.00 46.19 ? 227 PRO A CA  1 
ATOM   1104 C C   . PRO A 1 153 ? 1.142   -3.782  -17.686 1.00 46.36 ? 227 PRO A C   1 
ATOM   1105 O O   . PRO A 1 153 ? 1.113   -2.562  -17.909 1.00 46.56 ? 227 PRO A O   1 
ATOM   1106 C CB  . PRO A 1 153 ? -0.200  -5.207  -19.229 1.00 46.25 ? 227 PRO A CB  1 
ATOM   1107 C CG  . PRO A 1 153 ? -0.967  -4.226  -20.003 1.00 46.38 ? 227 PRO A CG  1 
ATOM   1108 C CD  . PRO A 1 153 ? -1.979  -3.682  -19.050 1.00 46.21 ? 227 PRO A CD  1 
ATOM   1109 N N   . ALA A 1 154 ? 2.235   -4.452  -17.330 1.00 46.39 ? 228 ALA A N   1 
ATOM   1110 C CA  . ALA A 1 154 ? 3.482   -3.789  -16.943 1.00 46.29 ? 228 ALA A CA  1 
ATOM   1111 C C   . ALA A 1 154 ? 3.917   -2.660  -17.884 1.00 46.14 ? 228 ALA A C   1 
ATOM   1112 O O   . ALA A 1 154 ? 4.518   -1.682  -17.441 1.00 46.18 ? 228 ALA A O   1 
ATOM   1113 C CB  . ALA A 1 154 ? 4.591   -4.813  -16.781 1.00 46.36 ? 228 ALA A CB  1 
ATOM   1114 N N   . GLY A 1 155 ? 3.611   -2.785  -19.168 1.00 45.76 ? 229 GLY A N   1 
ATOM   1115 C CA  . GLY A 1 155 ? 4.046   -1.788  -20.129 1.00 46.21 ? 229 GLY A CA  1 
ATOM   1116 C C   . GLY A 1 155 ? 3.585   -0.384  -19.773 1.00 46.50 ? 229 GLY A C   1 
ATOM   1117 O O   . GLY A 1 155 ? 4.364   0.580   -19.826 1.00 46.50 ? 229 GLY A O   1 
ATOM   1118 N N   . VAL A 1 156 ? 2.308   -0.281  -19.406 1.00 46.45 ? 230 VAL A N   1 
ATOM   1119 C CA  . VAL A 1 156 ? 1.706   0.966   -18.965 1.00 46.26 ? 230 VAL A CA  1 
ATOM   1120 C C   . VAL A 1 156 ? 2.473   1.489   -17.758 1.00 46.06 ? 230 VAL A C   1 
ATOM   1121 O O   . VAL A 1 156 ? 2.761   2.681   -17.663 1.00 46.12 ? 230 VAL A O   1 
ATOM   1122 C CB  . VAL A 1 156 ? 0.239   0.755   -18.590 1.00 46.39 ? 230 VAL A CB  1 
ATOM   1123 C CG1 . VAL A 1 156 ? -0.472  2.093   -18.446 1.00 46.48 ? 230 VAL A CG1 1 
ATOM   1124 C CG2 . VAL A 1 156 ? -0.458  -0.103  -19.645 1.00 46.64 ? 230 VAL A CG2 1 
ATOM   1125 N N   . GLY A 1 157 ? 2.818   0.578   -16.854 1.00 45.74 ? 231 GLY A N   1 
ATOM   1126 C CA  . GLY A 1 157 ? 3.676   0.885   -15.724 1.00 45.46 ? 231 GLY A CA  1 
ATOM   1127 C C   . GLY A 1 157 ? 4.957   1.607   -16.090 1.00 45.45 ? 231 GLY A C   1 
ATOM   1128 O O   . GLY A 1 157 ? 5.339   2.534   -15.382 1.00 45.38 ? 231 GLY A O   1 
ATOM   1129 N N   . MET A 1 158 ? 5.622   1.192   -17.177 1.00 45.57 ? 232 MET A N   1 
ATOM   1130 C CA  . MET A 1 158 ? 6.851   1.872   -17.648 1.00 45.77 ? 232 MET A CA  1 
ATOM   1131 C C   . MET A 1 158 ? 6.593   3.322   -18.006 1.00 45.83 ? 232 MET A C   1 
ATOM   1132 O O   . MET A 1 158 ? 7.305   4.213   -17.546 1.00 45.88 ? 232 MET A O   1 
ATOM   1133 C CB  . MET A 1 158 ? 7.467   1.205   -18.880 1.00 45.71 ? 232 MET A CB  1 
ATOM   1134 C CG  . MET A 1 158 ? 8.693   0.321   -18.637 1.00 46.84 ? 232 MET A CG  1 
ATOM   1135 S SD  . MET A 1 158 ? 10.085  0.962   -17.682 1.00 46.73 ? 232 MET A SD  1 
ATOM   1136 C CE  . MET A 1 158 ? 10.145  2.628   -18.289 1.00 49.32 ? 232 MET A CE  1 
ATOM   1137 N N   . ILE A 1 159 ? 5.577   3.547   -18.838 1.00 45.76 ? 233 ILE A N   1 
ATOM   1138 C CA  . ILE A 1 159 ? 5.222   4.881   -19.302 1.00 45.82 ? 233 ILE A CA  1 
ATOM   1139 C C   . ILE A 1 159 ? 4.964   5.806   -18.111 1.00 46.04 ? 233 ILE A C   1 
ATOM   1140 O O   . ILE A 1 159 ? 5.503   6.928   -18.048 1.00 46.29 ? 233 ILE A O   1 
ATOM   1141 C CB  . ILE A 1 159 ? 3.983   4.825   -20.207 1.00 45.71 ? 233 ILE A CB  1 
ATOM   1142 C CG1 . ILE A 1 159 ? 4.204   3.848   -21.369 1.00 45.94 ? 233 ILE A CG1 1 
ATOM   1143 C CG2 . ILE A 1 159 ? 3.611   6.200   -20.704 1.00 45.65 ? 233 ILE A CG2 1 
ATOM   1144 C CD1 . ILE A 1 159 ? 5.225   4.282   -22.401 1.00 45.20 ? 233 ILE A CD1 1 
ATOM   1145 N N   . VAL A 1 160 ? 4.150   5.316   -17.175 1.00 45.79 ? 234 VAL A N   1 
ATOM   1146 C CA  . VAL A 1 160 ? 3.902   5.976   -15.904 1.00 45.62 ? 234 VAL A CA  1 
ATOM   1147 C C   . VAL A 1 160 ? 5.237   6.285   -15.220 1.00 46.12 ? 234 VAL A C   1 
ATOM   1148 O O   . VAL A 1 160 ? 5.578   7.451   -15.001 1.00 46.09 ? 234 VAL A O   1 
ATOM   1149 C CB  . VAL A 1 160 ? 3.015   5.088   -15.005 1.00 45.41 ? 234 VAL A CB  1 
ATOM   1150 C CG1 . VAL A 1 160 ? 2.808   5.702   -13.632 1.00 45.15 ? 234 VAL A CG1 1 
ATOM   1151 C CG2 . VAL A 1 160 ? 1.695   4.852   -15.659 1.00 45.05 ? 234 VAL A CG2 1 
ATOM   1152 N N   . ALA A 1 161 ? 6.003   5.235   -14.931 1.00 46.65 ? 235 ALA A N   1 
ATOM   1153 C CA  . ALA A 1 161 ? 7.258   5.356   -14.192 1.00 47.45 ? 235 ALA A CA  1 
ATOM   1154 C C   . ALA A 1 161 ? 8.212   6.370   -14.815 1.00 48.12 ? 235 ALA A C   1 
ATOM   1155 O O   . ALA A 1 161 ? 8.752   7.242   -14.130 1.00 48.15 ? 235 ALA A O   1 
ATOM   1156 C CB  . ALA A 1 161 ? 7.924   4.008   -14.090 1.00 47.22 ? 235 ALA A CB  1 
ATOM   1157 N N   . ASP A 1 162 ? 8.413   6.241   -16.118 1.00 49.10 ? 236 ASP A N   1 
ATOM   1158 C CA  . ASP A 1 162 ? 9.330   7.098   -16.838 1.00 50.18 ? 236 ASP A CA  1 
ATOM   1159 C C   . ASP A 1 162 ? 8.868   8.564   -16.830 1.00 50.67 ? 236 ASP A C   1 
ATOM   1160 O O   . ASP A 1 162 ? 9.673   9.453   -16.523 1.00 50.76 ? 236 ASP A O   1 
ATOM   1161 C CB  . ASP A 1 162 ? 9.556   6.559   -18.255 1.00 50.35 ? 236 ASP A CB  1 
ATOM   1162 C CG  . ASP A 1 162 ? 10.269  7.547   -19.161 1.00 51.35 ? 236 ASP A CG  1 
ATOM   1163 O OD1 . ASP A 1 162 ? 11.494  7.763   -18.964 1.00 52.03 ? 236 ASP A OD1 1 
ATOM   1164 O OD2 . ASP A 1 162 ? 9.598   8.091   -20.078 1.00 52.02 ? 236 ASP A OD2 1 
ATOM   1165 N N   . THR A 1 163 ? 7.589   8.832   -17.125 1.00 51.10 ? 237 THR A N   1 
ATOM   1166 C CA  . THR A 1 163 ? 7.165   10.243  -17.174 1.00 51.79 ? 237 THR A CA  1 
ATOM   1167 C C   . THR A 1 163 ? 7.161   10.892  -15.789 1.00 51.97 ? 237 THR A C   1 
ATOM   1168 O O   . THR A 1 163 ? 7.346   12.103  -15.666 1.00 52.06 ? 237 THR A O   1 
ATOM   1169 C CB  . THR A 1 163 ? 5.824   10.535  -17.944 1.00 51.80 ? 237 THR A CB  1 
ATOM   1170 O OG1 . THR A 1 163 ? 4.703   10.326  -17.088 1.00 51.98 ? 237 THR A OG1 1 
ATOM   1171 C CG2 . THR A 1 163 ? 5.685   9.719   -19.250 1.00 52.08 ? 237 THR A CG2 1 
ATOM   1172 N N   . ALA A 1 164 ? 6.978   10.082  -14.750 1.00 52.16 ? 238 ALA A N   1 
ATOM   1173 C CA  . ALA A 1 164 ? 7.071   10.585  -13.391 1.00 52.31 ? 238 ALA A CA  1 
ATOM   1174 C C   . ALA A 1 164 ? 8.459   11.161  -13.147 1.00 52.58 ? 238 ALA A C   1 
ATOM   1175 O O   . ALA A 1 164 ? 8.588   12.260  -12.619 1.00 53.09 ? 238 ALA A O   1 
ATOM   1176 C CB  . ALA A 1 164 ? 6.769   9.502   -12.401 1.00 52.12 ? 238 ALA A CB  1 
ATOM   1177 N N   . LEU A 1 165 ? 9.489   10.429  -13.563 1.00 52.64 ? 239 LEU A N   1 
ATOM   1178 C CA  . LEU A 1 165 ? 10.871  10.792  -13.268 1.00 52.72 ? 239 LEU A CA  1 
ATOM   1179 C C   . LEU A 1 165 ? 11.353  11.958  -14.121 1.00 52.96 ? 239 LEU A C   1 
ATOM   1180 O O   . LEU A 1 165 ? 12.187  12.775  -13.688 1.00 52.79 ? 239 LEU A O   1 
ATOM   1181 C CB  . LEU A 1 165 ? 11.774  9.581   -13.486 1.00 52.77 ? 239 LEU A CB  1 
ATOM   1182 C CG  . LEU A 1 165 ? 11.584  8.379   -12.562 1.00 52.72 ? 239 LEU A CG  1 
ATOM   1183 C CD1 . LEU A 1 165 ? 12.248  7.157   -13.156 1.00 52.46 ? 239 LEU A CD1 1 
ATOM   1184 C CD2 . LEU A 1 165 ? 12.159  8.674   -11.193 1.00 52.93 ? 239 LEU A CD2 1 
ATOM   1185 N N   . LYS A 1 166 ? 10.825  12.012  -15.343 1.00 53.35 ? 240 LYS A N   1 
ATOM   1186 C CA  . LYS A 1 166 ? 11.097  13.094  -16.284 1.00 53.67 ? 240 LYS A CA  1 
ATOM   1187 C C   . LYS A 1 166 ? 10.494  14.411  -15.787 1.00 53.77 ? 240 LYS A C   1 
ATOM   1188 O O   . LYS A 1 166 ? 11.123  15.454  -15.891 1.00 53.72 ? 240 LYS A O   1 
ATOM   1189 C CB  . LYS A 1 166 ? 10.532  12.750  -17.666 1.00 53.63 ? 240 LYS A CB  1 
ATOM   1190 C CG  . LYS A 1 166 ? 11.398  11.825  -18.532 1.00 54.18 ? 240 LYS A CG  1 
ATOM   1191 C CD  . LYS A 1 166 ? 10.497  11.141  -19.568 1.00 55.85 ? 240 LYS A CD  1 
ATOM   1192 C CE  . LYS A 1 166 ? 11.075  11.113  -20.992 1.00 55.74 ? 240 LYS A CE  1 
ATOM   1193 N NZ  . LYS A 1 166 ? 11.772  9.856   -21.313 1.00 55.31 ? 240 LYS A NZ  1 
ATOM   1194 N N   . THR A 1 167 ? 9.291   14.330  -15.220 1.00 54.00 ? 241 THR A N   1 
ATOM   1195 C CA  . THR A 1 167 ? 8.483   15.488  -14.837 1.00 54.21 ? 241 THR A CA  1 
ATOM   1196 C C   . THR A 1 167 ? 9.093   16.432  -13.802 1.00 54.64 ? 241 THR A C   1 
ATOM   1197 O O   . THR A 1 167 ? 8.892   17.643  -13.888 1.00 55.05 ? 241 THR A O   1 
ATOM   1198 C CB  . THR A 1 167 ? 7.104   15.031  -14.337 1.00 54.15 ? 241 THR A CB  1 
ATOM   1199 O OG1 . THR A 1 167 ? 6.309   14.658  -15.462 1.00 54.35 ? 241 THR A OG1 1 
ATOM   1200 C CG2 . THR A 1 167 ? 6.382   16.134  -13.565 1.00 54.24 ? 241 THR A CG2 1 
ATOM   1201 N N   . ALA A 1 168 ? 9.815   15.900  -12.821 1.00 54.77 ? 242 ALA A N   1 
ATOM   1202 C CA  . ALA A 1 168 ? 10.287  16.737  -11.724 1.00 54.94 ? 242 ALA A CA  1 
ATOM   1203 C C   . ALA A 1 168 ? 11.546  16.182  -11.099 1.00 55.32 ? 242 ALA A C   1 
ATOM   1204 O O   . ALA A 1 168 ? 12.044  15.124  -11.507 1.00 55.92 ? 242 ALA A O   1 
ATOM   1205 C CB  . ALA A 1 168 ? 9.194   16.903  -10.674 1.00 54.89 ? 242 ALA A CB  1 
ATOM   1206 N N   . ASP A 1 169 ? 12.075  16.900  -10.114 1.00 55.42 ? 243 ASP A N   1 
ATOM   1207 C CA  . ASP A 1 169 ? 13.312  16.488  -9.481  1.00 55.72 ? 243 ASP A CA  1 
ATOM   1208 C C   . ASP A 1 169 ? 13.022  15.616  -8.258  1.00 55.08 ? 243 ASP A C   1 
ATOM   1209 O O   . ASP A 1 169 ? 12.848  16.114  -7.140  1.00 55.20 ? 243 ASP A O   1 
ATOM   1210 C CB  . ASP A 1 169 ? 14.190  17.701  -9.138  1.00 56.27 ? 243 ASP A CB  1 
ATOM   1211 C CG  . ASP A 1 169 ? 15.524  17.298  -8.497  1.00 59.23 ? 243 ASP A CG  1 
ATOM   1212 O OD1 . ASP A 1 169 ? 16.068  16.218  -8.847  1.00 62.86 ? 243 ASP A OD1 1 
ATOM   1213 O OD2 . ASP A 1 169 ? 16.036  18.052  -7.634  1.00 61.69 ? 243 ASP A OD2 1 
ATOM   1214 N N   . VAL A 1 170 ? 12.959  14.306  -8.485  1.00 54.33 ? 244 VAL A N   1 
ATOM   1215 C CA  . VAL A 1 170 ? 12.619  13.346  -7.430  1.00 53.45 ? 244 VAL A CA  1 
ATOM   1216 C C   . VAL A 1 170 ? 13.628  12.200  -7.384  1.00 53.35 ? 244 VAL A C   1 
ATOM   1217 O O   . VAL A 1 170 ? 14.227  11.859  -8.409  1.00 53.59 ? 244 VAL A O   1 
ATOM   1218 C CB  . VAL A 1 170 ? 11.188  12.775  -7.609  1.00 53.20 ? 244 VAL A CB  1 
ATOM   1219 C CG1 . VAL A 1 170 ? 10.139  13.835  -7.298  1.00 52.54 ? 244 VAL A CG1 1 
ATOM   1220 C CG2 . VAL A 1 170 ? 10.991  12.217  -9.015  1.00 52.53 ? 244 VAL A CG2 1 
ATOM   1221 N N   . LYS A 1 171 ? 13.825  11.618  -6.200  1.00 52.84 ? 245 LYS A N   1 
ATOM   1222 C CA  . LYS A 1 171 ? 14.670  10.429  -6.049  1.00 52.20 ? 245 LYS A CA  1 
ATOM   1223 C C   . LYS A 1 171 ? 13.879  9.173   -6.425  1.00 51.35 ? 245 LYS A C   1 
ATOM   1224 O O   . LYS A 1 171 ? 12.681  9.061   -6.104  1.00 51.16 ? 245 LYS A O   1 
ATOM   1225 C CB  . LYS A 1 171 ? 15.166  10.289  -4.612  1.00 52.50 ? 245 LYS A CB  1 
ATOM   1226 C CG  . LYS A 1 171 ? 15.918  11.471  -4.050  1.00 54.49 ? 245 LYS A CG  1 
ATOM   1227 C CD  . LYS A 1 171 ? 16.492  11.084  -2.689  1.00 59.37 ? 245 LYS A CD  1 
ATOM   1228 C CE  . LYS A 1 171 ? 17.595  12.040  -2.206  1.00 61.81 ? 245 LYS A CE  1 
ATOM   1229 N NZ  . LYS A 1 171 ? 17.030  13.280  -1.585  1.00 62.77 ? 245 LYS A NZ  1 
ATOM   1230 N N   . LEU A 1 172 ? 14.552  8.241   -7.105  1.00 50.16 ? 246 LEU A N   1 
ATOM   1231 C CA  . LEU A 1 172 ? 13.985  6.930   -7.406  1.00 48.84 ? 246 LEU A CA  1 
ATOM   1232 C C   . LEU A 1 172 ? 14.333  6.015   -6.253  1.00 48.06 ? 246 LEU A C   1 
ATOM   1233 O O   . LEU A 1 172 ? 15.496  5.709   -6.040  1.00 47.98 ? 246 LEU A O   1 
ATOM   1234 C CB  . LEU A 1 172 ? 14.588  6.354   -8.682  1.00 48.81 ? 246 LEU A CB  1 
ATOM   1235 C CG  . LEU A 1 172 ? 13.834  5.326   -9.540  1.00 48.91 ? 246 LEU A CG  1 
ATOM   1236 C CD1 . LEU A 1 172 ? 14.804  4.237   -10.009 1.00 49.12 ? 246 LEU A CD1 1 
ATOM   1237 C CD2 . LEU A 1 172 ? 12.642  4.696   -8.843  1.00 47.91 ? 246 LEU A CD2 1 
ATOM   1238 N N   . ILE A 1 173 ? 13.330  5.576   -5.506  1.00 47.22 ? 247 ILE A N   1 
ATOM   1239 C CA  . ILE A 1 173 ? 13.590  4.774   -4.316  1.00 46.23 ? 247 ILE A CA  1 
ATOM   1240 C C   . ILE A 1 173 ? 13.448  3.288   -4.611  1.00 45.56 ? 247 ILE A C   1 
ATOM   1241 O O   . ILE A 1 173 ? 14.268  2.492   -4.160  1.00 45.61 ? 247 ILE A O   1 
ATOM   1242 C CB  . ILE A 1 173 ? 12.721  5.234   -3.117  1.00 46.16 ? 247 ILE A CB  1 
ATOM   1243 C CG1 . ILE A 1 173 ? 12.905  6.730   -2.876  1.00 45.61 ? 247 ILE A CG1 1 
ATOM   1244 C CG2 . ILE A 1 173 ? 13.051  4.461   -1.843  1.00 46.17 ? 247 ILE A CG2 1 
ATOM   1245 C CD1 . ILE A 1 173 ? 14.315  7.139   -2.552  1.00 45.11 ? 247 ILE A CD1 1 
ATOM   1246 N N   . THR A 1 174 ? 12.436  2.925   -5.390  1.00 44.79 ? 248 THR A N   1 
ATOM   1247 C CA  . THR A 1 174 ? 12.180  1.522   -5.719  1.00 44.42 ? 248 THR A CA  1 
ATOM   1248 C C   . THR A 1 174 ? 11.846  1.346   -7.189  1.00 44.07 ? 248 THR A C   1 
ATOM   1249 O O   . THR A 1 174 ? 10.978  2.046   -7.710  1.00 44.64 ? 248 THR A O   1 
ATOM   1250 C CB  . THR A 1 174 ? 10.993  0.972   -4.885  1.00 44.36 ? 248 THR A CB  1 
ATOM   1251 O OG1 . THR A 1 174 ? 11.371  0.897   -3.502  1.00 44.95 ? 248 THR A OG1 1 
ATOM   1252 C CG2 . THR A 1 174 ? 10.550  -0.398  -5.384  1.00 43.57 ? 248 THR A CG2 1 
ATOM   1253 N N   . TYR A 1 175 ? 12.523  0.421   -7.860  1.00 43.44 ? 249 TYR A N   1 
ATOM   1254 C CA  . TYR A 1 175 ? 12.077  -0.024  -9.182  1.00 42.91 ? 249 TYR A CA  1 
ATOM   1255 C C   . TYR A 1 175 ? 11.661  -1.483  -9.101  1.00 42.92 ? 249 TYR A C   1 
ATOM   1256 O O   . TYR A 1 175 ? 12.458  -2.335  -8.724  1.00 43.39 ? 249 TYR A O   1 
ATOM   1257 C CB  . TYR A 1 175 ? 13.152  0.179   -10.250 1.00 42.50 ? 249 TYR A CB  1 
ATOM   1258 C CG  . TYR A 1 175 ? 12.836  -0.509  -11.557 1.00 42.03 ? 249 TYR A CG  1 
ATOM   1259 C CD1 . TYR A 1 175 ? 12.111  0.137   -12.559 1.00 41.75 ? 249 TYR A CD1 1 
ATOM   1260 C CD2 . TYR A 1 175 ? 13.253  -1.810  -11.790 1.00 42.03 ? 249 TYR A CD2 1 
ATOM   1261 C CE1 . TYR A 1 175 ? 11.813  -0.494  -13.768 1.00 41.36 ? 249 TYR A CE1 1 
ATOM   1262 C CE2 . TYR A 1 175 ? 12.963  -2.454  -12.982 1.00 42.94 ? 249 TYR A CE2 1 
ATOM   1263 C CZ  . TYR A 1 175 ? 12.247  -1.793  -13.975 1.00 42.62 ? 249 TYR A CZ  1 
ATOM   1264 O OH  . TYR A 1 175 ? 11.970  -2.460  -15.156 1.00 42.65 ? 249 TYR A OH  1 
ATOM   1265 N N   . GLY A 1 176 ? 10.416  -1.773  -9.442  1.00 42.72 ? 250 GLY A N   1 
ATOM   1266 C CA  . GLY A 1 176 ? 9.909   -3.130  -9.337  1.00 43.04 ? 250 GLY A CA  1 
ATOM   1267 C C   . GLY A 1 176 ? 9.287   -3.555  -10.641 1.00 43.46 ? 250 GLY A C   1 
ATOM   1268 O O   . GLY A 1 176 ? 8.453   -2.840  -11.197 1.00 43.76 ? 250 GLY A O   1 
ATOM   1269 N N   . SER A 1 177 ? 9.706   -4.717  -11.133 1.00 43.54 ? 251 SER A N   1 
ATOM   1270 C CA  . SER A 1 177 ? 9.184   -5.290  -12.367 1.00 43.41 ? 251 SER A CA  1 
ATOM   1271 C C   . SER A 1 177 ? 8.590   -6.663  -12.038 1.00 43.72 ? 251 SER A C   1 
ATOM   1272 O O   . SER A 1 177 ? 8.716   -7.125  -10.894 1.00 44.19 ? 251 SER A O   1 
ATOM   1273 C CB  . SER A 1 177 ? 10.316  -5.420  -13.369 1.00 43.29 ? 251 SER A CB  1 
ATOM   1274 O OG  . SER A 1 177 ? 11.257  -6.360  -12.904 1.00 42.83 ? 251 SER A OG  1 
ATOM   1275 N N   . PRO A 1 178 ? 7.951   -7.332  -13.021 1.00 43.75 ? 252 PRO A N   1 
ATOM   1276 C CA  . PRO A 1 178 ? 7.244   -8.581  -12.711 1.00 43.75 ? 252 PRO A CA  1 
ATOM   1277 C C   . PRO A 1 178 ? 8.087   -9.660  -12.056 1.00 43.86 ? 252 PRO A C   1 
ATOM   1278 O O   . PRO A 1 178 ? 7.546   -10.519 -11.374 1.00 44.35 ? 252 PRO A O   1 
ATOM   1279 C CB  . PRO A 1 178 ? 6.789   -9.070  -14.081 1.00 43.53 ? 252 PRO A CB  1 
ATOM   1280 C CG  . PRO A 1 178 ? 6.634   -7.839  -14.861 1.00 43.72 ? 252 PRO A CG  1 
ATOM   1281 C CD  . PRO A 1 178 ? 7.811   -6.997  -14.447 1.00 43.80 ? 252 PRO A CD  1 
ATOM   1282 N N   . THR A 1 179 ? 9.397   -9.598  -12.225 1.00 43.86 ? 253 THR A N   1 
ATOM   1283 C CA  . THR A 1 179 ? 10.232  -10.743 -11.931 1.00 43.69 ? 253 THR A CA  1 
ATOM   1284 C C   . THR A 1 179 ? 11.609  -10.391 -11.353 1.00 43.79 ? 253 THR A C   1 
ATOM   1285 O O   . THR A 1 179 ? 12.379  -11.284 -11.010 1.00 43.97 ? 253 THR A O   1 
ATOM   1286 C CB  . THR A 1 179 ? 10.272  -11.637 -13.192 1.00 43.77 ? 253 THR A CB  1 
ATOM   1287 O OG1 . THR A 1 179 ? 9.324   -12.692 -13.017 1.00 43.53 ? 253 THR A OG1 1 
ATOM   1288 C CG2 . THR A 1 179 ? 11.687  -12.190 -13.553 1.00 44.07 ? 253 THR A CG2 1 
ATOM   1289 N N   . ASN A 1 180 ? 11.901  -9.097  -11.206 1.00 43.62 ? 254 ASN A N   1 
ATOM   1290 C CA  . ASN A 1 180 ? 13.157  -8.674  -10.585 1.00 43.33 ? 254 ASN A CA  1 
ATOM   1291 C C   . ASN A 1 180 ? 13.204  -8.917  -9.077  1.00 43.36 ? 254 ASN A C   1 
ATOM   1292 O O   . ASN A 1 180 ? 14.168  -8.557  -8.425  1.00 43.25 ? 254 ASN A O   1 
ATOM   1293 C CB  . ASN A 1 180 ? 13.506  -7.218  -10.929 1.00 43.30 ? 254 ASN A CB  1 
ATOM   1294 C CG  . ASN A 1 180 ? 12.681  -6.192  -10.156 1.00 43.44 ? 254 ASN A CG  1 
ATOM   1295 O OD1 . ASN A 1 180 ? 11.635  -6.486  -9.577  1.00 44.07 ? 254 ASN A OD1 1 
ATOM   1296 N ND2 . ASN A 1 180 ? 13.157  -4.961  -10.168 1.00 43.82 ? 254 ASN A ND2 1 
ATOM   1297 N N   . GLY A 1 181 ? 12.148  -9.516  -8.530  1.00 43.58 ? 255 GLY A N   1 
ATOM   1298 C CA  . GLY A 1 181 ? 12.135  -9.915  -7.132  1.00 43.57 ? 255 GLY A CA  1 
ATOM   1299 C C   . GLY A 1 181 ? 11.527  -8.892  -6.195  1.00 43.71 ? 255 GLY A C   1 
ATOM   1300 O O   . GLY A 1 181 ? 11.352  -9.171  -5.014  1.00 44.36 ? 255 GLY A O   1 
ATOM   1301 N N   . VAL A 1 182 ? 11.203  -7.710  -6.703  1.00 43.43 ? 256 VAL A N   1 
ATOM   1302 C CA  . VAL A 1 182 ? 10.567  -6.680  -5.889  1.00 43.07 ? 256 VAL A CA  1 
ATOM   1303 C C   . VAL A 1 182 ? 9.059   -6.915  -5.821  1.00 43.13 ? 256 VAL A C   1 
ATOM   1304 O O   . VAL A 1 182 ? 8.426   -6.593  -4.826  1.00 43.00 ? 256 VAL A O   1 
ATOM   1305 C CB  . VAL A 1 182 ? 10.872  -5.260  -6.430  1.00 43.22 ? 256 VAL A CB  1 
ATOM   1306 C CG1 . VAL A 1 182 ? 10.071  -4.181  -5.678  1.00 42.88 ? 256 VAL A CG1 1 
ATOM   1307 C CG2 . VAL A 1 182 ? 12.363  -4.973  -6.367  1.00 42.68 ? 256 VAL A CG2 1 
ATOM   1308 N N   . LEU A 1 183 ? 8.492   -7.486  -6.881  1.00 43.36 ? 257 LEU A N   1 
ATOM   1309 C CA  . LEU A 1 183 ? 7.050   -7.717  -6.951  1.00 43.68 ? 257 LEU A CA  1 
ATOM   1310 C C   . LEU A 1 183 ? 6.747   -9.204  -6.992  1.00 43.93 ? 257 LEU A C   1 
ATOM   1311 O O   . LEU A 1 183 ? 7.544   -9.985  -7.500  1.00 44.51 ? 257 LEU A O   1 
ATOM   1312 C CB  . LEU A 1 183 ? 6.444   -7.053  -8.193  1.00 43.64 ? 257 LEU A CB  1 
ATOM   1313 C CG  . LEU A 1 183 ? 6.847   -5.638  -8.622  1.00 43.35 ? 257 LEU A CG  1 
ATOM   1314 C CD1 . LEU A 1 183 ? 6.067   -5.294  -9.869  1.00 43.10 ? 257 LEU A CD1 1 
ATOM   1315 C CD2 . LEU A 1 183 ? 6.628   -4.594  -7.533  1.00 42.41 ? 257 LEU A CD2 1 
ATOM   1316 N N   . SER A 1 184 ? 5.586   -9.587  -6.488  1.00 43.96 ? 258 SER A N   1 
ATOM   1317 C CA  . SER A 1 184 ? 5.204   -10.985 -6.440  1.00 44.26 ? 258 SER A CA  1 
ATOM   1318 C C   . SER A 1 184 ? 4.668   -11.513 -7.762  1.00 44.46 ? 258 SER A C   1 
ATOM   1319 O O   . SER A 1 184 ? 3.576   -12.088 -7.801  1.00 44.46 ? 258 SER A O   1 
ATOM   1320 C CB  . SER A 1 184 ? 4.160   -11.193 -5.352  1.00 44.32 ? 258 SER A CB  1 
ATOM   1321 O OG  . SER A 1 184 ? 4.686   -10.819 -4.098  1.00 44.96 ? 258 SER A OG  1 
ATOM   1322 N N   . TYR A 1 185 ? 5.437   -11.335 -8.838  1.00 44.65 ? 259 TYR A N   1 
ATOM   1323 C CA  . TYR A 1 185 ? 5.034   -11.791 -10.178 1.00 44.94 ? 259 TYR A CA  1 
ATOM   1324 C C   . TYR A 1 185 ? 3.724   -11.178 -10.665 1.00 44.83 ? 259 TYR A C   1 
ATOM   1325 O O   . TYR A 1 185 ? 2.883   -11.865 -11.256 1.00 44.83 ? 259 TYR A O   1 
ATOM   1326 C CB  . TYR A 1 185 ? 4.879   -13.311 -10.228 1.00 45.52 ? 259 TYR A CB  1 
ATOM   1327 C CG  . TYR A 1 185 ? 6.075   -14.117 -9.828  1.00 46.15 ? 259 TYR A CG  1 
ATOM   1328 C CD1 . TYR A 1 185 ? 7.364   -13.635 -10.003 1.00 46.65 ? 259 TYR A CD1 1 
ATOM   1329 C CD2 . TYR A 1 185 ? 5.914   -15.397 -9.317  1.00 47.09 ? 259 TYR A CD2 1 
ATOM   1330 C CE1 . TYR A 1 185 ? 8.464   -14.389 -9.646  1.00 46.81 ? 259 TYR A CE1 1 
ATOM   1331 C CE2 . TYR A 1 185 ? 7.013   -16.163 -8.964  1.00 47.70 ? 259 TYR A CE2 1 
ATOM   1332 C CZ  . TYR A 1 185 ? 8.278   -15.647 -9.125  1.00 46.67 ? 259 TYR A CZ  1 
ATOM   1333 O OH  . TYR A 1 185 ? 9.354   -16.406 -8.775  1.00 47.09 ? 259 TYR A OH  1 
ATOM   1334 N N   . THR A 1 186 ? 3.544   -9.892  -10.405 1.00 44.68 ? 260 THR A N   1 
ATOM   1335 C CA  . THR A 1 186 ? 2.364   -9.179  -10.864 1.00 44.29 ? 260 THR A CA  1 
ATOM   1336 C C   . THR A 1 186 ? 2.650   -8.664  -12.268 1.00 44.35 ? 260 THR A C   1 
ATOM   1337 O O   . THR A 1 186 ? 3.805   -8.584  -12.682 1.00 44.37 ? 260 THR A O   1 
ATOM   1338 C CB  . THR A 1 186 ? 2.003   -8.036  -9.894  1.00 44.11 ? 260 THR A CB  1 
ATOM   1339 O OG1 . THR A 1 186 ? 3.130   -7.175  -9.716  1.00 43.40 ? 260 THR A OG1 1 
ATOM   1340 C CG2 . THR A 1 186 ? 1.621   -8.610  -8.537  1.00 43.99 ? 260 THR A CG2 1 
ATOM   1341 N N   . ASN A 1 187 ? 1.616   -8.346  -13.030 1.00 44.48 ? 261 ASN A N   1 
ATOM   1342 C CA  . ASN A 1 187 ? 1.871   -7.791  -14.351 1.00 44.59 ? 261 ASN A CA  1 
ATOM   1343 C C   . ASN A 1 187 ? 1.972   -6.266  -14.282 1.00 44.52 ? 261 ASN A C   1 
ATOM   1344 O O   . ASN A 1 187 ? 1.207   -5.551  -14.927 1.00 44.53 ? 261 ASN A O   1 
ATOM   1345 C CB  . ASN A 1 187 ? 0.820   -8.251  -15.358 1.00 44.50 ? 261 ASN A CB  1 
ATOM   1346 C CG  . ASN A 1 187 ? 1.319   -8.185  -16.789 1.00 44.94 ? 261 ASN A CG  1 
ATOM   1347 O OD1 . ASN A 1 187 ? 2.116   -7.314  -17.150 1.00 46.24 ? 261 ASN A OD1 1 
ATOM   1348 N ND2 . ASN A 1 187 ? 0.843   -9.103  -17.619 1.00 45.15 ? 261 ASN A ND2 1 
ATOM   1349 N N   . GLU A 1 188 ? 2.932   -5.782  -13.498 1.00 44.44 ? 262 GLU A N   1 
ATOM   1350 C CA  . GLU A 1 188 ? 3.079   -4.355  -13.246 1.00 44.67 ? 262 GLU A CA  1 
ATOM   1351 C C   . GLU A 1 188 ? 4.522   -3.900  -13.356 1.00 44.86 ? 262 GLU A C   1 
ATOM   1352 O O   . GLU A 1 188 ? 5.450   -4.686  -13.146 1.00 44.86 ? 262 GLU A O   1 
ATOM   1353 C CB  . GLU A 1 188 ? 2.617   -4.019  -11.829 1.00 44.55 ? 262 GLU A CB  1 
ATOM   1354 C CG  . GLU A 1 188 ? 1.189   -4.379  -11.472 1.00 44.81 ? 262 GLU A CG  1 
ATOM   1355 C CD  . GLU A 1 188 ? 0.989   -4.434  -9.969  1.00 45.71 ? 262 GLU A CD  1 
ATOM   1356 O OE1 . GLU A 1 188 ? 1.913   -4.894  -9.262  1.00 45.69 ? 262 GLU A OE1 1 
ATOM   1357 O OE2 . GLU A 1 188 ? -0.087  -4.020  -9.483  1.00 46.87 ? 262 GLU A OE2 1 
ATOM   1358 N N   . ILE A 1 189 ? 4.701   -2.620  -13.683 1.00 45.05 ? 263 ILE A N   1 
ATOM   1359 C CA  . ILE A 1 189 ? 5.930   -1.899  -13.330 1.00 44.90 ? 263 ILE A CA  1 
ATOM   1360 C C   . ILE A 1 189 ? 5.596   -0.957  -12.175 1.00 45.28 ? 263 ILE A C   1 
ATOM   1361 O O   . ILE A 1 189 ? 4.670   -0.154  -12.273 1.00 45.33 ? 263 ILE A O   1 
ATOM   1362 C CB  . ILE A 1 189 ? 6.542   -1.117  -14.522 1.00 44.61 ? 263 ILE A CB  1 
ATOM   1363 C CG1 . ILE A 1 189 ? 7.150   -2.082  -15.542 1.00 43.92 ? 263 ILE A CG1 1 
ATOM   1364 C CG2 . ILE A 1 189 ? 7.582   -0.112  -14.044 1.00 43.66 ? 263 ILE A CG2 1 
ATOM   1365 C CD1 . ILE A 1 189 ? 8.431   -2.738  -15.091 1.00 43.33 ? 263 ILE A CD1 1 
ATOM   1366 N N   . LEU A 1 190 ? 6.333   -1.087  -11.073 1.00 45.78 ? 264 LEU A N   1 
ATOM   1367 C CA  . LEU A 1 190 ? 6.149   -0.226  -9.905  1.00 46.33 ? 264 LEU A CA  1 
ATOM   1368 C C   . LEU A 1 190 ? 7.343   0.692   -9.689  1.00 46.96 ? 264 LEU A C   1 
ATOM   1369 O O   . LEU A 1 190 ? 8.490   0.289   -9.869  1.00 47.28 ? 264 LEU A O   1 
ATOM   1370 C CB  . LEU A 1 190 ? 5.891   -1.053  -8.647  1.00 46.19 ? 264 LEU A CB  1 
ATOM   1371 C CG  . LEU A 1 190 ? 5.712   -0.305  -7.321  1.00 45.79 ? 264 LEU A CG  1 
ATOM   1372 C CD1 . LEU A 1 190 ? 4.487   -0.808  -6.554  1.00 45.59 ? 264 LEU A CD1 1 
ATOM   1373 C CD2 . LEU A 1 190 ? 6.964   -0.387  -6.479  1.00 44.34 ? 264 LEU A CD2 1 
ATOM   1374 N N   . ILE A 1 191 ? 7.055   1.926   -9.302  1.00 47.55 ? 265 ILE A N   1 
ATOM   1375 C CA  . ILE A 1 191 ? 8.085   2.911   -9.021  1.00 48.10 ? 265 ILE A CA  1 
ATOM   1376 C C   . ILE A 1 191 ? 7.752   3.558   -7.693  1.00 48.70 ? 265 ILE A C   1 
ATOM   1377 O O   . ILE A 1 191 ? 6.584   3.722   -7.337  1.00 48.89 ? 265 ILE A O   1 
ATOM   1378 C CB  . ILE A 1 191 ? 8.265   3.906   -10.226 1.00 48.23 ? 265 ILE A CB  1 
ATOM   1379 C CG1 . ILE A 1 191 ? 9.321   3.350   -11.153 1.00 48.25 ? 265 ILE A CG1 1 
ATOM   1380 C CG2 . ILE A 1 191 ? 8.715   5.306   -9.840  1.00 47.99 ? 265 ILE A CG2 1 
ATOM   1381 C CD1 . ILE A 1 191 ? 10.422  2.674   -10.424 1.00 48.29 ? 265 ILE A CD1 1 
ATOM   1382 N N   . THR A 1 192 ? 8.790   3.882   -6.946  1.00 49.22 ? 266 THR A N   1 
ATOM   1383 C CA  . THR A 1 192 ? 8.629   4.495   -5.654  1.00 49.77 ? 266 THR A CA  1 
ATOM   1384 C C   . THR A 1 192 ? 9.514   5.720   -5.612  1.00 50.44 ? 266 THR A C   1 
ATOM   1385 O O   . THR A 1 192 ? 10.682  5.671   -6.006  1.00 50.66 ? 266 THR A O   1 
ATOM   1386 C CB  . THR A 1 192 ? 8.934   3.482   -4.566  1.00 49.67 ? 266 THR A CB  1 
ATOM   1387 O OG1 . THR A 1 192 ? 7.700   3.077   -3.978  1.00 50.30 ? 266 THR A OG1 1 
ATOM   1388 C CG2 . THR A 1 192 ? 9.831   4.040   -3.507  1.00 49.21 ? 266 THR A CG2 1 
ATOM   1389 N N   . ILE A 1 193 ? 8.946   6.822   -5.143  1.00 51.19 ? 267 ILE A N   1 
ATOM   1390 C CA  . ILE A 1 193 ? 9.558   8.133   -5.338  1.00 51.66 ? 267 ILE A CA  1 
ATOM   1391 C C   . ILE A 1 193 ? 9.573   8.987   -4.067  1.00 51.90 ? 267 ILE A C   1 
ATOM   1392 O O   . ILE A 1 193 ? 8.618   8.950   -3.283  1.00 52.06 ? 267 ILE A O   1 
ATOM   1393 C CB  . ILE A 1 193 ? 8.929   8.790   -6.601  1.00 51.78 ? 267 ILE A CB  1 
ATOM   1394 C CG1 . ILE A 1 193 ? 9.981   8.798   -7.695  1.00 52.91 ? 267 ILE A CG1 1 
ATOM   1395 C CG2 . ILE A 1 193 ? 8.296   10.170  -6.365  1.00 50.80 ? 267 ILE A CG2 1 
ATOM   1396 C CD1 . ILE A 1 193 ? 9.406   8.718   -9.076  1.00 56.42 ? 267 ILE A CD1 1 
ATOM   1397 N N   . SER A 1 194 ? 10.673  9.707   -3.844  1.00 52.09 ? 268 SER A N   1 
ATOM   1398 C CA  . SER A 1 194 ? 10.787  10.624  -2.693  1.00 52.58 ? 268 SER A CA  1 
ATOM   1399 C C   . SER A 1 194 ? 11.353  11.990  -3.104  1.00 53.09 ? 268 SER A C   1 
ATOM   1400 O O   . SER A 1 194 ? 11.992  12.115  -4.155  1.00 53.23 ? 268 SER A O   1 
ATOM   1401 C CB  . SER A 1 194 ? 11.639  10.007  -1.576  1.00 52.37 ? 268 SER A CB  1 
ATOM   1402 O OG  . SER A 1 194 ? 11.604  10.784  -0.387  1.00 51.92 ? 268 SER A OG  1 
ATOM   1403 N N   . GLY A 1 195 ? 11.114  13.006  -2.278  1.00 53.36 ? 269 GLY A N   1 
ATOM   1404 C CA  . GLY A 1 195 ? 11.618  14.352  -2.550  1.00 54.01 ? 269 GLY A CA  1 
ATOM   1405 C C   . GLY A 1 195 ? 10.759  15.403  -1.890  1.00 54.51 ? 269 GLY A C   1 
ATOM   1406 O O   . GLY A 1 195 ? 10.061  15.108  -0.922  1.00 54.98 ? 269 GLY A O   1 
ATOM   1407 N N   . ASP A 1 196 ? 10.801  16.629  -2.400  1.00 54.89 ? 270 ASP A N   1 
ATOM   1408 C CA  . ASP A 1 196 ? 9.937   17.685  -1.863  1.00 55.61 ? 270 ASP A CA  1 
ATOM   1409 C C   . ASP A 1 196 ? 8.502   17.454  -2.285  1.00 55.44 ? 270 ASP A C   1 
ATOM   1410 O O   . ASP A 1 196 ? 8.251   17.011  -3.406  1.00 55.68 ? 270 ASP A O   1 
ATOM   1411 C CB  . ASP A 1 196 ? 10.409  19.070  -2.310  1.00 56.11 ? 270 ASP A CB  1 
ATOM   1412 C CG  . ASP A 1 196 ? 11.781  19.435  -1.734  1.00 57.98 ? 270 ASP A CG  1 
ATOM   1413 O OD1 . ASP A 1 196 ? 12.120  18.968  -0.610  1.00 58.25 ? 270 ASP A OD1 1 
ATOM   1414 O OD2 . ASP A 1 196 ? 12.522  20.192  -2.415  1.00 59.88 ? 270 ASP A OD2 1 
ATOM   1415 N N   . SER A 1 197 ? 7.562   17.753  -1.396  1.00 55.16 ? 271 SER A N   1 
ATOM   1416 C CA  . SER A 1 197 ? 6.148   17.525  -1.691  1.00 55.15 ? 271 SER A CA  1 
ATOM   1417 C C   . SER A 1 197 ? 5.735   18.046  -3.072  1.00 55.15 ? 271 SER A C   1 
ATOM   1418 O O   . SER A 1 197 ? 5.133   17.308  -3.863  1.00 55.34 ? 271 SER A O   1 
ATOM   1419 C CB  . SER A 1 197 ? 5.267   18.139  -0.614  1.00 55.14 ? 271 SER A CB  1 
ATOM   1420 O OG  . SER A 1 197 ? 5.550   19.513  -0.483  1.00 55.61 ? 271 SER A OG  1 
ATOM   1421 N N   . GLY A 1 198 ? 6.068   19.306  -3.361  1.00 54.87 ? 272 GLY A N   1 
ATOM   1422 C CA  . GLY A 1 198 ? 5.749   19.923  -4.650  1.00 54.43 ? 272 GLY A CA  1 
ATOM   1423 C C   . GLY A 1 198 ? 6.228   19.088  -5.826  1.00 54.22 ? 272 GLY A C   1 
ATOM   1424 O O   . GLY A 1 198 ? 5.460   18.816  -6.765  1.00 54.02 ? 272 GLY A O   1 
ATOM   1425 N N   . ALA A 1 199 ? 7.496   18.673  -5.755  1.00 53.88 ? 273 ALA A N   1 
ATOM   1426 C CA  . ALA A 1 199 ? 8.127   17.835  -6.774  1.00 53.33 ? 273 ALA A CA  1 
ATOM   1427 C C   . ALA A 1 199 ? 7.408   16.485  -6.912  1.00 53.18 ? 273 ALA A C   1 
ATOM   1428 O O   . ALA A 1 199 ? 7.011   16.087  -8.019  1.00 53.04 ? 273 ALA A O   1 
ATOM   1429 C CB  . ALA A 1 199 ? 9.607   17.641  -6.450  1.00 53.05 ? 273 ALA A CB  1 
ATOM   1430 N N   . VAL A 1 200 ? 7.219   15.808  -5.781  1.00 52.80 ? 274 VAL A N   1 
ATOM   1431 C CA  . VAL A 1 200 ? 6.567   14.502  -5.750  1.00 52.54 ? 274 VAL A CA  1 
ATOM   1432 C C   . VAL A 1 200 ? 5.144   14.570  -6.317  1.00 52.73 ? 274 VAL A C   1 
ATOM   1433 O O   . VAL A 1 200 ? 4.766   13.757  -7.165  1.00 52.74 ? 274 VAL A O   1 
ATOM   1434 C CB  . VAL A 1 200 ? 6.595   13.886  -4.323  1.00 52.40 ? 274 VAL A CB  1 
ATOM   1435 C CG1 . VAL A 1 200 ? 5.798   12.602  -4.261  1.00 51.74 ? 274 VAL A CG1 1 
ATOM   1436 C CG2 . VAL A 1 200 ? 8.034   13.623  -3.877  1.00 52.06 ? 274 VAL A CG2 1 
ATOM   1437 N N   . LEU A 1 201 ? 4.371   15.558  -5.880  1.00 52.96 ? 275 LEU A N   1 
ATOM   1438 C CA  . LEU A 1 201 ? 3.006   15.739  -6.381  1.00 53.31 ? 275 LEU A CA  1 
ATOM   1439 C C   . LEU A 1 201 ? 2.948   16.006  -7.890  1.00 53.85 ? 275 LEU A C   1 
ATOM   1440 O O   . LEU A 1 201 ? 2.082   15.480  -8.593  1.00 53.78 ? 275 LEU A O   1 
ATOM   1441 C CB  . LEU A 1 201 ? 2.288   16.840  -5.601  1.00 52.98 ? 275 LEU A CB  1 
ATOM   1442 C CG  . LEU A 1 201 ? 1.757   16.366  -4.246  1.00 52.60 ? 275 LEU A CG  1 
ATOM   1443 C CD1 . LEU A 1 201 ? 1.566   17.521  -3.278  1.00 51.52 ? 275 LEU A CD1 1 
ATOM   1444 C CD2 . LEU A 1 201 ? 0.475   15.546  -4.413  1.00 51.73 ? 275 LEU A CD2 1 
ATOM   1445 N N   . GLN A 1 202 ? 3.886   16.808  -8.381  1.00 54.50 ? 276 GLN A N   1 
ATOM   1446 C CA  . GLN A 1 202 ? 3.954   17.137  -9.803  1.00 55.22 ? 276 GLN A CA  1 
ATOM   1447 C C   . GLN A 1 202 ? 4.212   15.873  -10.654 1.00 55.10 ? 276 GLN A C   1 
ATOM   1448 O O   . GLN A 1 202 ? 3.560   15.674  -11.699 1.00 55.09 ? 276 GLN A O   1 
ATOM   1449 C CB  . GLN A 1 202 ? 5.045   18.179  -10.016 1.00 55.24 ? 276 GLN A CB  1 
ATOM   1450 C CG  . GLN A 1 202 ? 4.857   19.126  -11.190 1.00 55.76 ? 276 GLN A CG  1 
ATOM   1451 C CD  . GLN A 1 202 ? 6.132   19.933  -11.453 1.00 56.42 ? 276 GLN A CD  1 
ATOM   1452 O OE1 . GLN A 1 202 ? 6.521   20.138  -12.605 1.00 58.97 ? 276 GLN A OE1 1 
ATOM   1453 N NE2 . GLN A 1 202 ? 6.805   20.364  -10.381 1.00 56.75 ? 276 GLN A NE2 1 
ATOM   1454 N N   . SER A 1 203 ? 5.143   15.027  -10.180 1.00 54.80 ? 277 SER A N   1 
ATOM   1455 C CA  . SER A 1 203 ? 5.465   13.728  -10.800 1.00 54.23 ? 277 SER A CA  1 
ATOM   1456 C C   . SER A 1 203 ? 4.284   12.770  -10.789 1.00 53.91 ? 277 SER A C   1 
ATOM   1457 O O   . SER A 1 203 ? 3.902   12.224  -11.824 1.00 54.04 ? 277 SER A O   1 
ATOM   1458 C CB  . SER A 1 203 ? 6.633   13.062  -10.084 1.00 54.10 ? 277 SER A CB  1 
ATOM   1459 O OG  . SER A 1 203 ? 7.852   13.679  -10.418 1.00 54.54 ? 277 SER A OG  1 
ATOM   1460 N N   . LEU A 1 204 ? 3.715   12.564  -9.606  1.00 53.43 ? 278 LEU A N   1 
ATOM   1461 C CA  . LEU A 1 204 ? 2.567   11.691  -9.441  1.00 53.06 ? 278 LEU A CA  1 
ATOM   1462 C C   . LEU A 1 204 ? 1.439   12.037  -10.409 1.00 52.97 ? 278 LEU A C   1 
ATOM   1463 O O   . LEU A 1 204 ? 0.804   11.146  -10.972 1.00 52.76 ? 278 LEU A O   1 
ATOM   1464 C CB  . LEU A 1 204 ? 2.077   11.772  -8.000  1.00 52.92 ? 278 LEU A CB  1 
ATOM   1465 C CG  . LEU A 1 204 ? 2.462   10.701  -6.974  1.00 52.95 ? 278 LEU A CG  1 
ATOM   1466 C CD1 . LEU A 1 204 ? 3.491   9.698   -7.467  1.00 52.71 ? 278 LEU A CD1 1 
ATOM   1467 C CD2 . LEU A 1 204 ? 2.911   11.350  -5.675  1.00 53.32 ? 278 LEU A CD2 1 
ATOM   1468 N N   . THR A 1 205 ? 1.211   13.333  -10.616 1.00 52.99 ? 279 THR A N   1 
ATOM   1469 C CA  . THR A 1 205 ? 0.055   13.780  -11.384 1.00 53.17 ? 279 THR A CA  1 
ATOM   1470 C C   . THR A 1 205 ? 0.253   13.569  -12.868 1.00 53.10 ? 279 THR A C   1 
ATOM   1471 O O   . THR A 1 205 ? -0.685  13.149  -13.567 1.00 53.32 ? 279 THR A O   1 
ATOM   1472 C CB  . THR A 1 205 ? -0.287  15.250  -11.129 1.00 53.19 ? 279 THR A CB  1 
ATOM   1473 O OG1 . THR A 1 205 ? -0.203  15.511  -9.731  1.00 53.48 ? 279 THR A OG1 1 
ATOM   1474 C CG2 . THR A 1 205 ? -1.710  15.552  -11.603 1.00 53.15 ? 279 THR A CG2 1 
ATOM   1475 N N   . ALA A 1 206 ? 1.462   13.872  -13.340 1.00 52.67 ? 280 ALA A N   1 
ATOM   1476 C CA  . ALA A 1 206 ? 1.804   13.650  -14.734 1.00 52.50 ? 280 ALA A CA  1 
ATOM   1477 C C   . ALA A 1 206 ? 1.730   12.157  -15.025 1.00 52.42 ? 280 ALA A C   1 
ATOM   1478 O O   . ALA A 1 206 ? 1.203   11.738  -16.061 1.00 52.30 ? 280 ALA A O   1 
ATOM   1479 C CB  . ALA A 1 206 ? 3.182   14.188  -15.035 1.00 52.44 ? 280 ALA A CB  1 
ATOM   1480 N N   . ALA A 1 207 ? 2.240   11.367  -14.079 1.00 52.37 ? 281 ALA A N   1 
ATOM   1481 C CA  . ALA A 1 207 ? 2.280   9.919   -14.198 1.00 52.19 ? 281 ALA A CA  1 
ATOM   1482 C C   . ALA A 1 207 ? 0.873   9.351   -14.292 1.00 52.32 ? 281 ALA A C   1 
ATOM   1483 O O   . ALA A 1 207 ? 0.589   8.567   -15.200 1.00 52.31 ? 281 ALA A O   1 
ATOM   1484 C CB  . ALA A 1 207 ? 3.038   9.317   -13.040 1.00 52.03 ? 281 ALA A CB  1 
ATOM   1485 N N   . ARG A 1 208 ? -0.004  9.773   -13.377 1.00 52.57 ? 282 ARG A N   1 
ATOM   1486 C CA  . ARG A 1 208 ? -1.420  9.399   -13.410 1.00 52.85 ? 282 ARG A CA  1 
ATOM   1487 C C   . ARG A 1 208 ? -2.054  9.764   -14.757 1.00 53.30 ? 282 ARG A C   1 
ATOM   1488 O O   . ARG A 1 208 ? -2.777  8.957   -15.359 1.00 53.24 ? 282 ARG A O   1 
ATOM   1489 C CB  . ARG A 1 208 ? -2.198  10.071  -12.277 1.00 52.55 ? 282 ARG A CB  1 
ATOM   1490 C CG  . ARG A 1 208 ? -3.571  9.439   -12.053 1.00 52.93 ? 282 ARG A CG  1 
ATOM   1491 C CD  . ARG A 1 208 ? -4.692  10.461  -11.850 1.00 53.97 ? 282 ARG A CD  1 
ATOM   1492 N NE  . ARG A 1 208 ? -4.762  10.964  -10.478 1.00 54.62 ? 282 ARG A NE  1 
ATOM   1493 C CZ  . ARG A 1 208 ? -4.374  12.177  -10.095 1.00 55.17 ? 282 ARG A CZ  1 
ATOM   1494 N NH1 . ARG A 1 208 ? -3.892  13.045  -10.981 1.00 56.23 ? 282 ARG A NH1 1 
ATOM   1495 N NH2 . ARG A 1 208 ? -4.474  12.528  -8.821  1.00 55.59 ? 282 ARG A NH2 1 
ATOM   1496 N N   . LYS A 1 209 ? -1.773  10.979  -15.225 1.00 53.78 ? 283 LYS A N   1 
ATOM   1497 C CA  . LYS A 1 209 ? -2.305  11.452  -16.495 1.00 54.36 ? 283 LYS A CA  1 
ATOM   1498 C C   . LYS A 1 209 ? -1.865  10.534  -17.643 1.00 54.19 ? 283 LYS A C   1 
ATOM   1499 O O   . LYS A 1 209 ? -2.704  10.032  -18.408 1.00 54.32 ? 283 LYS A O   1 
ATOM   1500 C CB  . LYS A 1 209 ? -1.878  12.896  -16.747 1.00 54.53 ? 283 LYS A CB  1 
ATOM   1501 C CG  . LYS A 1 209 ? -2.604  13.547  -17.904 1.00 56.69 ? 283 LYS A CG  1 
ATOM   1502 C CD  . LYS A 1 209 ? -2.071  14.947  -18.200 1.00 60.12 ? 283 LYS A CD  1 
ATOM   1503 C CE  . LYS A 1 209 ? -2.619  15.458  -19.538 1.00 62.08 ? 283 LYS A CE  1 
ATOM   1504 N NZ  . LYS A 1 209 ? -1.863  16.638  -20.043 1.00 63.04 ? 283 LYS A NZ  1 
ATOM   1505 N N   . ALA A 1 210 ? -0.554  10.304  -17.727 1.00 53.87 ? 284 ALA A N   1 
ATOM   1506 C CA  . ALA A 1 210 ? 0.047   9.441   -18.743 1.00 53.30 ? 284 ALA A CA  1 
ATOM   1507 C C   . ALA A 1 210 ? -0.554  8.038   -18.725 1.00 53.13 ? 284 ALA A C   1 
ATOM   1508 O O   . ALA A 1 210 ? -0.914  7.503   -19.778 1.00 53.39 ? 284 ALA A O   1 
ATOM   1509 C CB  . ALA A 1 210 ? 1.553   9.376   -18.555 1.00 52.98 ? 284 ALA A CB  1 
ATOM   1510 N N   . GLY A 1 211 ? -0.668  7.451   -17.534 1.00 52.64 ? 285 GLY A N   1 
ATOM   1511 C CA  . GLY A 1 211 ? -1.221  6.109   -17.391 1.00 52.38 ? 285 GLY A CA  1 
ATOM   1512 C C   . GLY A 1 211 ? -2.604  5.986   -18.006 1.00 52.36 ? 285 GLY A C   1 
ATOM   1513 O O   . GLY A 1 211 ? -2.843  5.123   -18.877 1.00 52.20 ? 285 GLY A O   1 
ATOM   1514 N N   . LEU A 1 212 ? -3.504  6.867   -17.558 1.00 52.06 ? 286 LEU A N   1 
ATOM   1515 C CA  . LEU A 1 212 ? -4.882  6.924   -18.043 1.00 51.63 ? 286 LEU A CA  1 
ATOM   1516 C C   . LEU A 1 212 ? -4.930  7.124   -19.558 1.00 51.42 ? 286 LEU A C   1 
ATOM   1517 O O   . LEU A 1 212 ? -5.696  6.456   -20.258 1.00 51.08 ? 286 LEU A O   1 
ATOM   1518 C CB  . LEU A 1 212 ? -5.638  8.050   -17.350 1.00 51.64 ? 286 LEU A CB  1 
ATOM   1519 C CG  . LEU A 1 212 ? -5.851  8.019   -15.839 1.00 51.75 ? 286 LEU A CG  1 
ATOM   1520 C CD1 . LEU A 1 212 ? -6.477  9.330   -15.386 1.00 52.09 ? 286 LEU A CD1 1 
ATOM   1521 C CD2 . LEU A 1 212 ? -6.718  6.850   -15.427 1.00 51.93 ? 286 LEU A CD2 1 
ATOM   1522 N N   . SER A 1 213 ? -4.094  8.039   -20.047 1.00 51.16 ? 287 SER A N   1 
ATOM   1523 C CA  . SER A 1 213 ? -3.954  8.290   -21.475 1.00 51.06 ? 287 SER A CA  1 
ATOM   1524 C C   . SER A 1 213 ? -3.739  6.978   -22.243 1.00 51.19 ? 287 SER A C   1 
ATOM   1525 O O   . SER A 1 213 ? -4.507  6.665   -23.166 1.00 51.23 ? 287 SER A O   1 
ATOM   1526 C CB  . SER A 1 213 ? -2.819  9.288   -21.725 1.00 50.80 ? 287 SER A CB  1 
ATOM   1527 O OG  . SER A 1 213 ? -2.510  9.395   -23.099 1.00 50.79 ? 287 SER A OG  1 
ATOM   1528 N N   . ILE A 1 214 ? -2.723  6.209   -21.828 1.00 51.12 ? 288 ILE A N   1 
ATOM   1529 C CA  . ILE A 1 214 ? -2.347  4.956   -22.490 1.00 50.90 ? 288 ILE A CA  1 
ATOM   1530 C C   . ILE A 1 214 ? -3.458  3.918   -22.385 1.00 51.26 ? 288 ILE A C   1 
ATOM   1531 O O   . ILE A 1 214 ? -3.827  3.284   -23.377 1.00 51.12 ? 288 ILE A O   1 
ATOM   1532 C CB  . ILE A 1 214 ? -1.046  4.356   -21.905 1.00 50.65 ? 288 ILE A CB  1 
ATOM   1533 C CG1 . ILE A 1 214 ? 0.131   5.316   -22.081 1.00 50.24 ? 288 ILE A CG1 1 
ATOM   1534 C CG2 . ILE A 1 214 ? -0.740  2.998   -22.536 1.00 49.85 ? 288 ILE A CG2 1 
ATOM   1535 C CD1 . ILE A 1 214 ? 0.625   5.445   -23.504 1.00 50.05 ? 288 ILE A CD1 1 
ATOM   1536 N N   . LEU A 1 215 ? -3.987  3.746   -21.178 1.00 51.59 ? 289 LEU A N   1 
ATOM   1537 C CA  . LEU A 1 215 ? -5.063  2.795   -20.961 1.00 51.91 ? 289 LEU A CA  1 
ATOM   1538 C C   . LEU A 1 215 ? -6.232  3.080   -21.894 1.00 52.42 ? 289 LEU A C   1 
ATOM   1539 O O   . LEU A 1 215 ? -6.804  2.159   -22.475 1.00 52.20 ? 289 LEU A O   1 
ATOM   1540 C CB  . LEU A 1 215 ? -5.505  2.834   -19.505 1.00 51.81 ? 289 LEU A CB  1 
ATOM   1541 C CG  . LEU A 1 215 ? -5.110  1.712   -18.546 1.00 51.31 ? 289 LEU A CG  1 
ATOM   1542 C CD1 . LEU A 1 215 ? -4.147  0.702   -19.142 1.00 50.38 ? 289 LEU A CD1 1 
ATOM   1543 C CD2 . LEU A 1 215 ? -4.546  2.340   -17.290 1.00 51.33 ? 289 LEU A CD2 1 
ATOM   1544 N N   . ARG A 1 216 ? -6.560  4.365   -22.048 1.00 53.07 ? 290 ARG A N   1 
ATOM   1545 C CA  . ARG A 1 216 ? -7.627  4.800   -22.948 1.00 53.59 ? 290 ARG A CA  1 
ATOM   1546 C C   . ARG A 1 216 ? -7.290  4.506   -24.398 1.00 53.73 ? 290 ARG A C   1 
ATOM   1547 O O   . ARG A 1 216 ? -8.134  3.955   -25.112 1.00 53.92 ? 290 ARG A O   1 
ATOM   1548 C CB  . ARG A 1 216 ? -7.943  6.284   -22.765 1.00 53.86 ? 290 ARG A CB  1 
ATOM   1549 C CG  . ARG A 1 216 ? -8.553  6.585   -21.415 1.00 54.26 ? 290 ARG A CG  1 
ATOM   1550 C CD  . ARG A 1 216 ? -9.623  7.656   -21.465 1.00 54.58 ? 290 ARG A CD  1 
ATOM   1551 N NE  . ARG A 1 216 ? -10.162 7.903   -20.125 1.00 54.68 ? 290 ARG A NE  1 
ATOM   1552 C CZ  . ARG A 1 216 ? -9.576  8.685   -19.217 1.00 54.06 ? 290 ARG A CZ  1 
ATOM   1553 N NH1 . ARG A 1 216 ? -8.430  9.308   -19.497 1.00 53.14 ? 290 ARG A NH1 1 
ATOM   1554 N NH2 . ARG A 1 216 ? -10.136 8.845   -18.028 1.00 53.48 ? 290 ARG A NH2 1 
ATOM   1555 N N   . SER A 1 217 ? -6.066  4.850   -24.822 1.00 53.66 ? 291 SER A N   1 
ATOM   1556 C CA  . SER A 1 217 ? -5.562  4.480   -26.155 1.00 53.56 ? 291 SER A CA  1 
ATOM   1557 C C   . SER A 1 217 ? -5.756  2.995   -26.425 1.00 53.76 ? 291 SER A C   1 
ATOM   1558 O O   . SER A 1 217 ? -5.937  2.602   -27.571 1.00 53.94 ? 291 SER A O   1 
ATOM   1559 C CB  . SER A 1 217 ? -4.080  4.800   -26.315 1.00 53.29 ? 291 SER A CB  1 
ATOM   1560 O OG  . SER A 1 217 ? -3.806  6.180   -26.271 1.00 53.46 ? 291 SER A OG  1 
ATOM   1561 N N   . MET A 1 218 ? -5.713  2.177   -25.370 1.00 54.12 ? 292 MET A N   1 
ATOM   1562 C CA  . MET A 1 218 ? -5.916  0.728   -25.480 1.00 54.26 ? 292 MET A CA  1 
ATOM   1563 C C   . MET A 1 218 ? -7.391  0.340   -25.521 1.00 54.75 ? 292 MET A C   1 
ATOM   1564 O O   . MET A 1 218 ? -7.714  -0.841  -25.431 1.00 54.66 ? 292 MET A O   1 
ATOM   1565 C CB  . MET A 1 218 ? -5.263  -0.008  -24.311 1.00 54.16 ? 292 MET A CB  1 
ATOM   1566 C CG  . MET A 1 218 ? -3.778  0.190   -24.151 1.00 53.80 ? 292 MET A CG  1 
ATOM   1567 S SD  . MET A 1 218 ? -3.116  -0.546  -22.626 1.00 53.91 ? 292 MET A SD  1 
ATOM   1568 C CE  . MET A 1 218 ? -3.541  -2.279  -22.831 1.00 51.73 ? 292 MET A CE  1 
ATOM   1569 N N   . GLY A 1 219 ? -8.281  1.326   -25.627 1.00 55.38 ? 293 GLY A N   1 
ATOM   1570 C CA  . GLY A 1 219 ? -9.730  1.073   -25.654 1.00 56.30 ? 293 GLY A CA  1 
ATOM   1571 C C   . GLY A 1 219 ? -10.357 0.789   -24.297 1.00 56.85 ? 293 GLY A C   1 
ATOM   1572 O O   . GLY A 1 219 ? -11.467 0.267   -24.202 1.00 56.42 ? 293 GLY A O   1 
ATOM   1573 N N   . GLN A 1 220 ? -9.641  1.147   -23.241 1.00 57.91 ? 294 GLN A N   1 
ATOM   1574 C CA  . GLN A 1 220 ? -10.084 0.873   -21.884 1.00 58.75 ? 294 GLN A CA  1 
ATOM   1575 C C   . GLN A 1 220 ? -10.779 2.087   -21.321 1.00 59.62 ? 294 GLN A C   1 
ATOM   1576 O O   . GLN A 1 220 ? -10.502 3.226   -21.732 1.00 59.72 ? 294 GLN A O   1 
ATOM   1577 C CB  . GLN A 1 220 ? -8.894  0.511   -20.984 1.00 58.63 ? 294 GLN A CB  1 
ATOM   1578 C CG  . GLN A 1 220 ? -8.156  -0.746  -21.385 1.00 57.65 ? 294 GLN A CG  1 
ATOM   1579 C CD  . GLN A 1 220 ? -9.064  -1.936  -21.432 1.00 56.84 ? 294 GLN A CD  1 
ATOM   1580 O OE1 . GLN A 1 220 ? -9.499  -2.452  -20.402 1.00 57.54 ? 294 GLN A OE1 1 
ATOM   1581 N NE2 . GLN A 1 220 ? -9.373  -2.377  -22.631 1.00 56.94 ? 294 GLN A NE2 1 
ATOM   1582 N N   . ASP A 1 221 ? -11.668 1.832   -20.367 1.00 60.49 ? 295 ASP A N   1 
ATOM   1583 C CA  . ASP A 1 221 ? -12.322 2.894   -19.634 1.00 61.59 ? 295 ASP A CA  1 
ATOM   1584 C C   . ASP A 1 221 ? -11.963 2.806   -18.146 1.00 61.82 ? 295 ASP A C   1 
ATOM   1585 O O   . ASP A 1 221 ? -12.736 2.275   -17.343 1.00 61.98 ? 295 ASP A O   1 
ATOM   1586 C CB  . ASP A 1 221 ? -13.834 2.824   -19.855 1.00 62.05 ? 295 ASP A CB  1 
ATOM   1587 C CG  . ASP A 1 221 ? -14.581 3.994   -19.220 1.00 63.93 ? 295 ASP A CG  1 
ATOM   1588 O OD1 . ASP A 1 221 ? -13.940 4.996   -18.800 1.00 65.34 ? 295 ASP A OD1 1 
ATOM   1589 O OD2 . ASP A 1 221 ? -15.828 3.899   -19.146 1.00 65.84 ? 295 ASP A OD2 1 
ATOM   1590 N N   . PRO A 1 222 ? -10.792 3.346   -17.772 1.00 62.09 ? 296 PRO A N   1 
ATOM   1591 C CA  . PRO A 1 222 ? -10.294 3.215   -16.407 1.00 62.50 ? 296 PRO A CA  1 
ATOM   1592 C C   . PRO A 1 222 ? -11.026 4.129   -15.415 1.00 63.00 ? 296 PRO A C   1 
ATOM   1593 O O   . PRO A 1 222 ? -11.141 5.331   -15.658 1.00 63.27 ? 296 PRO A O   1 
ATOM   1594 C CB  . PRO A 1 222 ? -8.826  3.619   -16.540 1.00 62.41 ? 296 PRO A CB  1 
ATOM   1595 C CG  . PRO A 1 222 ? -8.787  4.550   -17.686 1.00 62.14 ? 296 PRO A CG  1 
ATOM   1596 C CD  . PRO A 1 222 ? -9.883  4.138   -18.620 1.00 62.14 ? 296 PRO A CD  1 
ATOM   1597 N N   . VAL A 1 223 ? -11.512 3.567   -14.307 1.00 63.43 ? 297 VAL A N   1 
ATOM   1598 C CA  . VAL A 1 223 ? -12.324 4.333   -13.345 1.00 63.82 ? 297 VAL A CA  1 
ATOM   1599 C C   . VAL A 1 223 ? -12.015 4.058   -11.873 1.00 63.86 ? 297 VAL A C   1 
ATOM   1600 O O   . VAL A 1 223 ? -12.083 2.924   -11.399 1.00 64.14 ? 297 VAL A O   1 
ATOM   1601 C CB  . VAL A 1 223 ? -13.863 4.145   -13.584 1.00 63.94 ? 297 VAL A CB  1 
ATOM   1602 C CG1 . VAL A 1 223 ? -14.313 4.869   -14.866 1.00 64.74 ? 297 VAL A CG1 1 
ATOM   1603 C CG2 . VAL A 1 223 ? -14.256 2.658   -13.625 1.00 63.57 ? 297 VAL A CG2 1 
ATOM   1604 N N   . SER A 1 224 ? -11.684 5.108   -11.144 1.00 63.88 ? 298 SER A N   1 
ATOM   1605 C CA  . SER A 1 224 ? -11.601 5.016   -9.697  1.00 64.13 ? 298 SER A CA  1 
ATOM   1606 C C   . SER A 1 224 ? -13.006 5.096   -9.168  1.00 64.51 ? 298 SER A C   1 
ATOM   1607 O O   . SER A 1 224 ? -13.921 5.311   -9.948  1.00 65.28 ? 298 SER A O   1 
ATOM   1608 C CB  . SER A 1 224 ? -10.861 6.242   -9.177  1.00 64.14 ? 298 SER A CB  1 
ATOM   1609 O OG  . SER A 1 224 ? -11.414 6.704   -7.959  1.00 63.18 ? 298 SER A OG  1 
ATOM   1610 N N   . MET A 1 225 ? -13.256 4.776   -7.908  1.00 64.50 ? 299 MET A N   1 
ATOM   1611 C CA  . MET A 1 225 ? -13.159 3.450   -7.364  1.00 64.55 ? 299 MET A CA  1 
ATOM   1612 C C   . MET A 1 225 ? -14.341 3.302   -6.394  1.00 64.47 ? 299 MET A C   1 
ATOM   1613 O O   . MET A 1 225 ? -14.765 2.153   -6.200  1.00 64.63 ? 299 MET A O   1 
ATOM   1614 C CB  . MET A 1 225 ? -11.825 3.002   -6.762  1.00 64.42 ? 299 MET A CB  1 
ATOM   1615 C CG  . MET A 1 225 ? -11.601 1.471   -7.044  1.00 64.61 ? 299 MET A CG  1 
ATOM   1616 S SD  . MET A 1 225 ? -10.964 0.365   -5.727  1.00 65.30 ? 299 MET A SD  1 
ATOM   1617 C CE  . MET A 1 225 ? -10.924 -1.252  -6.488  1.00 64.64 ? 299 MET A CE  1 
ATOM   1618 N N   . SER A 1 226 ? -14.905 4.367   -5.762  1.00 64.13 ? 300 SER A N   1 
ATOM   1619 C CA  . SER A 1 226 ? -14.333 5.669   -5.225  1.00 63.74 ? 300 SER A CA  1 
ATOM   1620 C C   . SER A 1 226 ? -13.981 6.968   -6.052  1.00 63.52 ? 300 SER A C   1 
ATOM   1621 O O   . SER A 1 226 ? -14.546 7.226   -7.115  1.00 63.57 ? 300 SER A O   1 
ATOM   1622 C CB  . SER A 1 226 ? -13.278 5.394   -4.143  1.00 63.89 ? 300 SER A CB  1 
ATOM   1623 O OG  . SER A 1 226 ? -13.136 6.537   -3.320  1.00 63.65 ? 300 SER A OG  1 
ATOM   1624 N N   . LYS A 1 227 ? -13.084 7.796   -5.500  1.00 63.15 ? 301 LYS A N   1 
ATOM   1625 C CA  . LYS A 1 227 ? -12.556 9.004   -6.168  1.00 63.23 ? 301 LYS A CA  1 
ATOM   1626 C C   . LYS A 1 227 ? -11.167 9.406   -5.571  1.00 62.74 ? 301 LYS A C   1 
ATOM   1627 O O   . LYS A 1 227 ? -10.917 9.135   -4.394  1.00 62.53 ? 301 LYS A O   1 
ATOM   1628 C CB  . LYS A 1 227 ? -13.569 10.150  -6.066  1.00 63.61 ? 301 LYS A CB  1 
ATOM   1629 C CG  . LYS A 1 227 ? -13.079 11.357  -5.264  1.00 64.89 ? 301 LYS A CG  1 
ATOM   1630 C CD  . LYS A 1 227 ? -14.028 11.738  -4.143  1.00 66.80 ? 301 LYS A CD  1 
ATOM   1631 C CE  . LYS A 1 227 ? -13.357 12.756  -3.223  1.00 67.45 ? 301 LYS A CE  1 
ATOM   1632 N NZ  . LYS A 1 227 ? -14.241 13.101  -2.080  1.00 68.40 ? 301 LYS A NZ  1 
ATOM   1633 N N   . PRO A 1 228 ? -10.273 10.064  -6.365  1.00 62.32 ? 302 PRO A N   1 
ATOM   1634 C CA  . PRO A 1 228 ? -8.854  10.200  -5.961  1.00 61.85 ? 302 PRO A CA  1 
ATOM   1635 C C   . PRO A 1 228 ? -8.634  11.189  -4.824  1.00 61.20 ? 302 PRO A C   1 
ATOM   1636 O O   . PRO A 1 228 ? -9.588  11.802  -4.381  1.00 61.39 ? 302 PRO A O   1 
ATOM   1637 C CB  . PRO A 1 228 ? -8.157  10.685  -7.248  1.00 61.81 ? 302 PRO A CB  1 
ATOM   1638 C CG  . PRO A 1 228 ? -9.197  11.418  -7.977  1.00 62.20 ? 302 PRO A CG  1 
ATOM   1639 C CD  . PRO A 1 228 ? -10.522 10.731  -7.661  1.00 62.47 ? 302 PRO A CD  1 
ATOM   1640 N N   . THR A 1 229 ? -7.391  11.346  -4.368  1.00 60.63 ? 303 THR A N   1 
ATOM   1641 C CA  . THR A 1 229 ? -7.093  12.185  -3.202  1.00 60.09 ? 303 THR A CA  1 
ATOM   1642 C C   . THR A 1 229 ? -6.163  13.388  -3.443  1.00 60.14 ? 303 THR A C   1 
ATOM   1643 O O   . THR A 1 229 ? -5.850  14.107  -2.491  1.00 60.20 ? 303 THR A O   1 
ATOM   1644 C CB  . THR A 1 229 ? -6.524  11.362  -2.015  1.00 59.89 ? 303 THR A CB  1 
ATOM   1645 O OG1 . THR A 1 229 ? -5.204  10.920  -2.323  1.00 59.27 ? 303 THR A OG1 1 
ATOM   1646 C CG2 . THR A 1 229 ? -7.403  10.161  -1.694  1.00 59.90 ? 303 THR A CG2 1 
ATOM   1647 N N   . PHE A 1 230 ? -5.708  13.602  -4.682  1.00 60.01 ? 304 PHE A N   1 
ATOM   1648 C CA  . PHE A 1 230 ? -4.828  14.750  -5.003  1.00 59.98 ? 304 PHE A CA  1 
ATOM   1649 C C   . PHE A 1 230 ? -4.861  15.123  -6.484  1.00 59.46 ? 304 PHE A C   1 
ATOM   1650 O O   . PHE A 1 230 ? -5.524  14.458  -7.278  1.00 59.06 ? 304 PHE A O   1 
ATOM   1651 C CB  . PHE A 1 230 ? -3.381  14.501  -4.536  1.00 60.24 ? 304 PHE A CB  1 
ATOM   1652 C CG  . PHE A 1 230 ? -2.705  13.350  -5.240  1.00 61.41 ? 304 PHE A CG  1 
ATOM   1653 C CD1 . PHE A 1 230 ? -2.830  12.047  -4.755  1.00 61.61 ? 304 PHE A CD1 1 
ATOM   1654 C CD2 . PHE A 1 230 ? -1.958  13.567  -6.407  1.00 62.06 ? 304 PHE A CD2 1 
ATOM   1655 C CE1 . PHE A 1 230 ? -2.226  10.980  -5.419  1.00 61.73 ? 304 PHE A CE1 1 
ATOM   1656 C CE2 . PHE A 1 230 ? -1.351  12.508  -7.075  1.00 61.84 ? 304 PHE A CE2 1 
ATOM   1657 C CZ  . PHE A 1 230 ? -1.483  11.210  -6.579  1.00 61.54 ? 304 PHE A CZ  1 
HETATM 1658 O O   . HOH B 2 .   ? -4.282  -2.433  -6.994  1.00 27.54 ? 1   HOH A O   1 
# 
